data_3K69
# 
_entry.id   3K69 
# 
_audit_conform.dict_name       mmcif_pdbx.dic 
_audit_conform.dict_version    5.399 
_audit_conform.dict_location   http://mmcif.pdb.org/dictionaries/ascii/mmcif_pdbx.dic 
# 
loop_
_database_2.database_id 
_database_2.database_code 
_database_2.pdbx_database_accession 
_database_2.pdbx_DOI 
PDB   3K69         pdb_00003k69 10.2210/pdb3k69/pdb 
RCSB  RCSB055598   ?            ?                   
WWPDB D_1000055598 ?            ?                   
# 
loop_
_pdbx_audit_revision_history.ordinal 
_pdbx_audit_revision_history.data_content_type 
_pdbx_audit_revision_history.major_revision 
_pdbx_audit_revision_history.minor_revision 
_pdbx_audit_revision_history.revision_date 
1 'Structure model' 1 0 2009-11-03 
2 'Structure model' 1 1 2011-07-13 
3 'Structure model' 1 2 2017-11-01 
4 'Structure model' 1 3 2019-07-17 
5 'Structure model' 1 4 2023-02-01 
6 'Structure model' 1 5 2024-11-27 
# 
_pdbx_audit_revision_details.ordinal             1 
_pdbx_audit_revision_details.revision_ordinal    1 
_pdbx_audit_revision_details.data_content_type   'Structure model' 
_pdbx_audit_revision_details.provider            repository 
_pdbx_audit_revision_details.type                'Initial release' 
_pdbx_audit_revision_details.description         ? 
_pdbx_audit_revision_details.details             ? 
# 
loop_
_pdbx_audit_revision_group.ordinal 
_pdbx_audit_revision_group.revision_ordinal 
_pdbx_audit_revision_group.data_content_type 
_pdbx_audit_revision_group.group 
1  2 'Structure model' Advisory                    
2  2 'Structure model' 'Version format compliance' 
3  3 'Structure model' 'Refinement description'    
4  4 'Structure model' 'Data collection'           
5  4 'Structure model' 'Derived calculations'      
6  4 'Structure model' 'Refinement description'    
7  5 'Structure model' 'Database references'       
8  5 'Structure model' 'Derived calculations'      
9  6 'Structure model' 'Data collection'           
10 6 'Structure model' 'Structure summary'         
# 
loop_
_pdbx_audit_revision_category.ordinal 
_pdbx_audit_revision_category.revision_ordinal 
_pdbx_audit_revision_category.data_content_type 
_pdbx_audit_revision_category.category 
1  3 'Structure model' software                  
2  4 'Structure model' software                  
3  4 'Structure model' struct_conn               
4  5 'Structure model' database_2                
5  5 'Structure model' struct_ref_seq_dif        
6  5 'Structure model' struct_site               
7  6 'Structure model' chem_comp_atom            
8  6 'Structure model' chem_comp_bond            
9  6 'Structure model' pdbx_entry_details        
10 6 'Structure model' pdbx_modification_feature 
# 
loop_
_pdbx_audit_revision_item.ordinal 
_pdbx_audit_revision_item.revision_ordinal 
_pdbx_audit_revision_item.data_content_type 
_pdbx_audit_revision_item.item 
1  3 'Structure model' '_software.classification'                     
2  3 'Structure model' '_software.name'                               
3  4 'Structure model' '_software.classification'                     
4  4 'Structure model' '_software.contact_author'                     
5  4 'Structure model' '_software.contact_author_email'               
6  4 'Structure model' '_software.language'                           
7  4 'Structure model' '_software.location'                           
8  4 'Structure model' '_software.name'                               
9  4 'Structure model' '_software.type'                               
10 4 'Structure model' '_software.version'                            
11 4 'Structure model' '_struct_conn.pdbx_leaving_atom_flag'          
12 5 'Structure model' '_database_2.pdbx_DOI'                         
13 5 'Structure model' '_database_2.pdbx_database_accession'          
14 5 'Structure model' '_struct_ref_seq_dif.details'                  
15 5 'Structure model' '_struct_site.pdbx_auth_asym_id'               
16 5 'Structure model' '_struct_site.pdbx_auth_comp_id'               
17 5 'Structure model' '_struct_site.pdbx_auth_seq_id'                
18 6 'Structure model' '_pdbx_entry_details.has_protein_modification' 
# 
_pdbx_database_status.SG_entry                        Y 
_pdbx_database_status.entry_id                        3K69 
_pdbx_database_status.deposit_site                    RCSB 
_pdbx_database_status.process_site                    RCSB 
_pdbx_database_status.recvd_initial_deposition_date   2009-10-08 
_pdbx_database_status.status_code                     REL 
_pdbx_database_status.status_code_sf                  REL 
_pdbx_database_status.status_code_mr                  ? 
_pdbx_database_status.pdb_format_compatible           Y 
_pdbx_database_status.status_code_cs                  ? 
_pdbx_database_status.methods_development_category    ? 
_pdbx_database_status.status_code_nmr_data            ? 
# 
_pdbx_database_related.db_name        TargetDB 
_pdbx_database_related.db_id          396747 
_pdbx_database_related.details        . 
_pdbx_database_related.content_type   unspecified 
# 
_audit_author.name           'Joint Center for Structural Genomics (JCSG)' 
_audit_author.pdbx_ordinal   1 
# 
_citation.id                        primary 
_citation.title                     
'Crystal structure of Putative transcriptional regulator (NP_784167.1) from LACTOBACILLUS PLANTARUM at 1.95 A resolution' 
_citation.journal_abbrev            'To be published' 
_citation.journal_volume            ? 
_citation.page_first                ? 
_citation.page_last                 ? 
_citation.year                      ? 
_citation.journal_id_ASTM           ? 
_citation.country                   ? 
_citation.journal_id_ISSN           ? 
_citation.journal_id_CSD            0353 
_citation.book_publisher            ? 
_citation.pdbx_database_id_PubMed   ? 
_citation.pdbx_database_id_DOI      ? 
# 
_citation_author.citation_id        primary 
_citation_author.name               'Joint Center for Structural Genomics (JCSG)' 
_citation_author.ordinal            1 
_citation_author.identifier_ORCID   ? 
# 
loop_
_entity.id 
_entity.type 
_entity.src_method 
_entity.pdbx_description 
_entity.formula_weight 
_entity.pdbx_number_of_molecules 
_entity.pdbx_ec 
_entity.pdbx_mutation 
_entity.pdbx_fragment 
_entity.details 
1 polymer     man 'Putative transcription regulator' 18205.516 1   ? ? ? ? 
2 non-polymer syn 'DIMETHYL SULFOXIDE'               78.133    2   ? ? ? ? 
3 water       nat water                              18.015    158 ? ? ? ? 
# 
_entity_poly.entity_id                      1 
_entity_poly.type                           'polypeptide(L)' 
_entity_poly.nstd_linkage                   no 
_entity_poly.nstd_monomer                   yes 
_entity_poly.pdbx_seq_one_letter_code       
;G(MSE)GGSN(MSE)KLDFSVAVHSILYLDAHRDSKVASRELAQSLHLNPV(MSE)IRNILSVLHKHGYLTGTVGKNGGY
QLDLALAD(MSE)NLGDLYDLTIPPTISYARFITGPSKTDEQADQSPIAANISETLTDLFTVADRQYRAYYHQFT(MSE)
ADLQADLNHHGTFLQHEQDSES
;
_entity_poly.pdbx_seq_one_letter_code_can   
;GMGGSNMKLDFSVAVHSILYLDAHRDSKVASRELAQSLHLNPVMIRNILSVLHKHGYLTGTVGKNGGYQLDLALADMNLG
DLYDLTIPPTISYARFITGPSKTDEQADQSPIAANISETLTDLFTVADRQYRAYYHQFTMADLQADLNHHGTFLQHEQDS
ES
;
_entity_poly.pdbx_strand_id                 A 
_entity_poly.pdbx_target_identifier         396747 
# 
loop_
_pdbx_entity_nonpoly.entity_id 
_pdbx_entity_nonpoly.name 
_pdbx_entity_nonpoly.comp_id 
2 'DIMETHYL SULFOXIDE' DMS 
3 water                HOH 
# 
loop_
_entity_poly_seq.entity_id 
_entity_poly_seq.num 
_entity_poly_seq.mon_id 
_entity_poly_seq.hetero 
1 1   GLY n 
1 2   MSE n 
1 3   GLY n 
1 4   GLY n 
1 5   SER n 
1 6   ASN n 
1 7   MSE n 
1 8   LYS n 
1 9   LEU n 
1 10  ASP n 
1 11  PHE n 
1 12  SER n 
1 13  VAL n 
1 14  ALA n 
1 15  VAL n 
1 16  HIS n 
1 17  SER n 
1 18  ILE n 
1 19  LEU n 
1 20  TYR n 
1 21  LEU n 
1 22  ASP n 
1 23  ALA n 
1 24  HIS n 
1 25  ARG n 
1 26  ASP n 
1 27  SER n 
1 28  LYS n 
1 29  VAL n 
1 30  ALA n 
1 31  SER n 
1 32  ARG n 
1 33  GLU n 
1 34  LEU n 
1 35  ALA n 
1 36  GLN n 
1 37  SER n 
1 38  LEU n 
1 39  HIS n 
1 40  LEU n 
1 41  ASN n 
1 42  PRO n 
1 43  VAL n 
1 44  MSE n 
1 45  ILE n 
1 46  ARG n 
1 47  ASN n 
1 48  ILE n 
1 49  LEU n 
1 50  SER n 
1 51  VAL n 
1 52  LEU n 
1 53  HIS n 
1 54  LYS n 
1 55  HIS n 
1 56  GLY n 
1 57  TYR n 
1 58  LEU n 
1 59  THR n 
1 60  GLY n 
1 61  THR n 
1 62  VAL n 
1 63  GLY n 
1 64  LYS n 
1 65  ASN n 
1 66  GLY n 
1 67  GLY n 
1 68  TYR n 
1 69  GLN n 
1 70  LEU n 
1 71  ASP n 
1 72  LEU n 
1 73  ALA n 
1 74  LEU n 
1 75  ALA n 
1 76  ASP n 
1 77  MSE n 
1 78  ASN n 
1 79  LEU n 
1 80  GLY n 
1 81  ASP n 
1 82  LEU n 
1 83  TYR n 
1 84  ASP n 
1 85  LEU n 
1 86  THR n 
1 87  ILE n 
1 88  PRO n 
1 89  PRO n 
1 90  THR n 
1 91  ILE n 
1 92  SER n 
1 93  TYR n 
1 94  ALA n 
1 95  ARG n 
1 96  PHE n 
1 97  ILE n 
1 98  THR n 
1 99  GLY n 
1 100 PRO n 
1 101 SER n 
1 102 LYS n 
1 103 THR n 
1 104 ASP n 
1 105 GLU n 
1 106 GLN n 
1 107 ALA n 
1 108 ASP n 
1 109 GLN n 
1 110 SER n 
1 111 PRO n 
1 112 ILE n 
1 113 ALA n 
1 114 ALA n 
1 115 ASN n 
1 116 ILE n 
1 117 SER n 
1 118 GLU n 
1 119 THR n 
1 120 LEU n 
1 121 THR n 
1 122 ASP n 
1 123 LEU n 
1 124 PHE n 
1 125 THR n 
1 126 VAL n 
1 127 ALA n 
1 128 ASP n 
1 129 ARG n 
1 130 GLN n 
1 131 TYR n 
1 132 ARG n 
1 133 ALA n 
1 134 TYR n 
1 135 TYR n 
1 136 HIS n 
1 137 GLN n 
1 138 PHE n 
1 139 THR n 
1 140 MSE n 
1 141 ALA n 
1 142 ASP n 
1 143 LEU n 
1 144 GLN n 
1 145 ALA n 
1 146 ASP n 
1 147 LEU n 
1 148 ASN n 
1 149 HIS n 
1 150 HIS n 
1 151 GLY n 
1 152 THR n 
1 153 PHE n 
1 154 LEU n 
1 155 GLN n 
1 156 HIS n 
1 157 GLU n 
1 158 GLN n 
1 159 ASP n 
1 160 SER n 
1 161 GLU n 
1 162 SER n 
# 
_entity_src_gen.entity_id                          1 
_entity_src_gen.pdbx_src_id                        1 
_entity_src_gen.pdbx_alt_source_flag               sample 
_entity_src_gen.pdbx_seq_type                      ? 
_entity_src_gen.pdbx_beg_seq_num                   ? 
_entity_src_gen.pdbx_end_seq_num                   ? 
_entity_src_gen.gene_src_common_name               ? 
_entity_src_gen.gene_src_genus                     ? 
_entity_src_gen.pdbx_gene_src_gene                 lp_0360 
_entity_src_gen.gene_src_species                   ? 
_entity_src_gen.gene_src_strain                    ? 
_entity_src_gen.gene_src_tissue                    ? 
_entity_src_gen.gene_src_tissue_fraction           ? 
_entity_src_gen.gene_src_details                   ? 
_entity_src_gen.pdbx_gene_src_fragment             ? 
_entity_src_gen.pdbx_gene_src_scientific_name      'Lactobacillus plantarum' 
_entity_src_gen.pdbx_gene_src_ncbi_taxonomy_id     1590 
_entity_src_gen.pdbx_gene_src_variant              ? 
_entity_src_gen.pdbx_gene_src_cell_line            ? 
_entity_src_gen.pdbx_gene_src_atcc                 ? 
_entity_src_gen.pdbx_gene_src_organ                ? 
_entity_src_gen.pdbx_gene_src_organelle            ? 
_entity_src_gen.pdbx_gene_src_cell                 ? 
_entity_src_gen.pdbx_gene_src_cellular_location    ? 
_entity_src_gen.host_org_common_name               ? 
_entity_src_gen.pdbx_host_org_scientific_name      'Escherichia Coli' 
_entity_src_gen.pdbx_host_org_ncbi_taxonomy_id     562 
_entity_src_gen.host_org_genus                     ? 
_entity_src_gen.pdbx_host_org_gene                 ? 
_entity_src_gen.pdbx_host_org_organ                ? 
_entity_src_gen.host_org_species                   ? 
_entity_src_gen.pdbx_host_org_tissue               ? 
_entity_src_gen.pdbx_host_org_tissue_fraction      ? 
_entity_src_gen.pdbx_host_org_strain               HK100 
_entity_src_gen.pdbx_host_org_variant              ? 
_entity_src_gen.pdbx_host_org_cell_line            ? 
_entity_src_gen.pdbx_host_org_atcc                 ? 
_entity_src_gen.pdbx_host_org_culture_collection   ? 
_entity_src_gen.pdbx_host_org_cell                 ? 
_entity_src_gen.pdbx_host_org_organelle            ? 
_entity_src_gen.pdbx_host_org_cellular_location    ? 
_entity_src_gen.pdbx_host_org_vector_type          Plasmid 
_entity_src_gen.pdbx_host_org_vector               ? 
_entity_src_gen.host_org_details                   ? 
_entity_src_gen.expression_system_id               ? 
_entity_src_gen.plasmid_name                       SpeedET 
_entity_src_gen.plasmid_details                    ? 
_entity_src_gen.pdbx_description                   ? 
# 
loop_
_chem_comp.id 
_chem_comp.type 
_chem_comp.mon_nstd_flag 
_chem_comp.name 
_chem_comp.pdbx_synonyms 
_chem_comp.formula 
_chem_comp.formula_weight 
ALA 'L-peptide linking' y ALANINE              ? 'C3 H7 N O2'     89.093  
ARG 'L-peptide linking' y ARGININE             ? 'C6 H15 N4 O2 1' 175.209 
ASN 'L-peptide linking' y ASPARAGINE           ? 'C4 H8 N2 O3'    132.118 
ASP 'L-peptide linking' y 'ASPARTIC ACID'      ? 'C4 H7 N O4'     133.103 
DMS non-polymer         . 'DIMETHYL SULFOXIDE' ? 'C2 H6 O S'      78.133  
GLN 'L-peptide linking' y GLUTAMINE            ? 'C5 H10 N2 O3'   146.144 
GLU 'L-peptide linking' y 'GLUTAMIC ACID'      ? 'C5 H9 N O4'     147.129 
GLY 'peptide linking'   y GLYCINE              ? 'C2 H5 N O2'     75.067  
HIS 'L-peptide linking' y HISTIDINE            ? 'C6 H10 N3 O2 1' 156.162 
HOH non-polymer         . WATER                ? 'H2 O'           18.015  
ILE 'L-peptide linking' y ISOLEUCINE           ? 'C6 H13 N O2'    131.173 
LEU 'L-peptide linking' y LEUCINE              ? 'C6 H13 N O2'    131.173 
LYS 'L-peptide linking' y LYSINE               ? 'C6 H15 N2 O2 1' 147.195 
MSE 'L-peptide linking' n SELENOMETHIONINE     ? 'C5 H11 N O2 Se' 196.106 
PHE 'L-peptide linking' y PHENYLALANINE        ? 'C9 H11 N O2'    165.189 
PRO 'L-peptide linking' y PROLINE              ? 'C5 H9 N O2'     115.130 
SER 'L-peptide linking' y SERINE               ? 'C3 H7 N O3'     105.093 
THR 'L-peptide linking' y THREONINE            ? 'C4 H9 N O3'     119.119 
TYR 'L-peptide linking' y TYROSINE             ? 'C9 H11 N O3'    181.189 
VAL 'L-peptide linking' y VALINE               ? 'C5 H11 N O2'    117.146 
# 
loop_
_pdbx_poly_seq_scheme.asym_id 
_pdbx_poly_seq_scheme.entity_id 
_pdbx_poly_seq_scheme.seq_id 
_pdbx_poly_seq_scheme.mon_id 
_pdbx_poly_seq_scheme.ndb_seq_num 
_pdbx_poly_seq_scheme.pdb_seq_num 
_pdbx_poly_seq_scheme.auth_seq_num 
_pdbx_poly_seq_scheme.pdb_mon_id 
_pdbx_poly_seq_scheme.auth_mon_id 
_pdbx_poly_seq_scheme.pdb_strand_id 
_pdbx_poly_seq_scheme.pdb_ins_code 
_pdbx_poly_seq_scheme.hetero 
A 1 1   GLY 1   0   ?   ?   ?   A . n 
A 1 2   MSE 2   1   ?   ?   ?   A . n 
A 1 3   GLY 3   2   ?   ?   ?   A . n 
A 1 4   GLY 4   3   ?   ?   ?   A . n 
A 1 5   SER 5   4   ?   ?   ?   A . n 
A 1 6   ASN 6   5   ?   ?   ?   A . n 
A 1 7   MSE 7   6   6   MSE MSE A . n 
A 1 8   LYS 8   7   7   LYS LYS A . n 
A 1 9   LEU 9   8   8   LEU LEU A . n 
A 1 10  ASP 10  9   9   ASP ASP A . n 
A 1 11  PHE 11  10  10  PHE PHE A . n 
A 1 12  SER 12  11  11  SER SER A . n 
A 1 13  VAL 13  12  12  VAL VAL A . n 
A 1 14  ALA 14  13  13  ALA ALA A . n 
A 1 15  VAL 15  14  14  VAL VAL A . n 
A 1 16  HIS 16  15  15  HIS HIS A . n 
A 1 17  SER 17  16  16  SER SER A . n 
A 1 18  ILE 18  17  17  ILE ILE A . n 
A 1 19  LEU 19  18  18  LEU LEU A . n 
A 1 20  TYR 20  19  19  TYR TYR A . n 
A 1 21  LEU 21  20  20  LEU LEU A . n 
A 1 22  ASP 22  21  21  ASP ASP A . n 
A 1 23  ALA 23  22  22  ALA ALA A . n 
A 1 24  HIS 24  23  23  HIS HIS A . n 
A 1 25  ARG 25  24  24  ARG ARG A . n 
A 1 26  ASP 26  25  25  ASP ASP A . n 
A 1 27  SER 27  26  26  SER SER A . n 
A 1 28  LYS 28  27  27  LYS LYS A . n 
A 1 29  VAL 29  28  28  VAL VAL A . n 
A 1 30  ALA 30  29  29  ALA ALA A . n 
A 1 31  SER 31  30  30  SER SER A . n 
A 1 32  ARG 32  31  31  ARG ARG A . n 
A 1 33  GLU 33  32  32  GLU GLU A . n 
A 1 34  LEU 34  33  33  LEU LEU A . n 
A 1 35  ALA 35  34  34  ALA ALA A . n 
A 1 36  GLN 36  35  35  GLN GLN A . n 
A 1 37  SER 37  36  36  SER SER A . n 
A 1 38  LEU 38  37  37  LEU LEU A . n 
A 1 39  HIS 39  38  38  HIS HIS A . n 
A 1 40  LEU 40  39  39  LEU LEU A . n 
A 1 41  ASN 41  40  40  ASN ASN A . n 
A 1 42  PRO 42  41  41  PRO PRO A . n 
A 1 43  VAL 43  42  42  VAL VAL A . n 
A 1 44  MSE 44  43  43  MSE MSE A . n 
A 1 45  ILE 45  44  44  ILE ILE A . n 
A 1 46  ARG 46  45  45  ARG ARG A . n 
A 1 47  ASN 47  46  46  ASN ASN A . n 
A 1 48  ILE 48  47  47  ILE ILE A . n 
A 1 49  LEU 49  48  48  LEU LEU A . n 
A 1 50  SER 50  49  49  SER SER A . n 
A 1 51  VAL 51  50  50  VAL VAL A . n 
A 1 52  LEU 52  51  51  LEU LEU A . n 
A 1 53  HIS 53  52  52  HIS HIS A . n 
A 1 54  LYS 54  53  53  LYS LYS A . n 
A 1 55  HIS 55  54  54  HIS HIS A . n 
A 1 56  GLY 56  55  55  GLY GLY A . n 
A 1 57  TYR 57  56  56  TYR TYR A . n 
A 1 58  LEU 58  57  57  LEU LEU A . n 
A 1 59  THR 59  58  58  THR THR A . n 
A 1 60  GLY 60  59  59  GLY GLY A . n 
A 1 61  THR 61  60  60  THR THR A . n 
A 1 62  VAL 62  61  61  VAL VAL A . n 
A 1 63  GLY 63  62  62  GLY GLY A . n 
A 1 64  LYS 64  63  63  LYS LYS A . n 
A 1 65  ASN 65  64  64  ASN ASN A . n 
A 1 66  GLY 66  65  65  GLY GLY A . n 
A 1 67  GLY 67  66  66  GLY GLY A . n 
A 1 68  TYR 68  67  67  TYR TYR A . n 
A 1 69  GLN 69  68  68  GLN GLN A . n 
A 1 70  LEU 70  69  69  LEU LEU A . n 
A 1 71  ASP 71  70  70  ASP ASP A . n 
A 1 72  LEU 72  71  71  LEU LEU A . n 
A 1 73  ALA 73  72  72  ALA ALA A . n 
A 1 74  LEU 74  73  73  LEU LEU A . n 
A 1 75  ALA 75  74  74  ALA ALA A . n 
A 1 76  ASP 76  75  75  ASP ASP A . n 
A 1 77  MSE 77  76  76  MSE MSE A . n 
A 1 78  ASN 78  77  77  ASN ASN A . n 
A 1 79  LEU 79  78  78  LEU LEU A . n 
A 1 80  GLY 80  79  79  GLY GLY A . n 
A 1 81  ASP 81  80  80  ASP ASP A . n 
A 1 82  LEU 82  81  81  LEU LEU A . n 
A 1 83  TYR 83  82  82  TYR TYR A . n 
A 1 84  ASP 84  83  83  ASP ASP A . n 
A 1 85  LEU 85  84  84  LEU LEU A . n 
A 1 86  THR 86  85  85  THR THR A . n 
A 1 87  ILE 87  86  86  ILE ILE A . n 
A 1 88  PRO 88  87  87  PRO PRO A . n 
A 1 89  PRO 89  88  88  PRO PRO A . n 
A 1 90  THR 90  89  89  THR THR A . n 
A 1 91  ILE 91  90  90  ILE ILE A . n 
A 1 92  SER 92  91  91  SER SER A . n 
A 1 93  TYR 93  92  92  TYR TYR A . n 
A 1 94  ALA 94  93  93  ALA ALA A . n 
A 1 95  ARG 95  94  94  ARG ARG A . n 
A 1 96  PHE 96  95  95  PHE PHE A . n 
A 1 97  ILE 97  96  96  ILE ILE A . n 
A 1 98  THR 98  97  97  THR THR A . n 
A 1 99  GLY 99  98  98  GLY GLY A . n 
A 1 100 PRO 100 99  99  PRO PRO A . n 
A 1 101 SER 101 100 100 SER SER A . n 
A 1 102 LYS 102 101 101 LYS LYS A . n 
A 1 103 THR 103 102 ?   ?   ?   A . n 
A 1 104 ASP 104 103 ?   ?   ?   A . n 
A 1 105 GLU 105 104 ?   ?   ?   A . n 
A 1 106 GLN 106 105 ?   ?   ?   A . n 
A 1 107 ALA 107 106 106 ALA ALA A . n 
A 1 108 ASP 108 107 107 ASP ASP A . n 
A 1 109 GLN 109 108 108 GLN GLN A . n 
A 1 110 SER 110 109 109 SER SER A . n 
A 1 111 PRO 111 110 110 PRO PRO A . n 
A 1 112 ILE 112 111 111 ILE ILE A . n 
A 1 113 ALA 113 112 112 ALA ALA A . n 
A 1 114 ALA 114 113 113 ALA ALA A . n 
A 1 115 ASN 115 114 114 ASN ASN A . n 
A 1 116 ILE 116 115 115 ILE ILE A . n 
A 1 117 SER 117 116 116 SER SER A . n 
A 1 118 GLU 118 117 117 GLU GLU A . n 
A 1 119 THR 119 118 118 THR THR A . n 
A 1 120 LEU 120 119 119 LEU LEU A . n 
A 1 121 THR 121 120 120 THR THR A . n 
A 1 122 ASP 122 121 121 ASP ASP A . n 
A 1 123 LEU 123 122 122 LEU LEU A . n 
A 1 124 PHE 124 123 123 PHE PHE A . n 
A 1 125 THR 125 124 124 THR THR A . n 
A 1 126 VAL 126 125 125 VAL VAL A . n 
A 1 127 ALA 127 126 126 ALA ALA A . n 
A 1 128 ASP 128 127 127 ASP ASP A . n 
A 1 129 ARG 129 128 128 ARG ARG A . n 
A 1 130 GLN 130 129 129 GLN GLN A . n 
A 1 131 TYR 131 130 130 TYR TYR A . n 
A 1 132 ARG 132 131 131 ARG ARG A . n 
A 1 133 ALA 133 132 132 ALA ALA A . n 
A 1 134 TYR 134 133 133 TYR TYR A . n 
A 1 135 TYR 135 134 134 TYR TYR A . n 
A 1 136 HIS 136 135 135 HIS HIS A . n 
A 1 137 GLN 137 136 136 GLN GLN A . n 
A 1 138 PHE 138 137 137 PHE PHE A . n 
A 1 139 THR 139 138 138 THR THR A . n 
A 1 140 MSE 140 139 139 MSE MSE A . n 
A 1 141 ALA 141 140 140 ALA ALA A . n 
A 1 142 ASP 142 141 141 ASP ASP A . n 
A 1 143 LEU 143 142 142 LEU LEU A . n 
A 1 144 GLN 144 143 143 GLN GLN A . n 
A 1 145 ALA 145 144 144 ALA ALA A . n 
A 1 146 ASP 146 145 145 ASP ASP A . n 
A 1 147 LEU 147 146 146 LEU LEU A . n 
A 1 148 ASN 148 147 147 ASN ASN A . n 
A 1 149 HIS 149 148 148 HIS HIS A . n 
A 1 150 HIS 150 149 149 HIS HIS A . n 
A 1 151 GLY 151 150 150 GLY GLY A . n 
A 1 152 THR 152 151 151 THR THR A . n 
A 1 153 PHE 153 152 152 PHE PHE A . n 
A 1 154 LEU 154 153 153 LEU LEU A . n 
A 1 155 GLN 155 154 154 GLN GLN A . n 
A 1 156 HIS 156 155 155 HIS HIS A . n 
A 1 157 GLU 157 156 156 GLU GLU A . n 
A 1 158 GLN 158 157 157 GLN GLN A . n 
A 1 159 ASP 159 158 158 ASP ASP A . n 
A 1 160 SER 160 159 159 SER SER A . n 
A 1 161 GLU 161 160 160 GLU GLU A . n 
A 1 162 SER 162 161 ?   ?   ?   A . n 
# 
loop_
_pdbx_nonpoly_scheme.asym_id 
_pdbx_nonpoly_scheme.entity_id 
_pdbx_nonpoly_scheme.mon_id 
_pdbx_nonpoly_scheme.ndb_seq_num 
_pdbx_nonpoly_scheme.pdb_seq_num 
_pdbx_nonpoly_scheme.auth_seq_num 
_pdbx_nonpoly_scheme.pdb_mon_id 
_pdbx_nonpoly_scheme.auth_mon_id 
_pdbx_nonpoly_scheme.pdb_strand_id 
_pdbx_nonpoly_scheme.pdb_ins_code 
B 2 DMS 1   162 1   DMS DMS A . 
C 2 DMS 1   163 2   DMS DMS A . 
D 3 HOH 1   164 3   HOH HOH A . 
D 3 HOH 2   165 4   HOH HOH A . 
D 3 HOH 3   166 5   HOH HOH A . 
D 3 HOH 4   167 6   HOH HOH A . 
D 3 HOH 5   168 7   HOH HOH A . 
D 3 HOH 6   169 8   HOH HOH A . 
D 3 HOH 7   170 9   HOH HOH A . 
D 3 HOH 8   171 10  HOH HOH A . 
D 3 HOH 9   172 11  HOH HOH A . 
D 3 HOH 10  173 12  HOH HOH A . 
D 3 HOH 11  174 13  HOH HOH A . 
D 3 HOH 12  175 14  HOH HOH A . 
D 3 HOH 13  176 15  HOH HOH A . 
D 3 HOH 14  177 16  HOH HOH A . 
D 3 HOH 15  178 17  HOH HOH A . 
D 3 HOH 16  179 18  HOH HOH A . 
D 3 HOH 17  180 19  HOH HOH A . 
D 3 HOH 18  181 20  HOH HOH A . 
D 3 HOH 19  182 21  HOH HOH A . 
D 3 HOH 20  183 22  HOH HOH A . 
D 3 HOH 21  184 23  HOH HOH A . 
D 3 HOH 22  185 24  HOH HOH A . 
D 3 HOH 23  186 25  HOH HOH A . 
D 3 HOH 24  187 26  HOH HOH A . 
D 3 HOH 25  188 27  HOH HOH A . 
D 3 HOH 26  189 28  HOH HOH A . 
D 3 HOH 27  190 29  HOH HOH A . 
D 3 HOH 28  191 30  HOH HOH A . 
D 3 HOH 29  192 31  HOH HOH A . 
D 3 HOH 30  193 32  HOH HOH A . 
D 3 HOH 31  194 33  HOH HOH A . 
D 3 HOH 32  195 34  HOH HOH A . 
D 3 HOH 33  196 35  HOH HOH A . 
D 3 HOH 34  197 36  HOH HOH A . 
D 3 HOH 35  198 37  HOH HOH A . 
D 3 HOH 36  199 38  HOH HOH A . 
D 3 HOH 37  200 39  HOH HOH A . 
D 3 HOH 38  201 40  HOH HOH A . 
D 3 HOH 39  202 41  HOH HOH A . 
D 3 HOH 40  203 42  HOH HOH A . 
D 3 HOH 41  204 43  HOH HOH A . 
D 3 HOH 42  205 44  HOH HOH A . 
D 3 HOH 43  206 45  HOH HOH A . 
D 3 HOH 44  207 46  HOH HOH A . 
D 3 HOH 45  208 47  HOH HOH A . 
D 3 HOH 46  209 48  HOH HOH A . 
D 3 HOH 47  210 49  HOH HOH A . 
D 3 HOH 48  211 50  HOH HOH A . 
D 3 HOH 49  212 51  HOH HOH A . 
D 3 HOH 50  213 52  HOH HOH A . 
D 3 HOH 51  214 53  HOH HOH A . 
D 3 HOH 52  215 54  HOH HOH A . 
D 3 HOH 53  216 55  HOH HOH A . 
D 3 HOH 54  217 56  HOH HOH A . 
D 3 HOH 55  218 57  HOH HOH A . 
D 3 HOH 56  219 58  HOH HOH A . 
D 3 HOH 57  220 59  HOH HOH A . 
D 3 HOH 58  221 60  HOH HOH A . 
D 3 HOH 59  222 61  HOH HOH A . 
D 3 HOH 60  223 62  HOH HOH A . 
D 3 HOH 61  224 63  HOH HOH A . 
D 3 HOH 62  225 64  HOH HOH A . 
D 3 HOH 63  226 65  HOH HOH A . 
D 3 HOH 64  227 66  HOH HOH A . 
D 3 HOH 65  228 67  HOH HOH A . 
D 3 HOH 66  229 68  HOH HOH A . 
D 3 HOH 67  230 69  HOH HOH A . 
D 3 HOH 68  231 70  HOH HOH A . 
D 3 HOH 69  232 71  HOH HOH A . 
D 3 HOH 70  233 72  HOH HOH A . 
D 3 HOH 71  234 73  HOH HOH A . 
D 3 HOH 72  235 74  HOH HOH A . 
D 3 HOH 73  236 75  HOH HOH A . 
D 3 HOH 74  237 76  HOH HOH A . 
D 3 HOH 75  238 77  HOH HOH A . 
D 3 HOH 76  239 78  HOH HOH A . 
D 3 HOH 77  240 79  HOH HOH A . 
D 3 HOH 78  241 80  HOH HOH A . 
D 3 HOH 79  242 81  HOH HOH A . 
D 3 HOH 80  243 82  HOH HOH A . 
D 3 HOH 81  244 83  HOH HOH A . 
D 3 HOH 82  245 84  HOH HOH A . 
D 3 HOH 83  246 85  HOH HOH A . 
D 3 HOH 84  247 86  HOH HOH A . 
D 3 HOH 85  248 87  HOH HOH A . 
D 3 HOH 86  249 88  HOH HOH A . 
D 3 HOH 87  250 89  HOH HOH A . 
D 3 HOH 88  251 90  HOH HOH A . 
D 3 HOH 89  252 91  HOH HOH A . 
D 3 HOH 90  253 92  HOH HOH A . 
D 3 HOH 91  254 93  HOH HOH A . 
D 3 HOH 92  255 94  HOH HOH A . 
D 3 HOH 93  256 95  HOH HOH A . 
D 3 HOH 94  257 96  HOH HOH A . 
D 3 HOH 95  258 97  HOH HOH A . 
D 3 HOH 96  259 98  HOH HOH A . 
D 3 HOH 97  260 99  HOH HOH A . 
D 3 HOH 98  261 100 HOH HOH A . 
D 3 HOH 99  262 101 HOH HOH A . 
D 3 HOH 100 263 102 HOH HOH A . 
D 3 HOH 101 264 103 HOH HOH A . 
D 3 HOH 102 265 104 HOH HOH A . 
D 3 HOH 103 266 105 HOH HOH A . 
D 3 HOH 104 267 106 HOH HOH A . 
D 3 HOH 105 268 107 HOH HOH A . 
D 3 HOH 106 269 108 HOH HOH A . 
D 3 HOH 107 270 109 HOH HOH A . 
D 3 HOH 108 271 110 HOH HOH A . 
D 3 HOH 109 272 111 HOH HOH A . 
D 3 HOH 110 273 112 HOH HOH A . 
D 3 HOH 111 274 113 HOH HOH A . 
D 3 HOH 112 275 114 HOH HOH A . 
D 3 HOH 113 276 115 HOH HOH A . 
D 3 HOH 114 277 116 HOH HOH A . 
D 3 HOH 115 278 117 HOH HOH A . 
D 3 HOH 116 279 118 HOH HOH A . 
D 3 HOH 117 280 119 HOH HOH A . 
D 3 HOH 118 281 120 HOH HOH A . 
D 3 HOH 119 282 121 HOH HOH A . 
D 3 HOH 120 283 122 HOH HOH A . 
D 3 HOH 121 284 123 HOH HOH A . 
D 3 HOH 122 285 124 HOH HOH A . 
D 3 HOH 123 286 125 HOH HOH A . 
D 3 HOH 124 287 126 HOH HOH A . 
D 3 HOH 125 288 127 HOH HOH A . 
D 3 HOH 126 289 128 HOH HOH A . 
D 3 HOH 127 290 129 HOH HOH A . 
D 3 HOH 128 291 130 HOH HOH A . 
D 3 HOH 129 292 131 HOH HOH A . 
D 3 HOH 130 293 132 HOH HOH A . 
D 3 HOH 131 294 133 HOH HOH A . 
D 3 HOH 132 295 134 HOH HOH A . 
D 3 HOH 133 296 135 HOH HOH A . 
D 3 HOH 134 297 136 HOH HOH A . 
D 3 HOH 135 298 137 HOH HOH A . 
D 3 HOH 136 299 138 HOH HOH A . 
D 3 HOH 137 300 139 HOH HOH A . 
D 3 HOH 138 301 140 HOH HOH A . 
D 3 HOH 139 302 141 HOH HOH A . 
D 3 HOH 140 303 142 HOH HOH A . 
D 3 HOH 141 304 143 HOH HOH A . 
D 3 HOH 142 305 144 HOH HOH A . 
D 3 HOH 143 306 145 HOH HOH A . 
D 3 HOH 144 307 146 HOH HOH A . 
D 3 HOH 145 308 147 HOH HOH A . 
D 3 HOH 146 309 148 HOH HOH A . 
D 3 HOH 147 310 149 HOH HOH A . 
D 3 HOH 148 311 150 HOH HOH A . 
D 3 HOH 149 312 151 HOH HOH A . 
D 3 HOH 150 313 152 HOH HOH A . 
D 3 HOH 151 314 153 HOH HOH A . 
D 3 HOH 152 315 154 HOH HOH A . 
D 3 HOH 153 316 155 HOH HOH A . 
D 3 HOH 154 317 156 HOH HOH A . 
D 3 HOH 155 318 157 HOH HOH A . 
D 3 HOH 156 319 158 HOH HOH A . 
D 3 HOH 157 320 159 HOH HOH A . 
D 3 HOH 158 321 160 HOH HOH A . 
# 
loop_
_pdbx_unobs_or_zero_occ_atoms.id 
_pdbx_unobs_or_zero_occ_atoms.PDB_model_num 
_pdbx_unobs_or_zero_occ_atoms.polymer_flag 
_pdbx_unobs_or_zero_occ_atoms.occupancy_flag 
_pdbx_unobs_or_zero_occ_atoms.auth_asym_id 
_pdbx_unobs_or_zero_occ_atoms.auth_comp_id 
_pdbx_unobs_or_zero_occ_atoms.auth_seq_id 
_pdbx_unobs_or_zero_occ_atoms.PDB_ins_code 
_pdbx_unobs_or_zero_occ_atoms.auth_atom_id 
_pdbx_unobs_or_zero_occ_atoms.label_alt_id 
_pdbx_unobs_or_zero_occ_atoms.label_asym_id 
_pdbx_unobs_or_zero_occ_atoms.label_comp_id 
_pdbx_unobs_or_zero_occ_atoms.label_seq_id 
_pdbx_unobs_or_zero_occ_atoms.label_atom_id 
1  1 Y 1 A LYS 7   ? NZ  ? A LYS 8   NZ  
2  1 Y 1 A ARG 31  ? CZ  ? A ARG 32  CZ  
3  1 Y 1 A ARG 31  ? NH1 ? A ARG 32  NH1 
4  1 Y 1 A ARG 31  ? NH2 ? A ARG 32  NH2 
5  1 Y 1 A ARG 94  ? CD  ? A ARG 95  CD  
6  1 Y 1 A ARG 94  ? NE  ? A ARG 95  NE  
7  1 Y 1 A ARG 94  ? CZ  ? A ARG 95  CZ  
8  1 Y 1 A ARG 94  ? NH1 ? A ARG 95  NH1 
9  1 Y 1 A ARG 94  ? NH2 ? A ARG 95  NH2 
10 1 Y 1 A LYS 101 ? CG  ? A LYS 102 CG  
11 1 Y 1 A LYS 101 ? CD  ? A LYS 102 CD  
12 1 Y 1 A LYS 101 ? CE  ? A LYS 102 CE  
13 1 Y 1 A LYS 101 ? NZ  ? A LYS 102 NZ  
14 1 Y 1 A ASP 107 ? CG  ? A ASP 108 CG  
15 1 Y 1 A ASP 107 ? OD1 ? A ASP 108 OD1 
16 1 Y 1 A ASP 107 ? OD2 ? A ASP 108 OD2 
17 1 Y 1 A GLU 160 ? CG  ? A GLU 161 CG  
18 1 Y 1 A GLU 160 ? CD  ? A GLU 161 CD  
19 1 Y 1 A GLU 160 ? OE1 ? A GLU 161 OE1 
20 1 Y 1 A GLU 160 ? OE2 ? A GLU 161 OE2 
# 
loop_
_software.name 
_software.version 
_software.date 
_software.type 
_software.contact_author 
_software.contact_author_email 
_software.classification 
_software.location 
_software.language 
_software.citation_id 
_software.pdbx_ordinal 
REFMAC      5.2.0019 ?               program 'Garib N. Murshudov'         garib@ysbl.york.ac.uk                refinement        
http://www.ccp4.ac.uk/dist/html/refmac5.html Fortran_77 ? 1 
PHENIX      .        ?               package 'P.D. Adams'                 PDAdams@lbl.gov                      refinement        
http://www.phenix-online.org/                C++        ? 2 
SOLVE       .        ?               program 'Tom Terwilliger'            terwilliger@LANL.gov                 phasing           
http://www.solve.lanl.gov/                   ?          ? 3 
MolProbity  3beta29  ?               package 'D.C. & J.S. Richardson lab' molprobity@kinemage.biochem.duke.edu 'model building'  
http://kinemage.biochem.duke.edu/molprobity/ ?          ? 4 
SCALA       3.2.5    5/04/2004       other   'Phil R. Evans'              pre@mrc-lmb.cam.ac.uk                'data scaling'    
http://www.ccp4.ac.uk/dist/html/scala.html   Fortran_77 ? 5 
PDB_EXTRACT 3.006    'June 11, 2008' package PDB                          help@deposit.rcsb.org                'data extraction' 
http://sw-tools.pdb.org/apps/PDB_EXTRACT/    C++        ? 6 
MOSFLM      .        ?               ?       ?                            ?                                    'data reduction'  ? 
?          ? 7 
# 
_cell.entry_id           3K69 
_cell.length_a           114.173 
_cell.length_b           38.054 
_cell.length_c           42.275 
_cell.angle_alpha        90.000 
_cell.angle_beta         110.730 
_cell.angle_gamma        90.000 
_cell.pdbx_unique_axis   ? 
_cell.Z_PDB              4 
_cell.length_a_esd       ? 
_cell.length_b_esd       ? 
_cell.length_c_esd       ? 
_cell.angle_alpha_esd    ? 
_cell.angle_beta_esd     ? 
_cell.angle_gamma_esd    ? 
# 
_symmetry.entry_id                         3K69 
_symmetry.Int_Tables_number                5 
_symmetry.space_group_name_H-M             'C 1 2 1' 
_symmetry.pdbx_full_space_group_name_H-M   ? 
_symmetry.cell_setting                     ? 
_symmetry.space_group_name_Hall            ? 
# 
_exptl.crystals_number   1 
_exptl.method            'X-RAY DIFFRACTION' 
_exptl.entry_id          3K69 
# 
_exptl_crystal.id                    1 
_exptl_crystal.density_Matthews      2.36 
_exptl_crystal.density_meas          ? 
_exptl_crystal.density_percent_sol   47.86 
_exptl_crystal.description           ? 
_exptl_crystal.F_000                 ? 
_exptl_crystal.preparation           ? 
# 
_exptl_crystal_grow.crystal_id      1 
_exptl_crystal_grow.method          'VAPOR DIFFUSION, SITTING DROP' 
_exptl_crystal_grow.pH              4.5 
_exptl_crystal_grow.temp            277 
_exptl_crystal_grow.pdbx_details    
'0.2000M Na2HPO4, 20.0000% PEG-3350, No Buffer pH 4.5, NANODROP, VAPOR DIFFUSION, SITTING DROP, temperature 277K' 
_exptl_crystal_grow.temp_details    ? 
_exptl_crystal_grow.pdbx_pH_range   ? 
# 
_diffrn.id                     1 
_diffrn.ambient_temp           100 
_diffrn.ambient_temp_details   ? 
_diffrn.crystal_id             1 
# 
_diffrn_detector.diffrn_id              1 
_diffrn_detector.detector               CCD 
_diffrn_detector.type                   'MARMOSAIC 325 mm CCD' 
_diffrn_detector.details                'Flat mirror (vertical focusing)' 
_diffrn_detector.pdbx_collection_date   2009-07-09 
# 
_diffrn_radiation.diffrn_id                        1 
_diffrn_radiation.pdbx_monochromatic_or_laue_m_l   M 
_diffrn_radiation.monochromator                    'Single crystal Si(111) bent monochromator (horizontal focusing)' 
_diffrn_radiation.pdbx_diffrn_protocol             MAD 
_diffrn_radiation.wavelength_id                    1 
_diffrn_radiation.pdbx_scattering_type             x-ray 
# 
loop_
_diffrn_radiation_wavelength.id 
_diffrn_radiation_wavelength.wavelength 
_diffrn_radiation_wavelength.wt 
1 0.91837 1.0 
2 0.97959 1.0 
3 0.97886 1.0 
# 
_diffrn_source.diffrn_id                   1 
_diffrn_source.source                      SYNCHROTRON 
_diffrn_source.pdbx_synchrotron_beamline   BL11-1 
_diffrn_source.type                        'SSRL BEAMLINE BL11-1' 
_diffrn_source.pdbx_wavelength_list        0.91837,0.97959,0.97886 
_diffrn_source.pdbx_wavelength             ? 
_diffrn_source.pdbx_synchrotron_site       SSRL 
# 
_reflns.entry_id                     3K69 
_reflns.d_resolution_high            1.95 
_reflns.d_resolution_low             28.307 
_reflns.number_obs                   12340 
_reflns.pdbx_Rmerge_I_obs            0.093 
_reflns.pdbx_netI_over_sigmaI        10.900 
_reflns.pdbx_Rsym_value              0.093 
_reflns.pdbx_redundancy              3.600 
_reflns.percent_possible_obs         97.800 
_reflns.observed_criterion_sigma_F   ? 
_reflns.observed_criterion_sigma_I   ? 
_reflns.number_all                   ? 
_reflns.B_iso_Wilson_estimate        22.604 
_reflns.R_free_details               ? 
_reflns.limit_h_max                  ? 
_reflns.limit_h_min                  ? 
_reflns.limit_k_max                  ? 
_reflns.limit_k_min                  ? 
_reflns.limit_l_max                  ? 
_reflns.limit_l_min                  ? 
_reflns.observed_criterion_F_max     ? 
_reflns.observed_criterion_F_min     ? 
_reflns.pdbx_chi_squared             ? 
_reflns.pdbx_scaling_rejects         ? 
_reflns.pdbx_ordinal                 1 
_reflns.pdbx_diffrn_id               1 
# 
loop_
_reflns_shell.d_res_high 
_reflns_shell.d_res_low 
_reflns_shell.number_measured_obs 
_reflns_shell.number_measured_all 
_reflns_shell.number_unique_obs 
_reflns_shell.Rmerge_I_obs 
_reflns_shell.meanI_over_sigI_obs 
_reflns_shell.pdbx_Rsym_value 
_reflns_shell.pdbx_chi_squared 
_reflns_shell.pdbx_redundancy 
_reflns_shell.percent_possible_obs 
_reflns_shell.number_unique_all 
_reflns_shell.percent_possible_all 
_reflns_shell.pdbx_ordinal 
_reflns_shell.pdbx_diffrn_id 
1.95 2.00  ? 2023 ? 0.691 1.0  0.691 ? 2.80 ? 729 80.20  1  1 
2.00 2.06  ? 2412 ? 0.483 1.5  0.483 ? 3.00 ? 799 91.00  2  1 
2.06 2.12  ? 3101 ? 0.373 1.9  0.373 ? 3.50 ? 894 98.80  3  1 
2.12 2.18  ? 3085 ? 0.339 2.1  0.339 ? 3.70 ? 831 100.00 4  1 
2.18 2.25  ? 3054 ? 0.269 2.6  0.269 ? 3.70 ? 833 100.00 5  1 
2.25 2.33  ? 2994 ? 0.247 3.0  0.247 ? 3.70 ? 807 100.00 6  1 
2.33 2.42  ? 2829 ? 0.209 3.4  0.209 ? 3.70 ? 771 100.00 7  1 
2.42 2.52  ? 2736 ? 0.173 4.2  0.173 ? 3.70 ? 743 100.00 8  1 
2.52 2.63  ? 2628 ? 0.151 4.8  0.151 ? 3.70 ? 711 100.00 9  1 
2.63 2.76  ? 2516 ? 0.128 5.5  0.128 ? 3.70 ? 682 100.00 10 1 
2.76 2.91  ? 2459 ? 0.100 6.8  0.100 ? 3.70 ? 668 100.00 11 1 
2.91 3.08  ? 2232 ? 0.082 9.0  0.082 ? 3.70 ? 605 100.00 12 1 
3.08 3.30  ? 2129 ? 0.064 10.9 0.064 ? 3.70 ? 579 100.00 13 1 
3.30 3.56  ? 2054 ? 0.054 12.5 0.054 ? 3.70 ? 560 100.00 14 1 
3.56 3.90  ? 1783 ? 0.051 12.7 0.051 ? 3.70 ? 488 100.00 15 1 
3.90 4.36  ? 1711 ? 0.047 13.2 0.047 ? 3.70 ? 465 100.00 16 1 
4.36 5.03  ? 1461 ? 0.042 15.7 0.042 ? 3.60 ? 401 100.00 17 1 
5.03 6.17  ? 1245 ? 0.054 12.4 0.054 ? 3.60 ? 347 100.00 18 1 
6.17 8.72  ? 954  ? 0.042 15.5 0.042 ? 3.50 ? 273 100.00 19 1 
8.72 28.31 ? 508  ? 0.031 20.3 0.031 ? 3.30 ? 154 98.00  20 1 
# 
_refine.entry_id                                 3K69 
_refine.ls_d_res_high                            1.950 
_refine.ls_d_res_low                             28.307 
_refine.pdbx_ls_sigma_F                          0.00 
_refine.pdbx_data_cutoff_high_absF               ? 
_refine.pdbx_data_cutoff_low_absF                ? 
_refine.ls_percent_reflns_obs                    97.450 
_refine.ls_number_reflns_obs                     12306 
_refine.ls_number_reflns_all                     ? 
_refine.pdbx_ls_cross_valid_method               THROUGHOUT 
_refine.pdbx_R_Free_selection_details            RANDOM 
_refine.details                                  
;(1). HYDROGENS HAVE BEEN ADDED IN THE RIDING POSITIONS. (2). ATOM RECORD CONTAINS RESIDUAL B FACTORS ONLY. (3). A MET-INHIBITION PROTOCOL WAS USED FOR SELENOMETHIONINE INCORPORATION DURING PROTEIN EXPRESSION. THE OCCUPANCY OF THE SE ATOMS IN THE MSE RESIDUES WAS REDUCED TO 0.75 TO ACCOUNT FOR THE REDUCED SCATTERING POWER DUE TO PARTIAL S-MET INCORPORATION. (4). RAMACHANDRAN OUTLIER OF RESIDUE GLY59 IS SUPPORTED BY ELECTRON DENSITY. (5). RESIDUES 102-105 WERE NOT MODELED DUE TO POOR ELECTRON DENSITY IN THIS REGION. (6). DIMETHYL SULFOXIDE (DMS) MOLECULES FROM THE CRYSTALLIZATION BUFFERS WERE MODELED INTO THE STRUCTURE.
;
_refine.ls_R_factor_all                          ? 
_refine.ls_R_factor_obs                          0.174 
_refine.ls_R_factor_R_work                       0.172 
_refine.ls_wR_factor_R_work                      ? 
_refine.ls_R_factor_R_free                       0.218 
_refine.ls_wR_factor_R_free                      ? 
_refine.ls_percent_reflns_R_free                 4.900 
_refine.ls_number_reflns_R_free                  599 
_refine.ls_R_factor_R_free_error                 ? 
_refine.B_iso_mean                               25.623 
_refine.solvent_model_param_bsol                 ? 
_refine.solvent_model_param_ksol                 ? 
_refine.pdbx_isotropic_thermal_model             ? 
_refine.aniso_B[1][1]                            -1.430 
_refine.aniso_B[2][2]                            0.840 
_refine.aniso_B[3][3]                            -0.060 
_refine.aniso_B[1][2]                            0.000 
_refine.aniso_B[1][3]                            -0.930 
_refine.aniso_B[2][3]                            0.000 
_refine.correlation_coeff_Fo_to_Fc               0.954 
_refine.correlation_coeff_Fo_to_Fc_free          0.928 
_refine.overall_SU_R_Cruickshank_DPI             ? 
_refine.overall_SU_R_free                        ? 
_refine.pdbx_overall_ESU_R                       0.159 
_refine.pdbx_overall_ESU_R_Free                  0.148 
_refine.overall_SU_ML                            0.104 
_refine.overall_SU_B                             6.888 
_refine.solvent_model_details                    MASK 
_refine.pdbx_solvent_vdw_probe_radii             1.200 
_refine.pdbx_solvent_ion_probe_radii             0.800 
_refine.pdbx_solvent_shrinkage_radii             0.800 
_refine.ls_number_parameters                     ? 
_refine.ls_number_restraints                     ? 
_refine.pdbx_method_to_determine_struct          MAD 
_refine.pdbx_stereochemistry_target_values       'MAXIMUM LIKELIHOOD WITH PHASES' 
_refine.pdbx_stereochem_target_val_spec_case     ? 
_refine.overall_FOM_work_R_set                   ? 
_refine.B_iso_max                                74.31 
_refine.B_iso_min                                10.16 
_refine.occupancy_max                            1.00 
_refine.occupancy_min                            0.37 
_refine.pdbx_ls_sigma_I                          ? 
_refine.ls_redundancy_reflns_obs                 ? 
_refine.ls_R_factor_R_free_error_details         ? 
_refine.pdbx_starting_model                      ? 
_refine.pdbx_data_cutoff_high_rms_absF           ? 
_refine.overall_FOM_free_R_set                   ? 
_refine.pdbx_overall_phase_error                 ? 
_refine.pdbx_refine_id                           'X-RAY DIFFRACTION' 
_refine.pdbx_TLS_residual_ADP_flag               'LIKELY RESIDUAL' 
_refine.pdbx_diffrn_id                           1 
_refine.pdbx_overall_SU_R_free_Cruickshank_DPI   ? 
_refine.pdbx_overall_SU_R_Blow_DPI               ? 
_refine.pdbx_overall_SU_R_free_Blow_DPI          ? 
# 
_refine_hist.pdbx_refine_id                   'X-RAY DIFFRACTION' 
_refine_hist.cycle_id                         LAST 
_refine_hist.pdbx_number_atoms_protein        1170 
_refine_hist.pdbx_number_atoms_nucleic_acid   0 
_refine_hist.pdbx_number_atoms_ligand         8 
_refine_hist.number_atoms_solvent             158 
_refine_hist.number_atoms_total               1336 
_refine_hist.d_res_high                       1.950 
_refine_hist.d_res_low                        28.307 
# 
loop_
_refine_ls_restr.type 
_refine_ls_restr.pdbx_refine_id 
_refine_ls_restr.number 
_refine_ls_restr.dev_ideal 
_refine_ls_restr.dev_ideal_target 
_refine_ls_restr.weight 
_refine_ls_restr.pdbx_restraint_function 
r_bond_refined_d         'X-RAY DIFFRACTION' 1217 0.016  0.021  ? ? 
r_bond_other_d           'X-RAY DIFFRACTION' 763  0.001  0.020  ? ? 
r_angle_refined_deg      'X-RAY DIFFRACTION' 1654 1.393  1.951  ? ? 
r_angle_other_deg        'X-RAY DIFFRACTION' 1874 0.998  3.000  ? ? 
r_dihedral_angle_1_deg   'X-RAY DIFFRACTION' 152  6.439  5.000  ? ? 
r_dihedral_angle_2_deg   'X-RAY DIFFRACTION' 55   41.856 24.545 ? ? 
r_dihedral_angle_3_deg   'X-RAY DIFFRACTION' 193  11.868 15.000 ? ? 
r_dihedral_angle_4_deg   'X-RAY DIFFRACTION' 4    12.786 15.000 ? ? 
r_chiral_restr           'X-RAY DIFFRACTION' 193  0.089  0.200  ? ? 
r_gen_planes_refined     'X-RAY DIFFRACTION' 1358 0.006  0.020  ? ? 
r_gen_planes_other       'X-RAY DIFFRACTION' 238  0.001  0.020  ? ? 
r_nbd_refined            'X-RAY DIFFRACTION' 255  0.210  0.200  ? ? 
r_nbd_other              'X-RAY DIFFRACTION' 718  0.177  0.200  ? ? 
r_nbtor_refined          'X-RAY DIFFRACTION' 591  0.178  0.200  ? ? 
r_nbtor_other            'X-RAY DIFFRACTION' 589  0.084  0.200  ? ? 
r_xyhbond_nbd_refined    'X-RAY DIFFRACTION' 118  0.163  0.200  ? ? 
r_symmetry_vdw_refined   'X-RAY DIFFRACTION' 16   0.229  0.200  ? ? 
r_symmetry_vdw_other     'X-RAY DIFFRACTION' 40   0.286  0.200  ? ? 
r_symmetry_hbond_refined 'X-RAY DIFFRACTION' 13   0.191  0.200  ? ? 
r_mcbond_it              'X-RAY DIFFRACTION' 841  2.270  3.000  ? ? 
r_mcbond_other           'X-RAY DIFFRACTION' 307  0.534  3.000  ? ? 
r_mcangle_it             'X-RAY DIFFRACTION' 1225 3.223  5.000  ? ? 
r_scbond_it              'X-RAY DIFFRACTION' 491  5.012  8.000  ? ? 
r_scangle_it             'X-RAY DIFFRACTION' 429  6.078  11.000 ? ? 
# 
_refine_ls_shell.d_res_high                       1.949 
_refine_ls_shell.d_res_low                        1.999 
_refine_ls_shell.pdbx_total_number_of_bins_used   20 
_refine_ls_shell.percent_reflns_obs               76.700 
_refine_ls_shell.number_reflns_R_work             673 
_refine_ls_shell.R_factor_all                     ? 
_refine_ls_shell.R_factor_R_work                  0.241 
_refine_ls_shell.R_factor_R_free                  0.319 
_refine_ls_shell.percent_reflns_R_free            ? 
_refine_ls_shell.number_reflns_R_free             28 
_refine_ls_shell.R_factor_R_free_error            ? 
_refine_ls_shell.number_reflns_all                701 
_refine_ls_shell.number_reflns_obs                ? 
_refine_ls_shell.redundancy_reflns_obs            ? 
_refine_ls_shell.pdbx_refine_id                   'X-RAY DIFFRACTION' 
# 
_struct.entry_id                  3K69 
_struct.title                     
'CRYSTAL STRUCTURE OF A PUTATIVE TRANSCRIPTIONAL REGULATOR (LP_0360) FROM LACTOBACILLUS PLANTARUM AT 1.95 A RESOLUTION' 
_struct.pdbx_model_details        ? 
_struct.pdbx_CASP_flag            ? 
_struct.pdbx_model_type_details   ? 
# 
_struct_keywords.text            
;PUTATIVE TRANSCRIPTIONAL REGULATOR, STRUCTURAL GENOMICS, JOINT CENTER FOR STRUCTURAL GENOMICS, JCSG, PROTEIN STRUCTURE INITIATIVE, PSI-2, TRANSCRIPTION
;
_struct_keywords.pdbx_keywords   TRANSCRIPTION 
_struct_keywords.entry_id        3K69 
# 
loop_
_struct_asym.id 
_struct_asym.pdbx_blank_PDB_chainid_flag 
_struct_asym.pdbx_modified 
_struct_asym.entity_id 
_struct_asym.details 
A N N 1 ? 
B N N 2 ? 
C N N 2 ? 
D N N 3 ? 
# 
_struct_ref.id                         1 
_struct_ref.db_name                    UNP 
_struct_ref.db_code                    Q88ZG1_LACPL 
_struct_ref.pdbx_db_accession          Q88ZG1 
_struct_ref.entity_id                  1 
_struct_ref.pdbx_seq_one_letter_code   
;MGGSNMKLDFSVAVHSILYLDAHRDSKVASRELAQSLHLNPVMIRNILSVLHKHGYLTGTVGKNGGYQLDLALADMNLGD
LYDLTIPPTISYARFITGPSKTDEQADQSPIAANISETLTDLFTVADRQYRAYYHQFTMADLQADLNHHGTFLQHEQDSE
S
;
_struct_ref.pdbx_align_begin           1 
_struct_ref.pdbx_db_isoform            ? 
# 
_struct_ref_seq.align_id                      1 
_struct_ref_seq.ref_id                        1 
_struct_ref_seq.pdbx_PDB_id_code              3K69 
_struct_ref_seq.pdbx_strand_id                A 
_struct_ref_seq.seq_align_beg                 2 
_struct_ref_seq.pdbx_seq_align_beg_ins_code   ? 
_struct_ref_seq.seq_align_end                 162 
_struct_ref_seq.pdbx_seq_align_end_ins_code   ? 
_struct_ref_seq.pdbx_db_accession             Q88ZG1 
_struct_ref_seq.db_align_beg                  1 
_struct_ref_seq.pdbx_db_align_beg_ins_code    ? 
_struct_ref_seq.db_align_end                  161 
_struct_ref_seq.pdbx_db_align_end_ins_code    ? 
_struct_ref_seq.pdbx_auth_seq_align_beg       1 
_struct_ref_seq.pdbx_auth_seq_align_end       161 
# 
_struct_ref_seq_dif.align_id                     1 
_struct_ref_seq_dif.pdbx_pdb_id_code             3K69 
_struct_ref_seq_dif.mon_id                       GLY 
_struct_ref_seq_dif.pdbx_pdb_strand_id           A 
_struct_ref_seq_dif.seq_num                      1 
_struct_ref_seq_dif.pdbx_pdb_ins_code            ? 
_struct_ref_seq_dif.pdbx_seq_db_name             UNP 
_struct_ref_seq_dif.pdbx_seq_db_accession_code   Q88ZG1 
_struct_ref_seq_dif.db_mon_id                    ? 
_struct_ref_seq_dif.pdbx_seq_db_seq_num          ? 
_struct_ref_seq_dif.details                      'expression tag' 
_struct_ref_seq_dif.pdbx_auth_seq_num            0 
_struct_ref_seq_dif.pdbx_ordinal                 1 
# 
_pdbx_struct_assembly.id                   1 
_pdbx_struct_assembly.details              author_and_software_defined_assembly 
_pdbx_struct_assembly.method_details       PISA 
_pdbx_struct_assembly.oligomeric_details   dimeric 
_pdbx_struct_assembly.oligomeric_count     2 
# 
loop_
_pdbx_struct_assembly_prop.biol_id 
_pdbx_struct_assembly_prop.type 
_pdbx_struct_assembly_prop.value 
_pdbx_struct_assembly_prop.details 
1 'ABSA (A^2)' 5160  ? 
1 MORE         -29   ? 
1 'SSA (A^2)'  15560 ? 
# 
_pdbx_struct_assembly_gen.assembly_id       1 
_pdbx_struct_assembly_gen.oper_expression   1,2 
_pdbx_struct_assembly_gen.asym_id_list      A,B,C,D 
# 
loop_
_pdbx_struct_oper_list.id 
_pdbx_struct_oper_list.type 
_pdbx_struct_oper_list.name 
_pdbx_struct_oper_list.symmetry_operation 
_pdbx_struct_oper_list.matrix[1][1] 
_pdbx_struct_oper_list.matrix[1][2] 
_pdbx_struct_oper_list.matrix[1][3] 
_pdbx_struct_oper_list.vector[1] 
_pdbx_struct_oper_list.matrix[2][1] 
_pdbx_struct_oper_list.matrix[2][2] 
_pdbx_struct_oper_list.matrix[2][3] 
_pdbx_struct_oper_list.vector[2] 
_pdbx_struct_oper_list.matrix[3][1] 
_pdbx_struct_oper_list.matrix[3][2] 
_pdbx_struct_oper_list.matrix[3][3] 
_pdbx_struct_oper_list.vector[3] 
1 'identity operation'         1_555 x,y,z   1.0000000000  0.0000000000 0.0000000000 0.0000000000 0.0000000000 1.0000000000  0.0000000000 0.0000000000  0.0000000000 0.0000000000 1.0000000000 0.0000000000   
2 'crystal symmetry operation' 2_555 -x,y,-z -0.6084489436 0.4100726124 0.6794338346 3.6364367765 0.4100726124 -0.5705297057 0.7115731217 19.9172852571 0.6794338346 0.7115731217 0.1789786493 -14.1167297972 
# 
_struct_biol.id   1 
# 
loop_
_struct_conf.conf_type_id 
_struct_conf.id 
_struct_conf.pdbx_PDB_helix_id 
_struct_conf.beg_label_comp_id 
_struct_conf.beg_label_asym_id 
_struct_conf.beg_label_seq_id 
_struct_conf.pdbx_beg_PDB_ins_code 
_struct_conf.end_label_comp_id 
_struct_conf.end_label_asym_id 
_struct_conf.end_label_seq_id 
_struct_conf.pdbx_end_PDB_ins_code 
_struct_conf.beg_auth_comp_id 
_struct_conf.beg_auth_asym_id 
_struct_conf.beg_auth_seq_id 
_struct_conf.end_auth_comp_id 
_struct_conf.end_auth_asym_id 
_struct_conf.end_auth_seq_id 
_struct_conf.pdbx_PDB_helix_class 
_struct_conf.details 
_struct_conf.pdbx_PDB_helix_length 
HELX_P HELX_P1  1  LEU A 9   ? ALA A 23  ? LEU A 8   ALA A 22  1 ? 15 
HELX_P HELX_P2  2  ALA A 30  ? HIS A 39  ? ALA A 29  HIS A 38  1 ? 10 
HELX_P HELX_P3  3  ASN A 41  ? MSE A 44  ? ASN A 40  MSE A 43  5 ? 4  
HELX_P HELX_P4  4  ILE A 45  ? HIS A 55  ? ILE A 44  HIS A 54  1 ? 11 
HELX_P HELX_P5  5  ALA A 73  ? MSE A 77  ? ALA A 72  MSE A 76  5 ? 5  
HELX_P HELX_P6  6  ASN A 78  ? ILE A 87  ? ASN A 77  ILE A 86  1 ? 10 
HELX_P HELX_P7  7  TYR A 93  ? ILE A 97  ? TYR A 92  ILE A 96  5 ? 5  
HELX_P HELX_P8  8  SER A 110 ? GLN A 137 ? SER A 109 GLN A 136 1 ? 28 
HELX_P HELX_P9  9  THR A 139 ? HIS A 149 ? THR A 138 HIS A 148 1 ? 11 
HELX_P HELX_P10 10 GLY A 151 ? GLU A 161 ? GLY A 150 GLU A 160 1 ? 11 
# 
_struct_conf_type.id          HELX_P 
_struct_conf_type.criteria    ? 
_struct_conf_type.reference   ? 
# 
loop_
_struct_conn.id 
_struct_conn.conn_type_id 
_struct_conn.pdbx_leaving_atom_flag 
_struct_conn.pdbx_PDB_id 
_struct_conn.ptnr1_label_asym_id 
_struct_conn.ptnr1_label_comp_id 
_struct_conn.ptnr1_label_seq_id 
_struct_conn.ptnr1_label_atom_id 
_struct_conn.pdbx_ptnr1_label_alt_id 
_struct_conn.pdbx_ptnr1_PDB_ins_code 
_struct_conn.pdbx_ptnr1_standard_comp_id 
_struct_conn.ptnr1_symmetry 
_struct_conn.ptnr2_label_asym_id 
_struct_conn.ptnr2_label_comp_id 
_struct_conn.ptnr2_label_seq_id 
_struct_conn.ptnr2_label_atom_id 
_struct_conn.pdbx_ptnr2_label_alt_id 
_struct_conn.pdbx_ptnr2_PDB_ins_code 
_struct_conn.ptnr1_auth_asym_id 
_struct_conn.ptnr1_auth_comp_id 
_struct_conn.ptnr1_auth_seq_id 
_struct_conn.ptnr2_auth_asym_id 
_struct_conn.ptnr2_auth_comp_id 
_struct_conn.ptnr2_auth_seq_id 
_struct_conn.ptnr2_symmetry 
_struct_conn.pdbx_ptnr3_label_atom_id 
_struct_conn.pdbx_ptnr3_label_seq_id 
_struct_conn.pdbx_ptnr3_label_comp_id 
_struct_conn.pdbx_ptnr3_label_asym_id 
_struct_conn.pdbx_ptnr3_label_alt_id 
_struct_conn.pdbx_ptnr3_PDB_ins_code 
_struct_conn.details 
_struct_conn.pdbx_dist_value 
_struct_conn.pdbx_value_order 
_struct_conn.pdbx_role 
covale1 covale both ? A MSE 7   C A ? ? 1_555 A LYS 8   N ? ? A MSE 6   A LYS 7   1_555 ? ? ? ? ? ? ? 1.329 ? ? 
covale2 covale both ? A MSE 7   C B ? ? 1_555 A LYS 8   N ? ? A MSE 6   A LYS 7   1_555 ? ? ? ? ? ? ? 1.329 ? ? 
covale3 covale both ? A VAL 43  C ? ? ? 1_555 A MSE 44  N ? ? A VAL 42  A MSE 43  1_555 ? ? ? ? ? ? ? 1.325 ? ? 
covale4 covale both ? A MSE 44  C ? ? ? 1_555 A ILE 45  N ? ? A MSE 43  A ILE 44  1_555 ? ? ? ? ? ? ? 1.333 ? ? 
covale5 covale both ? A ASP 76  C ? ? ? 1_555 A MSE 77  N ? ? A ASP 75  A MSE 76  1_555 ? ? ? ? ? ? ? 1.328 ? ? 
covale6 covale both ? A MSE 77  C ? ? ? 1_555 A ASN 78  N ? ? A MSE 76  A ASN 77  1_555 ? ? ? ? ? ? ? 1.328 ? ? 
covale7 covale both ? A THR 139 C ? ? ? 1_555 A MSE 140 N ? ? A THR 138 A MSE 139 1_555 ? ? ? ? ? ? ? 1.328 ? ? 
covale8 covale both ? A MSE 140 C ? ? ? 1_555 A ALA 141 N ? ? A MSE 139 A ALA 140 1_555 ? ? ? ? ? ? ? 1.350 ? ? 
# 
_struct_conn_type.id          covale 
_struct_conn_type.criteria    ? 
_struct_conn_type.reference   ? 
# 
loop_
_pdbx_modification_feature.ordinal 
_pdbx_modification_feature.label_comp_id 
_pdbx_modification_feature.label_asym_id 
_pdbx_modification_feature.label_seq_id 
_pdbx_modification_feature.label_alt_id 
_pdbx_modification_feature.modified_residue_label_comp_id 
_pdbx_modification_feature.modified_residue_label_asym_id 
_pdbx_modification_feature.modified_residue_label_seq_id 
_pdbx_modification_feature.modified_residue_label_alt_id 
_pdbx_modification_feature.auth_comp_id 
_pdbx_modification_feature.auth_asym_id 
_pdbx_modification_feature.auth_seq_id 
_pdbx_modification_feature.PDB_ins_code 
_pdbx_modification_feature.symmetry 
_pdbx_modification_feature.modified_residue_auth_comp_id 
_pdbx_modification_feature.modified_residue_auth_asym_id 
_pdbx_modification_feature.modified_residue_auth_seq_id 
_pdbx_modification_feature.modified_residue_PDB_ins_code 
_pdbx_modification_feature.modified_residue_symmetry 
_pdbx_modification_feature.comp_id_linking_atom 
_pdbx_modification_feature.modified_residue_id_linking_atom 
_pdbx_modification_feature.modified_residue_id 
_pdbx_modification_feature.ref_pcm_id 
_pdbx_modification_feature.ref_comp_id 
_pdbx_modification_feature.type 
_pdbx_modification_feature.category 
1 MSE A 7   A . . . . MSE A 6   ? 1_555 . . . . . . . MET 1 MSE Selenomethionine 'Named protein modification' 
2 MSE A 7   B . . . . MSE A 6   ? 1_555 . . . . . . . MET 1 MSE Selenomethionine 'Named protein modification' 
3 MSE A 44  ? . . . . MSE A 43  ? 1_555 . . . . . . . MET 1 MSE Selenomethionine 'Named protein modification' 
4 MSE A 77  ? . . . . MSE A 76  ? 1_555 . . . . . . . MET 1 MSE Selenomethionine 'Named protein modification' 
5 MSE A 140 ? . . . . MSE A 139 ? 1_555 . . . . . . . MET 1 MSE Selenomethionine 'Named protein modification' 
# 
_struct_sheet.id               A 
_struct_sheet.type             ? 
_struct_sheet.number_strands   2 
_struct_sheet.details          ? 
# 
_struct_sheet_order.sheet_id     A 
_struct_sheet_order.range_id_1   1 
_struct_sheet_order.range_id_2   2 
_struct_sheet_order.offset       ? 
_struct_sheet_order.sense        anti-parallel 
# 
loop_
_struct_sheet_range.sheet_id 
_struct_sheet_range.id 
_struct_sheet_range.beg_label_comp_id 
_struct_sheet_range.beg_label_asym_id 
_struct_sheet_range.beg_label_seq_id 
_struct_sheet_range.pdbx_beg_PDB_ins_code 
_struct_sheet_range.end_label_comp_id 
_struct_sheet_range.end_label_asym_id 
_struct_sheet_range.end_label_seq_id 
_struct_sheet_range.pdbx_end_PDB_ins_code 
_struct_sheet_range.beg_auth_comp_id 
_struct_sheet_range.beg_auth_asym_id 
_struct_sheet_range.beg_auth_seq_id 
_struct_sheet_range.end_auth_comp_id 
_struct_sheet_range.end_auth_asym_id 
_struct_sheet_range.end_auth_seq_id 
A 1 THR A 59 ? THR A 61 ? THR A 58 THR A 60 
A 2 GLY A 67 ? GLN A 69 ? GLY A 66 GLN A 68 
# 
_pdbx_struct_sheet_hbond.sheet_id                A 
_pdbx_struct_sheet_hbond.range_id_1              1 
_pdbx_struct_sheet_hbond.range_id_2              2 
_pdbx_struct_sheet_hbond.range_1_label_atom_id   N 
_pdbx_struct_sheet_hbond.range_1_label_comp_id   THR 
_pdbx_struct_sheet_hbond.range_1_label_asym_id   A 
_pdbx_struct_sheet_hbond.range_1_label_seq_id    59 
_pdbx_struct_sheet_hbond.range_1_PDB_ins_code    ? 
_pdbx_struct_sheet_hbond.range_1_auth_atom_id    N 
_pdbx_struct_sheet_hbond.range_1_auth_comp_id    THR 
_pdbx_struct_sheet_hbond.range_1_auth_asym_id    A 
_pdbx_struct_sheet_hbond.range_1_auth_seq_id     58 
_pdbx_struct_sheet_hbond.range_2_label_atom_id   O 
_pdbx_struct_sheet_hbond.range_2_label_comp_id   GLN 
_pdbx_struct_sheet_hbond.range_2_label_asym_id   A 
_pdbx_struct_sheet_hbond.range_2_label_seq_id    69 
_pdbx_struct_sheet_hbond.range_2_PDB_ins_code    ? 
_pdbx_struct_sheet_hbond.range_2_auth_atom_id    O 
_pdbx_struct_sheet_hbond.range_2_auth_comp_id    GLN 
_pdbx_struct_sheet_hbond.range_2_auth_asym_id    A 
_pdbx_struct_sheet_hbond.range_2_auth_seq_id     68 
# 
loop_
_struct_site.id 
_struct_site.pdbx_evidence_code 
_struct_site.pdbx_auth_asym_id 
_struct_site.pdbx_auth_comp_id 
_struct_site.pdbx_auth_seq_id 
_struct_site.pdbx_auth_ins_code 
_struct_site.pdbx_num_residues 
_struct_site.details 
AC1 Software A DMS 162 ? 7 'BINDING SITE FOR RESIDUE DMS A 162' 
AC2 Software A DMS 163 ? 4 'BINDING SITE FOR RESIDUE DMS A 163' 
# 
loop_
_struct_site_gen.id 
_struct_site_gen.site_id 
_struct_site_gen.pdbx_num_res 
_struct_site_gen.label_comp_id 
_struct_site_gen.label_asym_id 
_struct_site_gen.label_seq_id 
_struct_site_gen.pdbx_auth_ins_code 
_struct_site_gen.auth_comp_id 
_struct_site_gen.auth_asym_id 
_struct_site_gen.auth_seq_id 
_struct_site_gen.label_atom_id 
_struct_site_gen.label_alt_id 
_struct_site_gen.symmetry 
_struct_site_gen.details 
1  AC1 7 GLY A 60  ? GLY A 59  . ? 1_555 ? 
2  AC1 7 THR A 61  ? THR A 60  . ? 1_555 ? 
3  AC1 7 GLY A 67  ? GLY A 66  . ? 1_555 ? 
4  AC1 7 TYR A 68  ? TYR A 67  . ? 1_555 ? 
5  AC1 7 LEU A 72  ? LEU A 71  . ? 4_556 ? 
6  AC1 7 HOH D .   ? HOH A 205 . ? 1_555 ? 
7  AC1 7 HOH D .   ? HOH A 299 . ? 1_555 ? 
8  AC2 4 LYS A 8   ? LYS A 7   . ? 1_555 ? 
9  AC2 4 TYR A 83  ? TYR A 82  . ? 1_555 ? 
10 AC2 4 PHE A 124 ? PHE A 123 . ? 2_555 ? 
11 AC2 4 TYR A 131 ? TYR A 130 . ? 1_555 ? 
# 
_pdbx_entry_details.entry_id                   3K69 
_pdbx_entry_details.compound_details           ? 
_pdbx_entry_details.source_details             ? 
_pdbx_entry_details.nonpolymer_details         ? 
_pdbx_entry_details.sequence_details           
;THE CONSTRUCT (RESIDUES 1-161) WAS EXPRESSED WITH A PURIFICATION TAG MGSDKIHHHHHHENLYFQG. THE TAG WAS REMOVED WITH TEV PROTEASE LEAVING ONLY A GLYCINE FOLLOWED BY THE TARGET SEQUENCE.
;
_pdbx_entry_details.has_ligand_of_interest     ? 
_pdbx_entry_details.has_protein_modification   Y 
# 
_pdbx_validate_torsion.id              1 
_pdbx_validate_torsion.PDB_model_num   1 
_pdbx_validate_torsion.auth_comp_id    ASN 
_pdbx_validate_torsion.auth_asym_id    A 
_pdbx_validate_torsion.auth_seq_id     64 
_pdbx_validate_torsion.PDB_ins_code    ? 
_pdbx_validate_torsion.label_alt_id    ? 
_pdbx_validate_torsion.phi             57.95 
_pdbx_validate_torsion.psi             13.71 
# 
_pdbx_SG_project.project_name          'PSI, Protein Structure Initiative' 
_pdbx_SG_project.full_name_of_center   'Joint Center for Structural Genomics' 
_pdbx_SG_project.id                    1 
_pdbx_SG_project.initial_of_center     JCSG 
# 
loop_
_pdbx_struct_mod_residue.id 
_pdbx_struct_mod_residue.label_asym_id 
_pdbx_struct_mod_residue.label_comp_id 
_pdbx_struct_mod_residue.label_seq_id 
_pdbx_struct_mod_residue.auth_asym_id 
_pdbx_struct_mod_residue.auth_comp_id 
_pdbx_struct_mod_residue.auth_seq_id 
_pdbx_struct_mod_residue.PDB_ins_code 
_pdbx_struct_mod_residue.parent_comp_id 
_pdbx_struct_mod_residue.details 
1 A MSE 7   A MSE 6   ? MET SELENOMETHIONINE 
2 A MSE 44  A MSE 43  ? MET SELENOMETHIONINE 
3 A MSE 77  A MSE 76  ? MET SELENOMETHIONINE 
4 A MSE 140 A MSE 139 ? MET SELENOMETHIONINE 
# 
_pdbx_refine_tls.pdbx_refine_id   'X-RAY DIFFRACTION' 
_pdbx_refine_tls.id               1 
_pdbx_refine_tls.details          ? 
_pdbx_refine_tls.method           refined 
_pdbx_refine_tls.origin_x         -0.3869 
_pdbx_refine_tls.origin_y         0.0888 
_pdbx_refine_tls.origin_z         0.3516 
_pdbx_refine_tls.T[1][1]          -0.0316 
_pdbx_refine_tls.T[2][2]          -0.0335 
_pdbx_refine_tls.T[3][3]          -0.0632 
_pdbx_refine_tls.T[1][2]          -0.0033 
_pdbx_refine_tls.T[1][3]          -0.0015 
_pdbx_refine_tls.T[2][3]          -0.0280 
_pdbx_refine_tls.L[1][1]          0.7157 
_pdbx_refine_tls.L[2][2]          1.8607 
_pdbx_refine_tls.L[3][3]          0.7806 
_pdbx_refine_tls.L[1][2]          0.4715 
_pdbx_refine_tls.L[1][3]          -0.3614 
_pdbx_refine_tls.L[2][3]          -1.0915 
_pdbx_refine_tls.S[1][1]          -0.0902 
_pdbx_refine_tls.S[2][2]          0.0524 
_pdbx_refine_tls.S[3][3]          0.0378 
_pdbx_refine_tls.S[1][2]          0.0677 
_pdbx_refine_tls.S[1][3]          -0.0635 
_pdbx_refine_tls.S[2][3]          -0.0284 
_pdbx_refine_tls.S[2][1]          -0.1019 
_pdbx_refine_tls.S[3][1]          0.0941 
_pdbx_refine_tls.S[3][2]          -0.0686 
# 
_pdbx_refine_tls_group.pdbx_refine_id      'X-RAY DIFFRACTION' 
_pdbx_refine_tls_group.id                  1 
_pdbx_refine_tls_group.refine_tls_id       1 
_pdbx_refine_tls_group.beg_auth_asym_id    A 
_pdbx_refine_tls_group.beg_auth_seq_id     6 
_pdbx_refine_tls_group.end_auth_asym_id    A 
_pdbx_refine_tls_group.end_auth_seq_id     160 
_pdbx_refine_tls_group.selection_details   ? 
_pdbx_refine_tls_group.beg_label_asym_id   . 
_pdbx_refine_tls_group.beg_label_seq_id    . 
_pdbx_refine_tls_group.end_label_asym_id   . 
_pdbx_refine_tls_group.end_label_seq_id    . 
_pdbx_refine_tls_group.selection           ? 
# 
_phasing.method   MAD 
# 
loop_
_pdbx_unobs_or_zero_occ_residues.id 
_pdbx_unobs_or_zero_occ_residues.PDB_model_num 
_pdbx_unobs_or_zero_occ_residues.polymer_flag 
_pdbx_unobs_or_zero_occ_residues.occupancy_flag 
_pdbx_unobs_or_zero_occ_residues.auth_asym_id 
_pdbx_unobs_or_zero_occ_residues.auth_comp_id 
_pdbx_unobs_or_zero_occ_residues.auth_seq_id 
_pdbx_unobs_or_zero_occ_residues.PDB_ins_code 
_pdbx_unobs_or_zero_occ_residues.label_asym_id 
_pdbx_unobs_or_zero_occ_residues.label_comp_id 
_pdbx_unobs_or_zero_occ_residues.label_seq_id 
1  1 Y 1 A GLY 0   ? A GLY 1   
2  1 Y 1 A MSE 1   ? A MSE 2   
3  1 Y 1 A GLY 2   ? A GLY 3   
4  1 Y 1 A GLY 3   ? A GLY 4   
5  1 Y 1 A SER 4   ? A SER 5   
6  1 Y 1 A ASN 5   ? A ASN 6   
7  1 Y 1 A THR 102 ? A THR 103 
8  1 Y 1 A ASP 103 ? A ASP 104 
9  1 Y 1 A GLU 104 ? A GLU 105 
10 1 Y 1 A GLN 105 ? A GLN 106 
11 1 Y 1 A SER 161 ? A SER 162 
# 
loop_
_chem_comp_atom.comp_id 
_chem_comp_atom.atom_id 
_chem_comp_atom.type_symbol 
_chem_comp_atom.pdbx_aromatic_flag 
_chem_comp_atom.pdbx_stereo_config 
_chem_comp_atom.pdbx_ordinal 
ALA N    N  N N 1   
ALA CA   C  N S 2   
ALA C    C  N N 3   
ALA O    O  N N 4   
ALA CB   C  N N 5   
ALA OXT  O  N N 6   
ALA H    H  N N 7   
ALA H2   H  N N 8   
ALA HA   H  N N 9   
ALA HB1  H  N N 10  
ALA HB2  H  N N 11  
ALA HB3  H  N N 12  
ALA HXT  H  N N 13  
ARG N    N  N N 14  
ARG CA   C  N S 15  
ARG C    C  N N 16  
ARG O    O  N N 17  
ARG CB   C  N N 18  
ARG CG   C  N N 19  
ARG CD   C  N N 20  
ARG NE   N  N N 21  
ARG CZ   C  N N 22  
ARG NH1  N  N N 23  
ARG NH2  N  N N 24  
ARG OXT  O  N N 25  
ARG H    H  N N 26  
ARG H2   H  N N 27  
ARG HA   H  N N 28  
ARG HB2  H  N N 29  
ARG HB3  H  N N 30  
ARG HG2  H  N N 31  
ARG HG3  H  N N 32  
ARG HD2  H  N N 33  
ARG HD3  H  N N 34  
ARG HE   H  N N 35  
ARG HH11 H  N N 36  
ARG HH12 H  N N 37  
ARG HH21 H  N N 38  
ARG HH22 H  N N 39  
ARG HXT  H  N N 40  
ASN N    N  N N 41  
ASN CA   C  N S 42  
ASN C    C  N N 43  
ASN O    O  N N 44  
ASN CB   C  N N 45  
ASN CG   C  N N 46  
ASN OD1  O  N N 47  
ASN ND2  N  N N 48  
ASN OXT  O  N N 49  
ASN H    H  N N 50  
ASN H2   H  N N 51  
ASN HA   H  N N 52  
ASN HB2  H  N N 53  
ASN HB3  H  N N 54  
ASN HD21 H  N N 55  
ASN HD22 H  N N 56  
ASN HXT  H  N N 57  
ASP N    N  N N 58  
ASP CA   C  N S 59  
ASP C    C  N N 60  
ASP O    O  N N 61  
ASP CB   C  N N 62  
ASP CG   C  N N 63  
ASP OD1  O  N N 64  
ASP OD2  O  N N 65  
ASP OXT  O  N N 66  
ASP H    H  N N 67  
ASP H2   H  N N 68  
ASP HA   H  N N 69  
ASP HB2  H  N N 70  
ASP HB3  H  N N 71  
ASP HD2  H  N N 72  
ASP HXT  H  N N 73  
DMS S    S  N N 74  
DMS O    O  N N 75  
DMS C1   C  N N 76  
DMS C2   C  N N 77  
DMS H11  H  N N 78  
DMS H12  H  N N 79  
DMS H13  H  N N 80  
DMS H21  H  N N 81  
DMS H22  H  N N 82  
DMS H23  H  N N 83  
GLN N    N  N N 84  
GLN CA   C  N S 85  
GLN C    C  N N 86  
GLN O    O  N N 87  
GLN CB   C  N N 88  
GLN CG   C  N N 89  
GLN CD   C  N N 90  
GLN OE1  O  N N 91  
GLN NE2  N  N N 92  
GLN OXT  O  N N 93  
GLN H    H  N N 94  
GLN H2   H  N N 95  
GLN HA   H  N N 96  
GLN HB2  H  N N 97  
GLN HB3  H  N N 98  
GLN HG2  H  N N 99  
GLN HG3  H  N N 100 
GLN HE21 H  N N 101 
GLN HE22 H  N N 102 
GLN HXT  H  N N 103 
GLU N    N  N N 104 
GLU CA   C  N S 105 
GLU C    C  N N 106 
GLU O    O  N N 107 
GLU CB   C  N N 108 
GLU CG   C  N N 109 
GLU CD   C  N N 110 
GLU OE1  O  N N 111 
GLU OE2  O  N N 112 
GLU OXT  O  N N 113 
GLU H    H  N N 114 
GLU H2   H  N N 115 
GLU HA   H  N N 116 
GLU HB2  H  N N 117 
GLU HB3  H  N N 118 
GLU HG2  H  N N 119 
GLU HG3  H  N N 120 
GLU HE2  H  N N 121 
GLU HXT  H  N N 122 
GLY N    N  N N 123 
GLY CA   C  N N 124 
GLY C    C  N N 125 
GLY O    O  N N 126 
GLY OXT  O  N N 127 
GLY H    H  N N 128 
GLY H2   H  N N 129 
GLY HA2  H  N N 130 
GLY HA3  H  N N 131 
GLY HXT  H  N N 132 
HIS N    N  N N 133 
HIS CA   C  N S 134 
HIS C    C  N N 135 
HIS O    O  N N 136 
HIS CB   C  N N 137 
HIS CG   C  Y N 138 
HIS ND1  N  Y N 139 
HIS CD2  C  Y N 140 
HIS CE1  C  Y N 141 
HIS NE2  N  Y N 142 
HIS OXT  O  N N 143 
HIS H    H  N N 144 
HIS H2   H  N N 145 
HIS HA   H  N N 146 
HIS HB2  H  N N 147 
HIS HB3  H  N N 148 
HIS HD1  H  N N 149 
HIS HD2  H  N N 150 
HIS HE1  H  N N 151 
HIS HE2  H  N N 152 
HIS HXT  H  N N 153 
HOH O    O  N N 154 
HOH H1   H  N N 155 
HOH H2   H  N N 156 
ILE N    N  N N 157 
ILE CA   C  N S 158 
ILE C    C  N N 159 
ILE O    O  N N 160 
ILE CB   C  N S 161 
ILE CG1  C  N N 162 
ILE CG2  C  N N 163 
ILE CD1  C  N N 164 
ILE OXT  O  N N 165 
ILE H    H  N N 166 
ILE H2   H  N N 167 
ILE HA   H  N N 168 
ILE HB   H  N N 169 
ILE HG12 H  N N 170 
ILE HG13 H  N N 171 
ILE HG21 H  N N 172 
ILE HG22 H  N N 173 
ILE HG23 H  N N 174 
ILE HD11 H  N N 175 
ILE HD12 H  N N 176 
ILE HD13 H  N N 177 
ILE HXT  H  N N 178 
LEU N    N  N N 179 
LEU CA   C  N S 180 
LEU C    C  N N 181 
LEU O    O  N N 182 
LEU CB   C  N N 183 
LEU CG   C  N N 184 
LEU CD1  C  N N 185 
LEU CD2  C  N N 186 
LEU OXT  O  N N 187 
LEU H    H  N N 188 
LEU H2   H  N N 189 
LEU HA   H  N N 190 
LEU HB2  H  N N 191 
LEU HB3  H  N N 192 
LEU HG   H  N N 193 
LEU HD11 H  N N 194 
LEU HD12 H  N N 195 
LEU HD13 H  N N 196 
LEU HD21 H  N N 197 
LEU HD22 H  N N 198 
LEU HD23 H  N N 199 
LEU HXT  H  N N 200 
LYS N    N  N N 201 
LYS CA   C  N S 202 
LYS C    C  N N 203 
LYS O    O  N N 204 
LYS CB   C  N N 205 
LYS CG   C  N N 206 
LYS CD   C  N N 207 
LYS CE   C  N N 208 
LYS NZ   N  N N 209 
LYS OXT  O  N N 210 
LYS H    H  N N 211 
LYS H2   H  N N 212 
LYS HA   H  N N 213 
LYS HB2  H  N N 214 
LYS HB3  H  N N 215 
LYS HG2  H  N N 216 
LYS HG3  H  N N 217 
LYS HD2  H  N N 218 
LYS HD3  H  N N 219 
LYS HE2  H  N N 220 
LYS HE3  H  N N 221 
LYS HZ1  H  N N 222 
LYS HZ2  H  N N 223 
LYS HZ3  H  N N 224 
LYS HXT  H  N N 225 
MSE N    N  N N 226 
MSE CA   C  N S 227 
MSE C    C  N N 228 
MSE O    O  N N 229 
MSE OXT  O  N N 230 
MSE CB   C  N N 231 
MSE CG   C  N N 232 
MSE SE   SE N N 233 
MSE CE   C  N N 234 
MSE H    H  N N 235 
MSE H2   H  N N 236 
MSE HA   H  N N 237 
MSE HXT  H  N N 238 
MSE HB2  H  N N 239 
MSE HB3  H  N N 240 
MSE HG2  H  N N 241 
MSE HG3  H  N N 242 
MSE HE1  H  N N 243 
MSE HE2  H  N N 244 
MSE HE3  H  N N 245 
PHE N    N  N N 246 
PHE CA   C  N S 247 
PHE C    C  N N 248 
PHE O    O  N N 249 
PHE CB   C  N N 250 
PHE CG   C  Y N 251 
PHE CD1  C  Y N 252 
PHE CD2  C  Y N 253 
PHE CE1  C  Y N 254 
PHE CE2  C  Y N 255 
PHE CZ   C  Y N 256 
PHE OXT  O  N N 257 
PHE H    H  N N 258 
PHE H2   H  N N 259 
PHE HA   H  N N 260 
PHE HB2  H  N N 261 
PHE HB3  H  N N 262 
PHE HD1  H  N N 263 
PHE HD2  H  N N 264 
PHE HE1  H  N N 265 
PHE HE2  H  N N 266 
PHE HZ   H  N N 267 
PHE HXT  H  N N 268 
PRO N    N  N N 269 
PRO CA   C  N S 270 
PRO C    C  N N 271 
PRO O    O  N N 272 
PRO CB   C  N N 273 
PRO CG   C  N N 274 
PRO CD   C  N N 275 
PRO OXT  O  N N 276 
PRO H    H  N N 277 
PRO HA   H  N N 278 
PRO HB2  H  N N 279 
PRO HB3  H  N N 280 
PRO HG2  H  N N 281 
PRO HG3  H  N N 282 
PRO HD2  H  N N 283 
PRO HD3  H  N N 284 
PRO HXT  H  N N 285 
SER N    N  N N 286 
SER CA   C  N S 287 
SER C    C  N N 288 
SER O    O  N N 289 
SER CB   C  N N 290 
SER OG   O  N N 291 
SER OXT  O  N N 292 
SER H    H  N N 293 
SER H2   H  N N 294 
SER HA   H  N N 295 
SER HB2  H  N N 296 
SER HB3  H  N N 297 
SER HG   H  N N 298 
SER HXT  H  N N 299 
THR N    N  N N 300 
THR CA   C  N S 301 
THR C    C  N N 302 
THR O    O  N N 303 
THR CB   C  N R 304 
THR OG1  O  N N 305 
THR CG2  C  N N 306 
THR OXT  O  N N 307 
THR H    H  N N 308 
THR H2   H  N N 309 
THR HA   H  N N 310 
THR HB   H  N N 311 
THR HG1  H  N N 312 
THR HG21 H  N N 313 
THR HG22 H  N N 314 
THR HG23 H  N N 315 
THR HXT  H  N N 316 
TYR N    N  N N 317 
TYR CA   C  N S 318 
TYR C    C  N N 319 
TYR O    O  N N 320 
TYR CB   C  N N 321 
TYR CG   C  Y N 322 
TYR CD1  C  Y N 323 
TYR CD2  C  Y N 324 
TYR CE1  C  Y N 325 
TYR CE2  C  Y N 326 
TYR CZ   C  Y N 327 
TYR OH   O  N N 328 
TYR OXT  O  N N 329 
TYR H    H  N N 330 
TYR H2   H  N N 331 
TYR HA   H  N N 332 
TYR HB2  H  N N 333 
TYR HB3  H  N N 334 
TYR HD1  H  N N 335 
TYR HD2  H  N N 336 
TYR HE1  H  N N 337 
TYR HE2  H  N N 338 
TYR HH   H  N N 339 
TYR HXT  H  N N 340 
VAL N    N  N N 341 
VAL CA   C  N S 342 
VAL C    C  N N 343 
VAL O    O  N N 344 
VAL CB   C  N N 345 
VAL CG1  C  N N 346 
VAL CG2  C  N N 347 
VAL OXT  O  N N 348 
VAL H    H  N N 349 
VAL H2   H  N N 350 
VAL HA   H  N N 351 
VAL HB   H  N N 352 
VAL HG11 H  N N 353 
VAL HG12 H  N N 354 
VAL HG13 H  N N 355 
VAL HG21 H  N N 356 
VAL HG22 H  N N 357 
VAL HG23 H  N N 358 
VAL HXT  H  N N 359 
# 
loop_
_chem_comp_bond.comp_id 
_chem_comp_bond.atom_id_1 
_chem_comp_bond.atom_id_2 
_chem_comp_bond.value_order 
_chem_comp_bond.pdbx_aromatic_flag 
_chem_comp_bond.pdbx_stereo_config 
_chem_comp_bond.pdbx_ordinal 
ALA N   CA   sing N N 1   
ALA N   H    sing N N 2   
ALA N   H2   sing N N 3   
ALA CA  C    sing N N 4   
ALA CA  CB   sing N N 5   
ALA CA  HA   sing N N 6   
ALA C   O    doub N N 7   
ALA C   OXT  sing N N 8   
ALA CB  HB1  sing N N 9   
ALA CB  HB2  sing N N 10  
ALA CB  HB3  sing N N 11  
ALA OXT HXT  sing N N 12  
ARG N   CA   sing N N 13  
ARG N   H    sing N N 14  
ARG N   H2   sing N N 15  
ARG CA  C    sing N N 16  
ARG CA  CB   sing N N 17  
ARG CA  HA   sing N N 18  
ARG C   O    doub N N 19  
ARG C   OXT  sing N N 20  
ARG CB  CG   sing N N 21  
ARG CB  HB2  sing N N 22  
ARG CB  HB3  sing N N 23  
ARG CG  CD   sing N N 24  
ARG CG  HG2  sing N N 25  
ARG CG  HG3  sing N N 26  
ARG CD  NE   sing N N 27  
ARG CD  HD2  sing N N 28  
ARG CD  HD3  sing N N 29  
ARG NE  CZ   sing N N 30  
ARG NE  HE   sing N N 31  
ARG CZ  NH1  sing N N 32  
ARG CZ  NH2  doub N N 33  
ARG NH1 HH11 sing N N 34  
ARG NH1 HH12 sing N N 35  
ARG NH2 HH21 sing N N 36  
ARG NH2 HH22 sing N N 37  
ARG OXT HXT  sing N N 38  
ASN N   CA   sing N N 39  
ASN N   H    sing N N 40  
ASN N   H2   sing N N 41  
ASN CA  C    sing N N 42  
ASN CA  CB   sing N N 43  
ASN CA  HA   sing N N 44  
ASN C   O    doub N N 45  
ASN C   OXT  sing N N 46  
ASN CB  CG   sing N N 47  
ASN CB  HB2  sing N N 48  
ASN CB  HB3  sing N N 49  
ASN CG  OD1  doub N N 50  
ASN CG  ND2  sing N N 51  
ASN ND2 HD21 sing N N 52  
ASN ND2 HD22 sing N N 53  
ASN OXT HXT  sing N N 54  
ASP N   CA   sing N N 55  
ASP N   H    sing N N 56  
ASP N   H2   sing N N 57  
ASP CA  C    sing N N 58  
ASP CA  CB   sing N N 59  
ASP CA  HA   sing N N 60  
ASP C   O    doub N N 61  
ASP C   OXT  sing N N 62  
ASP CB  CG   sing N N 63  
ASP CB  HB2  sing N N 64  
ASP CB  HB3  sing N N 65  
ASP CG  OD1  doub N N 66  
ASP CG  OD2  sing N N 67  
ASP OD2 HD2  sing N N 68  
ASP OXT HXT  sing N N 69  
DMS S   O    doub N N 70  
DMS S   C1   sing N N 71  
DMS S   C2   sing N N 72  
DMS C1  H11  sing N N 73  
DMS C1  H12  sing N N 74  
DMS C1  H13  sing N N 75  
DMS C2  H21  sing N N 76  
DMS C2  H22  sing N N 77  
DMS C2  H23  sing N N 78  
GLN N   CA   sing N N 79  
GLN N   H    sing N N 80  
GLN N   H2   sing N N 81  
GLN CA  C    sing N N 82  
GLN CA  CB   sing N N 83  
GLN CA  HA   sing N N 84  
GLN C   O    doub N N 85  
GLN C   OXT  sing N N 86  
GLN CB  CG   sing N N 87  
GLN CB  HB2  sing N N 88  
GLN CB  HB3  sing N N 89  
GLN CG  CD   sing N N 90  
GLN CG  HG2  sing N N 91  
GLN CG  HG3  sing N N 92  
GLN CD  OE1  doub N N 93  
GLN CD  NE2  sing N N 94  
GLN NE2 HE21 sing N N 95  
GLN NE2 HE22 sing N N 96  
GLN OXT HXT  sing N N 97  
GLU N   CA   sing N N 98  
GLU N   H    sing N N 99  
GLU N   H2   sing N N 100 
GLU CA  C    sing N N 101 
GLU CA  CB   sing N N 102 
GLU CA  HA   sing N N 103 
GLU C   O    doub N N 104 
GLU C   OXT  sing N N 105 
GLU CB  CG   sing N N 106 
GLU CB  HB2  sing N N 107 
GLU CB  HB3  sing N N 108 
GLU CG  CD   sing N N 109 
GLU CG  HG2  sing N N 110 
GLU CG  HG3  sing N N 111 
GLU CD  OE1  doub N N 112 
GLU CD  OE2  sing N N 113 
GLU OE2 HE2  sing N N 114 
GLU OXT HXT  sing N N 115 
GLY N   CA   sing N N 116 
GLY N   H    sing N N 117 
GLY N   H2   sing N N 118 
GLY CA  C    sing N N 119 
GLY CA  HA2  sing N N 120 
GLY CA  HA3  sing N N 121 
GLY C   O    doub N N 122 
GLY C   OXT  sing N N 123 
GLY OXT HXT  sing N N 124 
HIS N   CA   sing N N 125 
HIS N   H    sing N N 126 
HIS N   H2   sing N N 127 
HIS CA  C    sing N N 128 
HIS CA  CB   sing N N 129 
HIS CA  HA   sing N N 130 
HIS C   O    doub N N 131 
HIS C   OXT  sing N N 132 
HIS CB  CG   sing N N 133 
HIS CB  HB2  sing N N 134 
HIS CB  HB3  sing N N 135 
HIS CG  ND1  sing Y N 136 
HIS CG  CD2  doub Y N 137 
HIS ND1 CE1  doub Y N 138 
HIS ND1 HD1  sing N N 139 
HIS CD2 NE2  sing Y N 140 
HIS CD2 HD2  sing N N 141 
HIS CE1 NE2  sing Y N 142 
HIS CE1 HE1  sing N N 143 
HIS NE2 HE2  sing N N 144 
HIS OXT HXT  sing N N 145 
HOH O   H1   sing N N 146 
HOH O   H2   sing N N 147 
ILE N   CA   sing N N 148 
ILE N   H    sing N N 149 
ILE N   H2   sing N N 150 
ILE CA  C    sing N N 151 
ILE CA  CB   sing N N 152 
ILE CA  HA   sing N N 153 
ILE C   O    doub N N 154 
ILE C   OXT  sing N N 155 
ILE CB  CG1  sing N N 156 
ILE CB  CG2  sing N N 157 
ILE CB  HB   sing N N 158 
ILE CG1 CD1  sing N N 159 
ILE CG1 HG12 sing N N 160 
ILE CG1 HG13 sing N N 161 
ILE CG2 HG21 sing N N 162 
ILE CG2 HG22 sing N N 163 
ILE CG2 HG23 sing N N 164 
ILE CD1 HD11 sing N N 165 
ILE CD1 HD12 sing N N 166 
ILE CD1 HD13 sing N N 167 
ILE OXT HXT  sing N N 168 
LEU N   CA   sing N N 169 
LEU N   H    sing N N 170 
LEU N   H2   sing N N 171 
LEU CA  C    sing N N 172 
LEU CA  CB   sing N N 173 
LEU CA  HA   sing N N 174 
LEU C   O    doub N N 175 
LEU C   OXT  sing N N 176 
LEU CB  CG   sing N N 177 
LEU CB  HB2  sing N N 178 
LEU CB  HB3  sing N N 179 
LEU CG  CD1  sing N N 180 
LEU CG  CD2  sing N N 181 
LEU CG  HG   sing N N 182 
LEU CD1 HD11 sing N N 183 
LEU CD1 HD12 sing N N 184 
LEU CD1 HD13 sing N N 185 
LEU CD2 HD21 sing N N 186 
LEU CD2 HD22 sing N N 187 
LEU CD2 HD23 sing N N 188 
LEU OXT HXT  sing N N 189 
LYS N   CA   sing N N 190 
LYS N   H    sing N N 191 
LYS N   H2   sing N N 192 
LYS CA  C    sing N N 193 
LYS CA  CB   sing N N 194 
LYS CA  HA   sing N N 195 
LYS C   O    doub N N 196 
LYS C   OXT  sing N N 197 
LYS CB  CG   sing N N 198 
LYS CB  HB2  sing N N 199 
LYS CB  HB3  sing N N 200 
LYS CG  CD   sing N N 201 
LYS CG  HG2  sing N N 202 
LYS CG  HG3  sing N N 203 
LYS CD  CE   sing N N 204 
LYS CD  HD2  sing N N 205 
LYS CD  HD3  sing N N 206 
LYS CE  NZ   sing N N 207 
LYS CE  HE2  sing N N 208 
LYS CE  HE3  sing N N 209 
LYS NZ  HZ1  sing N N 210 
LYS NZ  HZ2  sing N N 211 
LYS NZ  HZ3  sing N N 212 
LYS OXT HXT  sing N N 213 
MSE N   CA   sing N N 214 
MSE N   H    sing N N 215 
MSE N   H2   sing N N 216 
MSE CA  C    sing N N 217 
MSE CA  CB   sing N N 218 
MSE CA  HA   sing N N 219 
MSE C   O    doub N N 220 
MSE C   OXT  sing N N 221 
MSE OXT HXT  sing N N 222 
MSE CB  CG   sing N N 223 
MSE CB  HB2  sing N N 224 
MSE CB  HB3  sing N N 225 
MSE CG  SE   sing N N 226 
MSE CG  HG2  sing N N 227 
MSE CG  HG3  sing N N 228 
MSE SE  CE   sing N N 229 
MSE CE  HE1  sing N N 230 
MSE CE  HE2  sing N N 231 
MSE CE  HE3  sing N N 232 
PHE N   CA   sing N N 233 
PHE N   H    sing N N 234 
PHE N   H2   sing N N 235 
PHE CA  C    sing N N 236 
PHE CA  CB   sing N N 237 
PHE CA  HA   sing N N 238 
PHE C   O    doub N N 239 
PHE C   OXT  sing N N 240 
PHE CB  CG   sing N N 241 
PHE CB  HB2  sing N N 242 
PHE CB  HB3  sing N N 243 
PHE CG  CD1  doub Y N 244 
PHE CG  CD2  sing Y N 245 
PHE CD1 CE1  sing Y N 246 
PHE CD1 HD1  sing N N 247 
PHE CD2 CE2  doub Y N 248 
PHE CD2 HD2  sing N N 249 
PHE CE1 CZ   doub Y N 250 
PHE CE1 HE1  sing N N 251 
PHE CE2 CZ   sing Y N 252 
PHE CE2 HE2  sing N N 253 
PHE CZ  HZ   sing N N 254 
PHE OXT HXT  sing N N 255 
PRO N   CA   sing N N 256 
PRO N   CD   sing N N 257 
PRO N   H    sing N N 258 
PRO CA  C    sing N N 259 
PRO CA  CB   sing N N 260 
PRO CA  HA   sing N N 261 
PRO C   O    doub N N 262 
PRO C   OXT  sing N N 263 
PRO CB  CG   sing N N 264 
PRO CB  HB2  sing N N 265 
PRO CB  HB3  sing N N 266 
PRO CG  CD   sing N N 267 
PRO CG  HG2  sing N N 268 
PRO CG  HG3  sing N N 269 
PRO CD  HD2  sing N N 270 
PRO CD  HD3  sing N N 271 
PRO OXT HXT  sing N N 272 
SER N   CA   sing N N 273 
SER N   H    sing N N 274 
SER N   H2   sing N N 275 
SER CA  C    sing N N 276 
SER CA  CB   sing N N 277 
SER CA  HA   sing N N 278 
SER C   O    doub N N 279 
SER C   OXT  sing N N 280 
SER CB  OG   sing N N 281 
SER CB  HB2  sing N N 282 
SER CB  HB3  sing N N 283 
SER OG  HG   sing N N 284 
SER OXT HXT  sing N N 285 
THR N   CA   sing N N 286 
THR N   H    sing N N 287 
THR N   H2   sing N N 288 
THR CA  C    sing N N 289 
THR CA  CB   sing N N 290 
THR CA  HA   sing N N 291 
THR C   O    doub N N 292 
THR C   OXT  sing N N 293 
THR CB  OG1  sing N N 294 
THR CB  CG2  sing N N 295 
THR CB  HB   sing N N 296 
THR OG1 HG1  sing N N 297 
THR CG2 HG21 sing N N 298 
THR CG2 HG22 sing N N 299 
THR CG2 HG23 sing N N 300 
THR OXT HXT  sing N N 301 
TYR N   CA   sing N N 302 
TYR N   H    sing N N 303 
TYR N   H2   sing N N 304 
TYR CA  C    sing N N 305 
TYR CA  CB   sing N N 306 
TYR CA  HA   sing N N 307 
TYR C   O    doub N N 308 
TYR C   OXT  sing N N 309 
TYR CB  CG   sing N N 310 
TYR CB  HB2  sing N N 311 
TYR CB  HB3  sing N N 312 
TYR CG  CD1  doub Y N 313 
TYR CG  CD2  sing Y N 314 
TYR CD1 CE1  sing Y N 315 
TYR CD1 HD1  sing N N 316 
TYR CD2 CE2  doub Y N 317 
TYR CD2 HD2  sing N N 318 
TYR CE1 CZ   doub Y N 319 
TYR CE1 HE1  sing N N 320 
TYR CE2 CZ   sing Y N 321 
TYR CE2 HE2  sing N N 322 
TYR CZ  OH   sing N N 323 
TYR OH  HH   sing N N 324 
TYR OXT HXT  sing N N 325 
VAL N   CA   sing N N 326 
VAL N   H    sing N N 327 
VAL N   H2   sing N N 328 
VAL CA  C    sing N N 329 
VAL CA  CB   sing N N 330 
VAL CA  HA   sing N N 331 
VAL C   O    doub N N 332 
VAL C   OXT  sing N N 333 
VAL CB  CG1  sing N N 334 
VAL CB  CG2  sing N N 335 
VAL CB  HB   sing N N 336 
VAL CG1 HG11 sing N N 337 
VAL CG1 HG12 sing N N 338 
VAL CG1 HG13 sing N N 339 
VAL CG2 HG21 sing N N 340 
VAL CG2 HG22 sing N N 341 
VAL CG2 HG23 sing N N 342 
VAL OXT HXT  sing N N 343 
# 
_atom_sites.entry_id                    3K69 
_atom_sites.fract_transf_matrix[1][1]   -0.00363631 
_atom_sites.fract_transf_matrix[1][2]   -0.00630055 
_atom_sites.fract_transf_matrix[1][3]   0.00589827 
_atom_sites.fract_transf_matrix[2][1]   -0.01162710 
_atom_sites.fract_transf_matrix[2][2]   -0.01217710 
_atom_sites.fract_transf_matrix[2][3]   -0.02017578 
_atom_sites.fract_transf_matrix[3][1]   0.01564632 
_atom_sites.fract_transf_matrix[3][2]   -0.01966693 
_atom_sites.fract_transf_matrix[3][3]   0.00285316 
_atom_sites.fract_transf_vector[1]      0.110989 
_atom_sites.fract_transf_vector[2]      0.116183 
_atom_sites.fract_transf_vector[3]      0.187546 
# 
loop_
_atom_type.symbol 
C  
N  
O  
S  
SE 
# 
loop_
_atom_site.group_PDB 
_atom_site.id 
_atom_site.type_symbol 
_atom_site.label_atom_id 
_atom_site.label_alt_id 
_atom_site.label_comp_id 
_atom_site.label_asym_id 
_atom_site.label_entity_id 
_atom_site.label_seq_id 
_atom_site.pdbx_PDB_ins_code 
_atom_site.Cartn_x 
_atom_site.Cartn_y 
_atom_site.Cartn_z 
_atom_site.occupancy 
_atom_site.B_iso_or_equiv 
_atom_site.pdbx_formal_charge 
_atom_site.auth_seq_id 
_atom_site.auth_comp_id 
_atom_site.auth_asym_id 
_atom_site.auth_atom_id 
_atom_site.pdbx_PDB_model_num 
HETATM 1    N  N   A MSE A 1 7   ? -4.571  -1.037  -9.729  0.50 46.26 ? 6   MSE A N   1 
HETATM 2    N  N   B MSE A 1 7   ? -4.188  -0.833  -10.122 0.50 42.35 ? 6   MSE A N   1 
HETATM 3    C  CA  A MSE A 1 7   ? -3.252  -1.522  -9.216  0.50 45.98 ? 6   MSE A CA  1 
HETATM 4    C  CA  B MSE A 1 7   ? -3.236  -1.540  -9.211  0.50 40.86 ? 6   MSE A CA  1 
HETATM 5    C  C   A MSE A 1 7   ? -2.831  -0.692  -8.002  0.50 40.08 ? 6   MSE A C   1 
HETATM 6    C  C   B MSE A 1 7   ? -2.846  -0.693  -7.994  0.50 37.47 ? 6   MSE A C   1 
HETATM 7    O  O   A MSE A 1 7   ? -2.362  -1.230  -7.006  0.50 39.35 ? 6   MSE A O   1 
HETATM 8    O  O   B MSE A 1 7   ? -2.408  -1.227  -6.983  0.50 36.39 ? 6   MSE A O   1 
HETATM 9    C  CB  A MSE A 1 7   ? -2.184  -1.462  -10.311 0.50 45.98 ? 6   MSE A CB  1 
HETATM 10   C  CB  B MSE A 1 7   ? -1.988  -1.960  -9.979  0.50 43.07 ? 6   MSE A CB  1 
HETATM 11   C  CG  A MSE A 1 7   ? -0.818  -2.028  -9.891  0.50 48.18 ? 6   MSE A CG  1 
HETATM 12   C  CG  B MSE A 1 7   ? -2.161  -3.237  -10.796 0.50 51.00 ? 6   MSE A CG  1 
HETATM 13   SE SE  A MSE A 1 7   ? 0.373   -2.525  -11.395 0.37 59.17 ? 6   MSE A SE  1 
HETATM 14   SE SE  B MSE A 1 7   ? -1.657  -4.838  -9.776  0.38 74.31 ? 6   MSE A SE  1 
HETATM 15   C  CE  A MSE A 1 7   ? 0.126   -0.966  -12.555 0.50 54.65 ? 6   MSE A CE  1 
HETATM 16   C  CE  B MSE A 1 7   ? 0.278   -4.554  -9.652  0.50 61.12 ? 6   MSE A CE  1 
ATOM   17   N  N   . LYS A 1 8   ? -2.994  0.625   -8.084  1.00 35.78 ? 7   LYS A N   1 
ATOM   18   C  CA  . LYS A 1 8   ? -2.818  1.485   -6.896  1.00 33.00 ? 7   LYS A CA  1 
ATOM   19   C  C   . LYS A 1 8   ? -3.991  1.287   -5.886  1.00 30.17 ? 7   LYS A C   1 
ATOM   20   O  O   . LYS A 1 8   ? -3.857  1.623   -4.691  1.00 28.12 ? 7   LYS A O   1 
ATOM   21   C  CB  . LYS A 1 8   ? -2.655  2.936   -7.300  1.00 32.96 ? 7   LYS A CB  1 
ATOM   22   C  CG  . LYS A 1 8   ? -1.274  3.255   -7.876  1.00 35.07 ? 7   LYS A CG  1 
ATOM   23   C  CD  . LYS A 1 8   ? -0.944  4.767   -7.747  1.00 39.68 ? 7   LYS A CD  1 
ATOM   24   C  CE  . LYS A 1 8   ? -1.702  5.612   -8.798  1.00 47.55 ? 7   LYS A CE  1 
ATOM   25   N  N   . LEU A 1 9   ? -5.094  0.677   -6.376  1.00 24.51 ? 8   LEU A N   1 
ATOM   26   C  CA  . LEU A 1 9   ? -6.193  0.158   -5.536  1.00 24.90 ? 8   LEU A CA  1 
ATOM   27   C  C   . LEU A 1 9   ? -5.709  -0.873  -4.480  1.00 20.59 ? 8   LEU A C   1 
ATOM   28   O  O   . LEU A 1 9   ? -6.371  -1.111  -3.450  1.00 17.50 ? 8   LEU A O   1 
ATOM   29   C  CB  . LEU A 1 9   ? -7.281  -0.439  -6.415  1.00 23.18 ? 8   LEU A CB  1 
ATOM   30   C  CG  . LEU A 1 9   ? -8.626  -0.846  -5.813  1.00 26.19 ? 8   LEU A CG  1 
ATOM   31   C  CD1 . LEU A 1 9   ? -9.335  0.276   -4.986  1.00 19.81 ? 8   LEU A CD1 1 
ATOM   32   C  CD2 . LEU A 1 9   ? -9.496  -1.299  -6.962  1.00 22.62 ? 8   LEU A CD2 1 
ATOM   33   N  N   . ASP A 1 10  ? -4.529  -1.433  -4.715  1.00 18.97 ? 9   ASP A N   1 
ATOM   34   C  CA  . ASP A 1 10  ? -4.014  -2.496  -3.871  1.00 18.33 ? 9   ASP A CA  1 
ATOM   35   C  C   . ASP A 1 10  ? -3.791  -2.035  -2.441  1.00 15.45 ? 9   ASP A C   1 
ATOM   36   O  O   . ASP A 1 10  ? -3.933  -2.840  -1.548  1.00 17.56 ? 9   ASP A O   1 
ATOM   37   C  CB  . ASP A 1 10  ? -2.696  -3.057  -4.419  1.00 20.60 ? 9   ASP A CB  1 
ATOM   38   C  CG  . ASP A 1 10  ? -2.904  -3.955  -5.655  1.00 29.34 ? 9   ASP A CG  1 
ATOM   39   O  OD1 . ASP A 1 10  ? -4.063  -4.309  -5.945  1.00 34.14 ? 9   ASP A OD1 1 
ATOM   40   O  OD2 . ASP A 1 10  ? -1.924  -4.314  -6.326  1.00 32.01 ? 9   ASP A OD2 1 
ATOM   41   N  N   . PHE A 1 11  ? -3.319  -0.796  -2.242  1.00 15.05 ? 10  PHE A N   1 
ATOM   42   C  CA  . PHE A 1 11  ? -3.112  -0.295  -0.896  1.00 16.04 ? 10  PHE A CA  1 
ATOM   43   C  C   . PHE A 1 11  ? -4.431  -0.338  -0.095  1.00 16.24 ? 10  PHE A C   1 
ATOM   44   O  O   . PHE A 1 11  ? -4.487  -0.879  1.030   1.00 15.81 ? 10  PHE A O   1 
ATOM   45   C  CB  . PHE A 1 11  ? -2.531  1.121   -0.905  1.00 18.10 ? 10  PHE A CB  1 
ATOM   46   C  CG  . PHE A 1 11  ? -2.324  1.717   0.501   1.00 16.47 ? 10  PHE A CG  1 
ATOM   47   C  CD1 . PHE A 1 11  ? -1.353  1.203   1.346   1.00 15.13 ? 10  PHE A CD1 1 
ATOM   48   C  CD2 . PHE A 1 11  ? -3.051  2.795   0.930   1.00 18.55 ? 10  PHE A CD2 1 
ATOM   49   C  CE1 . PHE A 1 11  ? -1.161  1.726   2.610   1.00 22.51 ? 10  PHE A CE1 1 
ATOM   50   C  CE2 . PHE A 1 11  ? -2.828  3.353   2.177   1.00 22.19 ? 10  PHE A CE2 1 
ATOM   51   C  CZ  . PHE A 1 11  ? -1.879  2.803   3.019   1.00 18.87 ? 10  PHE A CZ  1 
ATOM   52   N  N   . SER A 1 12  ? -5.487  0.226   -0.667  1.00 17.80 ? 11  SER A N   1 
ATOM   53   C  CA  . SER A 1 12  ? -6.806  0.191   -0.018  1.00 17.91 ? 11  SER A CA  1 
ATOM   54   C  C   . SER A 1 12  ? -7.317  -1.221  0.210   1.00 17.16 ? 11  SER A C   1 
ATOM   55   O  O   . SER A 1 12  ? -7.890  -1.513  1.240   1.00 17.51 ? 11  SER A O   1 
ATOM   56   C  CB  . SER A 1 12  ? -7.824  0.992   -0.837  1.00 20.55 ? 11  SER A CB  1 
ATOM   57   O  OG  . SER A 1 12  ? -9.121  1.012   -0.216  1.00 16.78 ? 11  SER A OG  1 
ATOM   58   N  N   . VAL A 1 13  ? -7.115  -2.111  -0.753  1.00 16.14 ? 12  VAL A N   1 
ATOM   59   C  CA  . VAL A 1 13  ? -7.495  -3.517  -0.581  1.00 18.81 ? 12  VAL A CA  1 
ATOM   60   C  C   . VAL A 1 13  ? -6.808  -4.099  0.654   1.00 20.32 ? 12  VAL A C   1 
ATOM   61   O  O   . VAL A 1 13  ? -7.455  -4.775  1.432   1.00 20.66 ? 12  VAL A O   1 
ATOM   62   C  CB  . VAL A 1 13  ? -7.188  -4.357  -1.820  1.00 20.42 ? 12  VAL A CB  1 
ATOM   63   C  CG1 . VAL A 1 13  ? -7.426  -5.871  -1.538  1.00 18.36 ? 12  VAL A CG1 1 
ATOM   64   C  CG2 . VAL A 1 13  ? -8.055  -3.871  -2.973  1.00 16.39 ? 12  VAL A CG2 1 
ATOM   65   N  N   . ALA A 1 14  ? -5.512  -3.802  0.837   1.00 20.01 ? 13  ALA A N   1 
ATOM   66   C  CA  . ALA A 1 14  ? -4.771  -4.290  1.996   1.00 19.02 ? 13  ALA A CA  1 
ATOM   67   C  C   . ALA A 1 14  ? -5.238  -3.649  3.301   1.00 17.13 ? 13  ALA A C   1 
ATOM   68   O  O   . ALA A 1 14  ? -5.486  -4.346  4.248   1.00 17.65 ? 13  ALA A O   1 
ATOM   69   C  CB  . ALA A 1 14  ? -3.312  -4.111  1.822   1.00 14.89 ? 13  ALA A CB  1 
ATOM   70   N  N   . VAL A 1 15  ? -5.369  -2.337  3.326   1.00 16.49 ? 14  VAL A N   1 
ATOM   71   C  CA  . VAL A 1 15  ? -5.893  -1.651  4.468   1.00 16.74 ? 14  VAL A CA  1 
ATOM   72   C  C   . VAL A 1 15  ? -7.255  -2.170  4.879   1.00 15.44 ? 14  VAL A C   1 
ATOM   73   O  O   . VAL A 1 15  ? -7.465  -2.537  6.039   1.00 17.15 ? 14  VAL A O   1 
ATOM   74   C  CB  . VAL A 1 15  ? -5.961  -0.110  4.228   1.00 18.07 ? 14  VAL A CB  1 
ATOM   75   C  CG1 . VAL A 1 15  ? -6.681  0.564   5.339   1.00 20.05 ? 14  VAL A CG1 1 
ATOM   76   C  CG2 . VAL A 1 15  ? -4.539  0.521   4.055   1.00 11.78 ? 14  VAL A CG2 1 
ATOM   77   N  N   . HIS A 1 16  ? -8.173  -2.195  3.929   1.00 15.87 ? 15  HIS A N   1 
ATOM   78   C  CA  . HIS A 1 16  ? -9.539  -2.642  4.181   1.00 17.62 ? 15  HIS A CA  1 
ATOM   79   C  C   . HIS A 1 16  ? -9.568  -4.124  4.671   1.00 17.34 ? 15  HIS A C   1 
ATOM   80   O  O   . HIS A 1 16  ? -10.287 -4.471  5.631   1.00 15.18 ? 15  HIS A O   1 
ATOM   81   C  CB  . HIS A 1 16  ? -10.364 -2.430  2.915   1.00 19.11 ? 15  HIS A CB  1 
ATOM   82   C  CG  . HIS A 1 16  ? -11.830 -2.467  3.131   1.00 24.84 ? 15  HIS A CG  1 
ATOM   83   N  ND1 . HIS A 1 16  ? -12.715 -1.765  2.336   1.00 26.87 ? 15  HIS A ND1 1 
ATOM   84   C  CD2 . HIS A 1 16  ? -12.581 -3.123  4.053   1.00 34.68 ? 15  HIS A CD2 1 
ATOM   85   C  CE1 . HIS A 1 16  ? -13.948 -1.999  2.758   1.00 32.66 ? 15  HIS A CE1 1 
ATOM   86   N  NE2 . HIS A 1 16  ? -13.891 -2.810  3.806   1.00 29.96 ? 15  HIS A NE2 1 
ATOM   87   N  N   . SER A 1 17  ? -8.743  -4.984  4.058   1.00 18.81 ? 16  SER A N   1 
ATOM   88   C  CA  . SER A 1 17  ? -8.700  -6.387  4.445   1.00 16.98 ? 16  SER A CA  1 
ATOM   89   C  C   . SER A 1 17  ? -8.162  -6.574  5.870   1.00 17.10 ? 16  SER A C   1 
ATOM   90   O  O   . SER A 1 17  ? -8.737  -7.330  6.676   1.00 14.87 ? 16  SER A O   1 
ATOM   91   C  CB  . SER A 1 17  ? -7.881  -7.210  3.426   1.00 18.45 ? 16  SER A CB  1 
ATOM   92   O  OG  . SER A 1 17  ? -8.516  -7.233  2.153   1.00 19.59 ? 16  SER A OG  1 
ATOM   93   N  N   . ILE A 1 18  ? -7.062  -5.892  6.191   1.00 16.90 ? 17  ILE A N   1 
ATOM   94   C  CA  . ILE A 1 18  ? -6.540  -5.902  7.565   1.00 16.46 ? 17  ILE A CA  1 
ATOM   95   C  C   . ILE A 1 18  ? -7.580  -5.407  8.571   1.00 17.79 ? 17  ILE A C   1 
ATOM   96   O  O   . ILE A 1 18  ? -7.752  -6.006  9.627   1.00 17.09 ? 17  ILE A O   1 
ATOM   97   C  CB  . ILE A 1 18  ? -5.224  -5.112  7.701   1.00 15.54 ? 17  ILE A CB  1 
ATOM   98   C  CG1 . ILE A 1 18  ? -4.153  -5.768  6.805   1.00 19.23 ? 17  ILE A CG1 1 
ATOM   99   C  CG2 . ILE A 1 18  ? -4.780  -5.100  9.179   1.00 17.44 ? 17  ILE A CG2 1 
ATOM   100  C  CD1 . ILE A 1 18  ? -2.908  -4.899  6.518   1.00 16.83 ? 17  ILE A CD1 1 
ATOM   101  N  N   . LEU A 1 19  ? -8.267  -4.317  8.263   1.00 16.81 ? 18  LEU A N   1 
ATOM   102  C  CA  . LEU A 1 19  ? -9.294  -3.828  9.182   1.00 17.67 ? 18  LEU A CA  1 
ATOM   103  C  C   . LEU A 1 19  ? -10.431 -4.851  9.352   1.00 15.16 ? 18  LEU A C   1 
ATOM   104  O  O   . LEU A 1 19  ? -10.922 -5.071  10.455  1.00 14.59 ? 18  LEU A O   1 
ATOM   105  C  CB  . LEU A 1 19  ? -9.836  -2.477  8.749   1.00 17.35 ? 18  LEU A CB  1 
ATOM   106  C  CG  . LEU A 1 19  ? -8.872  -1.293  8.801   1.00 17.34 ? 18  LEU A CG  1 
ATOM   107  C  CD1 . LEU A 1 19  ? -9.453  -0.202  7.920   1.00 13.93 ? 18  LEU A CD1 1 
ATOM   108  C  CD2 . LEU A 1 19  ? -8.637  -0.838  10.201  1.00 18.17 ? 18  LEU A CD2 1 
ATOM   109  N  N   . TYR A 1 20  ? -10.809 -5.510  8.272   1.00 19.11 ? 19  TYR A N   1 
ATOM   110  C  CA  . TYR A 1 20  ? -11.884 -6.478  8.323   1.00 16.42 ? 19  TYR A CA  1 
ATOM   111  C  C   . TYR A 1 20  ? -11.477 -7.661  9.196   1.00 19.91 ? 19  TYR A C   1 
ATOM   112  O  O   . TYR A 1 20  ? -12.235 -8.079  10.104  1.00 18.86 ? 19  TYR A O   1 
ATOM   113  C  CB  . TYR A 1 20  ? -12.278 -6.957  6.935   1.00 17.69 ? 19  TYR A CB  1 
ATOM   114  C  CG  . TYR A 1 20  ? -13.507 -7.835  6.953   1.00 17.12 ? 19  TYR A CG  1 
ATOM   115  C  CD1 . TYR A 1 20  ? -14.784 -7.266  6.848   1.00 21.57 ? 19  TYR A CD1 1 
ATOM   116  C  CD2 . TYR A 1 20  ? -13.411 -9.225  7.115   1.00 19.15 ? 19  TYR A CD2 1 
ATOM   117  C  CE1 . TYR A 1 20  ? -15.945 -8.055  6.869   1.00 20.41 ? 19  TYR A CE1 1 
ATOM   118  C  CE2 . TYR A 1 20  ? -14.585 -10.033 7.149   1.00 17.33 ? 19  TYR A CE2 1 
ATOM   119  C  CZ  . TYR A 1 20  ? -15.839 -9.436  7.005   1.00 13.74 ? 19  TYR A CZ  1 
ATOM   120  O  OH  . TYR A 1 20  ? -17.003 -10.188 7.047   1.00 14.97 ? 19  TYR A OH  1 
ATOM   121  N  N   . LEU A 1 21  ? -10.266 -8.167  8.952   1.00 17.97 ? 20  LEU A N   1 
ATOM   122  C  CA  . LEU A 1 21  ? -9.739  -9.276  9.746   1.00 19.01 ? 20  LEU A CA  1 
ATOM   123  C  C   . LEU A 1 21  ? -9.563  -8.918  11.251  1.00 19.07 ? 20  LEU A C   1 
ATOM   124  O  O   . LEU A 1 21  ? -9.789  -9.758  12.112  1.00 15.29 ? 20  LEU A O   1 
ATOM   125  C  CB  . LEU A 1 21  ? -8.457  -9.822  9.122   1.00 17.20 ? 20  LEU A CB  1 
ATOM   126  C  CG  . LEU A 1 21  ? -8.645  -10.459 7.725   1.00 17.55 ? 20  LEU A CG  1 
ATOM   127  C  CD1 . LEU A 1 21  ? -7.347  -10.775 7.053   1.00 17.96 ? 20  LEU A CD1 1 
ATOM   128  C  CD2 . LEU A 1 21  ? -9.575  -11.683 7.726   1.00 16.67 ? 20  LEU A CD2 1 
ATOM   129  N  N   . ASP A 1 22  ? -9.194  -7.676  11.542  1.00 17.71 ? 21  ASP A N   1 
ATOM   130  C  CA  . ASP A 1 22  ? -9.089  -7.173  12.915  1.00 19.45 ? 21  ASP A CA  1 
ATOM   131  C  C   . ASP A 1 22  ? -10.467 -7.227  13.605  1.00 18.71 ? 21  ASP A C   1 
ATOM   132  O  O   . ASP A 1 22  ? -10.511 -7.372  14.804  1.00 20.25 ? 21  ASP A O   1 
ATOM   133  C  CB  . ASP A 1 22  ? -8.563  -5.721  12.909  1.00 19.72 ? 21  ASP A CB  1 
ATOM   134  C  CG  . ASP A 1 22  ? -8.498  -5.098  14.293  1.00 23.50 ? 21  ASP A CG  1 
ATOM   135  O  OD1 . ASP A 1 22  ? -7.596  -5.488  15.066  1.00 19.71 ? 21  ASP A OD1 1 
ATOM   136  O  OD2 . ASP A 1 22  ? -9.329  -4.213  14.594  1.00 22.56 ? 21  ASP A OD2 1 
ATOM   137  N  N   . ALA A 1 23  ? -11.563 -7.104  12.853  1.00 18.52 ? 22  ALA A N   1 
ATOM   138  C  CA  . ALA A 1 23  ? -12.927 -7.136  13.437  1.00 17.63 ? 22  ALA A CA  1 
ATOM   139  C  C   . ALA A 1 23  ? -13.406 -8.559  13.637  1.00 17.70 ? 22  ALA A C   1 
ATOM   140  O  O   . ALA A 1 23  ? -14.435 -8.795  14.245  1.00 19.97 ? 22  ALA A O   1 
ATOM   141  C  CB  . ALA A 1 23  ? -13.933 -6.328  12.554  1.00 16.44 ? 22  ALA A CB  1 
ATOM   142  N  N   . HIS A 1 24  ? -12.657 -9.538  13.144  1.00 17.61 ? 23  HIS A N   1 
ATOM   143  C  CA  . HIS A 1 24  ? -13.112 -10.912 13.161  1.00 17.12 ? 23  HIS A CA  1 
ATOM   144  C  C   . HIS A 1 24  ? -11.960 -11.835 13.538  1.00 18.29 ? 23  HIS A C   1 
ATOM   145  O  O   . HIS A 1 24  ? -11.727 -12.843 12.881  1.00 15.06 ? 23  HIS A O   1 
ATOM   146  C  CB  . HIS A 1 24  ? -13.670 -11.268 11.784  1.00 18.83 ? 23  HIS A CB  1 
ATOM   147  C  CG  . HIS A 1 24  ? -14.944 -10.560 11.454  1.00 18.47 ? 23  HIS A CG  1 
ATOM   148  N  ND1 . HIS A 1 24  ? -14.986 -9.415  10.681  1.00 24.46 ? 23  HIS A ND1 1 
ATOM   149  C  CD2 . HIS A 1 24  ? -16.214 -10.798 11.845  1.00 19.60 ? 23  HIS A CD2 1 
ATOM   150  C  CE1 . HIS A 1 24  ? -16.238 -8.997  10.594  1.00 15.07 ? 23  HIS A CE1 1 
ATOM   151  N  NE2 . HIS A 1 24  ? -17.001 -9.826  11.281  1.00 22.03 ? 23  HIS A NE2 1 
ATOM   152  N  N   . ARG A 1 25  ? -11.255 -11.490 14.617  1.00 17.41 ? 24  ARG A N   1 
ATOM   153  C  CA  . ARG A 1 25  ? -10.037 -12.219 15.009  1.00 18.82 ? 24  ARG A CA  1 
ATOM   154  C  C   . ARG A 1 25  ? -10.334 -13.633 15.482  1.00 19.80 ? 24  ARG A C   1 
ATOM   155  O  O   . ARG A 1 25  ? -9.442  -14.459 15.479  1.00 22.90 ? 24  ARG A O   1 
ATOM   156  C  CB  . ARG A 1 25  ? -9.248  -11.481 16.091  1.00 18.70 ? 24  ARG A CB  1 
ATOM   157  C  CG  . ARG A 1 25  ? -8.470  -10.314 15.566  1.00 17.77 ? 24  ARG A CG  1 
ATOM   158  C  CD  . ARG A 1 25  ? -8.009  -9.401  16.686  1.00 17.02 ? 24  ARG A CD  1 
ATOM   159  N  NE  . ARG A 1 25  ? -7.276  -8.241  16.184  1.00 22.20 ? 24  ARG A NE  1 
ATOM   160  C  CZ  . ARG A 1 25  ? -5.961  -8.182  15.957  1.00 25.06 ? 24  ARG A CZ  1 
ATOM   161  N  NH1 . ARG A 1 25  ? -5.184  -9.210  16.200  1.00 19.52 ? 24  ARG A NH1 1 
ATOM   162  N  NH2 . ARG A 1 25  ? -5.414  -7.073  15.492  1.00 26.86 ? 24  ARG A NH2 1 
ATOM   163  N  N   . ASP A 1 26  ? -11.582 -13.912 15.850  1.00 20.45 ? 25  ASP A N   1 
ATOM   164  C  CA  . ASP A 1 26  ? -12.025 -15.271 16.190  1.00 25.35 ? 25  ASP A CA  1 
ATOM   165  C  C   . ASP A 1 26  ? -12.304 -16.216 14.992  1.00 25.90 ? 25  ASP A C   1 
ATOM   166  O  O   . ASP A 1 26  ? -12.774 -17.303 15.182  1.00 26.27 ? 25  ASP A O   1 
ATOM   167  C  CB  . ASP A 1 26  ? -13.310 -15.175 17.041  1.00 26.53 ? 25  ASP A CB  1 
ATOM   168  C  CG  . ASP A 1 26  ? -14.533 -14.521 16.260  1.00 46.64 ? 25  ASP A CG  1 
ATOM   169  O  OD1 . ASP A 1 26  ? -14.375 -13.921 15.145  1.00 44.85 ? 25  ASP A OD1 1 
ATOM   170  O  OD2 . ASP A 1 26  ? -15.682 -14.612 16.774  1.00 53.04 ? 25  ASP A OD2 1 
ATOM   171  N  N   . SER A 1 27  ? -12.020 -15.793 13.772  1.00 23.78 ? 26  SER A N   1 
ATOM   172  C  CA  . SER A 1 27  ? -12.541 -16.420 12.569  1.00 23.43 ? 26  SER A CA  1 
ATOM   173  C  C   . SER A 1 27  ? -11.463 -16.518 11.545  1.00 24.38 ? 26  SER A C   1 
ATOM   174  O  O   . SER A 1 27  ? -10.589 -15.651 11.460  1.00 26.48 ? 26  SER A O   1 
ATOM   175  C  CB  . SER A 1 27  ? -13.625 -15.531 11.950  1.00 24.30 ? 26  SER A CB  1 
ATOM   176  O  OG  . SER A 1 27  ? -14.801 -15.606 12.701  1.00 26.97 ? 26  SER A OG  1 
ATOM   177  N  N   . LYS A 1 28  ? -11.545 -17.568 10.755  1.00 22.97 ? 27  LYS A N   1 
ATOM   178  C  CA  . LYS A 1 28  ? -10.917 -17.596 9.458   1.00 24.69 ? 27  LYS A CA  1 
ATOM   179  C  C   . LYS A 1 28  ? -11.909 -17.040 8.435   1.00 23.23 ? 27  LYS A C   1 
ATOM   180  O  O   . LYS A 1 28  ? -13.102 -17.378 8.426   1.00 25.64 ? 27  LYS A O   1 
ATOM   181  C  CB  . LYS A 1 28  ? -10.417 -18.996 9.134   1.00 24.42 ? 27  LYS A CB  1 
ATOM   182  C  CG  . LYS A 1 28  ? -9.300  -19.369 10.108  1.00 24.22 ? 27  LYS A CG  1 
ATOM   183  C  CD  . LYS A 1 28  ? -8.767  -20.727 9.881   1.00 32.63 ? 27  LYS A CD  1 
ATOM   184  C  CE  . LYS A 1 28  ? -7.755  -21.066 10.931  1.00 36.06 ? 27  LYS A CE  1 
ATOM   185  N  NZ  . LYS A 1 28  ? -6.562  -20.210 10.798  1.00 38.71 ? 27  LYS A NZ  1 
ATOM   186  N  N   . VAL A 1 29  ? -11.402 -16.150 7.607   1.00 19.79 ? 28  VAL A N   1 
ATOM   187  C  CA  . VAL A 1 29  ? -12.203 -15.449 6.625   1.00 18.96 ? 28  VAL A CA  1 
ATOM   188  C  C   . VAL A 1 29  ? -11.679 -15.775 5.229   1.00 19.80 ? 28  VAL A C   1 
ATOM   189  O  O   . VAL A 1 29  ? -10.553 -15.408 4.868   1.00 20.38 ? 28  VAL A O   1 
ATOM   190  C  CB  . VAL A 1 29  ? -12.154 -13.925 6.881   1.00 19.07 ? 28  VAL A CB  1 
ATOM   191  C  CG1 . VAL A 1 29  ? -13.035 -13.177 5.874   1.00 16.37 ? 28  VAL A CG1 1 
ATOM   192  C  CG2 . VAL A 1 29  ? -12.569 -13.608 8.359   1.00 14.58 ? 28  VAL A CG2 1 
ATOM   193  N  N   . ALA A 1 30  ? -12.513 -16.431 4.442   1.00 18.23 ? 29  ALA A N   1 
ATOM   194  C  CA  . ALA A 1 30  ? -12.156 -16.768 3.072   1.00 21.02 ? 29  ALA A CA  1 
ATOM   195  C  C   . ALA A 1 30  ? -12.190 -15.529 2.179   1.00 20.82 ? 29  ALA A C   1 
ATOM   196  O  O   . ALA A 1 30  ? -12.795 -14.512 2.539   1.00 17.49 ? 29  ALA A O   1 
ATOM   197  C  CB  . ALA A 1 30  ? -13.088 -17.830 2.560   1.00 20.25 ? 29  ALA A CB  1 
ATOM   198  N  N   . SER A 1 31  ? -11.551 -15.623 1.007   1.00 20.28 ? 30  SER A N   1 
ATOM   199  C  CA  . SER A 1 31  ? -11.522 -14.554 0.008   1.00 23.16 ? 30  SER A CA  1 
ATOM   200  C  C   . SER A 1 31  ? -12.894 -14.042 -0.355  1.00 21.25 ? 30  SER A C   1 
ATOM   201  O  O   . SER A 1 31  ? -13.073 -12.864 -0.608  1.00 23.18 ? 30  SER A O   1 
ATOM   202  C  CB  . SER A 1 31  ? -10.856 -15.050 -1.319  1.00 25.47 ? 30  SER A CB  1 
ATOM   203  O  OG  . SER A 1 31  ? -9.579  -15.608 -1.060  1.00 38.27 ? 30  SER A OG  1 
ATOM   204  N  N   . ARG A 1 32  ? -13.846 -14.959 -0.464  1.00 20.95 ? 31  ARG A N   1 
ATOM   205  C  CA  . ARG A 1 32  ? -15.193 -14.602 -0.871  1.00 22.85 ? 31  ARG A CA  1 
ATOM   206  C  C   . ARG A 1 32  ? -15.855 -13.655 0.111   1.00 20.14 ? 31  ARG A C   1 
ATOM   207  O  O   . ARG A 1 32  ? -16.505 -12.717 -0.316  1.00 20.45 ? 31  ARG A O   1 
ATOM   208  C  CB  . ARG A 1 32  ? -16.040 -15.855 -1.113  1.00 22.16 ? 31  ARG A CB  1 
ATOM   209  C  CG  . ARG A 1 32  ? -15.857 -16.305 -2.547  1.00 27.82 ? 31  ARG A CG  1 
ATOM   210  C  CD  . ARG A 1 32  ? -16.462 -17.651 -2.892  1.00 30.64 ? 31  ARG A CD  1 
ATOM   211  N  NE  . ARG A 1 32  ? -16.033 -18.047 -4.238  1.00 37.69 ? 31  ARG A NE  1 
ATOM   212  N  N   . GLU A 1 33  ? -15.632 -13.876 1.403   1.00 17.81 ? 32  GLU A N   1 
ATOM   213  C  CA  . GLU A 1 33  ? -16.173 -13.022 2.443   1.00 19.64 ? 32  GLU A CA  1 
ATOM   214  C  C   . GLU A 1 33  ? -15.519 -11.640 2.447   1.00 20.08 ? 32  GLU A C   1 
ATOM   215  O  O   . GLU A 1 33  ? -16.193 -10.621 2.554   1.00 16.67 ? 32  GLU A O   1 
ATOM   216  C  CB  . GLU A 1 33  ? -16.012 -13.701 3.811   1.00 21.76 ? 32  GLU A CB  1 
ATOM   217  C  CG  . GLU A 1 33  ? -16.578 -12.872 4.941   1.00 21.89 ? 32  GLU A CG  1 
ATOM   218  C  CD  . GLU A 1 33  ? -16.542 -13.535 6.310   1.00 17.94 ? 32  GLU A CD  1 
ATOM   219  O  OE1 . GLU A 1 33  ? -16.495 -14.778 6.392   1.00 20.36 ? 32  GLU A OE1 1 
ATOM   220  O  OE2 . GLU A 1 33  ? -16.545 -12.779 7.308   1.00 18.12 ? 32  GLU A OE2 1 
ATOM   221  N  N   . LEU A 1 34  ? -14.193 -11.608 2.349   1.00 20.58 ? 33  LEU A N   1 
ATOM   222  C  CA  . LEU A 1 34  ? -13.466 -10.351 2.223   1.00 22.49 ? 33  LEU A CA  1 
ATOM   223  C  C   . LEU A 1 34  ? -13.903 -9.587  0.964   1.00 23.03 ? 33  LEU A C   1 
ATOM   224  O  O   . LEU A 1 34  ? -14.118 -8.356  1.019   1.00 21.64 ? 33  LEU A O   1 
ATOM   225  C  CB  . LEU A 1 34  ? -11.954 -10.574 2.214   1.00 18.72 ? 33  LEU A CB  1 
ATOM   226  C  CG  . LEU A 1 34  ? -11.257 -10.885 3.542   1.00 25.68 ? 33  LEU A CG  1 
ATOM   227  C  CD1 . LEU A 1 34  ? -9.893  -11.539 3.314   1.00 21.16 ? 33  LEU A CD1 1 
ATOM   228  C  CD2 . LEU A 1 34  ? -11.082 -9.617  4.409   1.00 18.55 ? 33  LEU A CD2 1 
ATOM   229  N  N   . ALA A 1 35  ? -14.031 -10.287 -0.161  1.00 23.10 ? 34  ALA A N   1 
ATOM   230  C  CA  . ALA A 1 35  ? -14.440 -9.615  -1.395  1.00 25.07 ? 34  ALA A CA  1 
ATOM   231  C  C   . ALA A 1 35  ? -15.836 -8.975  -1.261  1.00 26.85 ? 34  ALA A C   1 
ATOM   232  O  O   . ALA A 1 35  ? -16.020 -7.812  -1.635  1.00 24.09 ? 34  ALA A O   1 
ATOM   233  C  CB  . ALA A 1 35  ? -14.372 -10.542 -2.565  1.00 21.96 ? 34  ALA A CB  1 
ATOM   234  N  N   . GLN A 1 36  ? -16.803 -9.691  -0.688  1.00 29.84 ? 35  GLN A N   1 
ATOM   235  C  CA  . GLN A 1 36  ? -18.092 -9.059  -0.322  1.00 31.35 ? 35  GLN A CA  1 
ATOM   236  C  C   . GLN A 1 36  ? -17.899 -7.696  0.382   1.00 33.93 ? 35  GLN A C   1 
ATOM   237  O  O   . GLN A 1 36  ? -18.468 -6.698  -0.047  1.00 35.20 ? 35  GLN A O   1 
ATOM   238  C  CB  . GLN A 1 36  ? -18.922 -9.963  0.587   1.00 32.90 ? 35  GLN A CB  1 
ATOM   239  C  CG  . GLN A 1 36  ? -19.492 -11.226 -0.064  1.00 37.42 ? 35  GLN A CG  1 
ATOM   240  C  CD  . GLN A 1 36  ? -20.145 -12.186 0.959   1.00 36.75 ? 35  GLN A CD  1 
ATOM   241  O  OE1 . GLN A 1 36  ? -19.647 -12.383 2.092   1.00 33.51 ? 35  GLN A OE1 1 
ATOM   242  N  NE2 . GLN A 1 36  ? -21.267 -12.772 0.563   1.00 41.79 ? 35  GLN A NE2 1 
ATOM   243  N  N   . SER A 1 37  ? -17.092 -7.650  1.446   1.00 32.96 ? 36  SER A N   1 
ATOM   244  C  CA  . SER A 1 37  ? -16.836 -6.395  2.176   1.00 32.25 ? 36  SER A CA  1 
ATOM   245  C  C   . SER A 1 37  ? -16.110 -5.323  1.333   1.00 31.02 ? 36  SER A C   1 
ATOM   246  O  O   . SER A 1 37  ? -16.442 -4.147  1.406   1.00 29.12 ? 36  SER A O   1 
ATOM   247  C  CB  . SER A 1 37  ? -16.046 -6.669  3.476   1.00 33.70 ? 36  SER A CB  1 
ATOM   248  O  OG  . SER A 1 37  ? -15.593 -5.469  4.109   1.00 35.44 ? 36  SER A OG  1 
ATOM   249  N  N   . LEU A 1 38  ? -15.137 -5.727  0.522   1.00 30.15 ? 37  LEU A N   1 
ATOM   250  C  CA  . LEU A 1 38  ? -14.386 -4.759  -0.266  1.00 32.46 ? 37  LEU A CA  1 
ATOM   251  C  C   . LEU A 1 38  ? -15.134 -4.285  -1.521  1.00 34.60 ? 37  LEU A C   1 
ATOM   252  O  O   . LEU A 1 38  ? -14.694 -3.332  -2.180  1.00 34.02 ? 37  LEU A O   1 
ATOM   253  C  CB  . LEU A 1 38  ? -13.003 -5.308  -0.621  1.00 32.91 ? 37  LEU A CB  1 
ATOM   254  C  CG  . LEU A 1 38  ? -11.969 -5.062  0.486   1.00 32.13 ? 37  LEU A CG  1 
ATOM   255  C  CD1 . LEU A 1 38  ? -12.410 -5.643  1.851   1.00 36.09 ? 37  LEU A CD1 1 
ATOM   256  C  CD2 . LEU A 1 38  ? -10.663 -5.660  0.032   1.00 34.80 ? 37  LEU A CD2 1 
ATOM   257  N  N   . HIS A 1 39  ? -16.254 -4.941  -1.820  1.00 35.27 ? 38  HIS A N   1 
ATOM   258  C  CA  . HIS A 1 39  ? -17.013 -4.741  -3.052  1.00 37.02 ? 38  HIS A CA  1 
ATOM   259  C  C   . HIS A 1 39  ? -16.173 -4.952  -4.294  1.00 36.78 ? 38  HIS A C   1 
ATOM   260  O  O   . HIS A 1 39  ? -16.132 -4.109  -5.183  1.00 37.86 ? 38  HIS A O   1 
ATOM   261  C  CB  . HIS A 1 39  ? -17.738 -3.396  -3.045  1.00 39.49 ? 38  HIS A CB  1 
ATOM   262  C  CG  . HIS A 1 39  ? -18.979 -3.409  -2.210  1.00 46.19 ? 38  HIS A CG  1 
ATOM   263  N  ND1 . HIS A 1 39  ? -19.171 -2.558  -1.142  1.00 55.71 ? 38  HIS A ND1 1 
ATOM   264  C  CD2 . HIS A 1 39  ? -20.071 -4.210  -2.257  1.00 58.22 ? 38  HIS A CD2 1 
ATOM   265  C  CE1 . HIS A 1 39  ? -20.338 -2.819  -0.579  1.00 61.65 ? 38  HIS A CE1 1 
ATOM   266  N  NE2 . HIS A 1 39  ? -20.904 -3.818  -1.237  1.00 64.68 ? 38  HIS A NE2 1 
ATOM   267  N  N   . LEU A 1 40  ? -15.513 -6.110  -4.322  1.00 37.24 ? 39  LEU A N   1 
ATOM   268  C  CA  . LEU A 1 40  ? -14.662 -6.547  -5.412  1.00 36.20 ? 39  LEU A CA  1 
ATOM   269  C  C   . LEU A 1 40  ? -14.894 -8.033  -5.688  1.00 37.55 ? 39  LEU A C   1 
ATOM   270  O  O   . LEU A 1 40  ? -15.400 -8.776  -4.845  1.00 36.83 ? 39  LEU A O   1 
ATOM   271  C  CB  . LEU A 1 40  ? -13.189 -6.295  -5.072  1.00 35.43 ? 39  LEU A CB  1 
ATOM   272  C  CG  . LEU A 1 40  ? -12.723 -4.830  -5.056  1.00 39.68 ? 39  LEU A CG  1 
ATOM   273  C  CD1 . LEU A 1 40  ? -11.285 -4.670  -4.595  1.00 37.34 ? 39  LEU A CD1 1 
ATOM   274  C  CD2 . LEU A 1 40  ? -12.877 -4.174  -6.437  1.00 43.12 ? 39  LEU A CD2 1 
ATOM   275  N  N   . ASN A 1 41  ? -14.558 -8.433  -6.912  1.00 38.88 ? 40  ASN A N   1 
ATOM   276  C  CA  . ASN A 1 41  ? -14.429 -9.818  -7.321  1.00 38.59 ? 40  ASN A CA  1 
ATOM   277  C  C   . ASN A 1 41  ? -13.276 -10.386 -6.518  1.00 36.53 ? 40  ASN A C   1 
ATOM   278  O  O   . ASN A 1 41  ? -12.255 -9.695  -6.367  1.00 33.12 ? 40  ASN A O   1 
ATOM   279  C  CB  . ASN A 1 41  ? -14.056 -9.845  -8.812  1.00 40.83 ? 40  ASN A CB  1 
ATOM   280  C  CG  . ASN A 1 41  ? -14.352 -11.169 -9.481  1.00 50.05 ? 40  ASN A CG  1 
ATOM   281  O  OD1 . ASN A 1 41  ? -13.910 -12.243 -9.033  1.00 56.51 ? 40  ASN A OD1 1 
ATOM   282  N  ND2 . ASN A 1 41  ? -15.083 -11.099 -10.597 1.00 57.77 ? 40  ASN A ND2 1 
ATOM   283  N  N   . PRO A 1 42  ? -13.419 -11.630 -6.009  1.00 36.91 ? 41  PRO A N   1 
ATOM   284  C  CA  . PRO A 1 42  ? -12.276 -12.250 -5.321  1.00 38.42 ? 41  PRO A CA  1 
ATOM   285  C  C   . PRO A 1 42  ? -11.013 -12.309 -6.167  1.00 36.67 ? 41  PRO A C   1 
ATOM   286  O  O   . PRO A 1 42  ? -9.936  -12.086 -5.635  1.00 32.13 ? 41  PRO A O   1 
ATOM   287  C  CB  . PRO A 1 42  ? -12.776 -13.657 -4.972  1.00 38.40 ? 41  PRO A CB  1 
ATOM   288  C  CG  . PRO A 1 42  ? -14.278 -13.525 -4.931  1.00 39.26 ? 41  PRO A CG  1 
ATOM   289  C  CD  . PRO A 1 42  ? -14.621 -12.492 -5.955  1.00 37.42 ? 41  PRO A CD  1 
ATOM   290  N  N   . VAL A 1 43  ? -11.156 -12.571 -7.471  1.00 40.48 ? 42  VAL A N   1 
ATOM   291  C  CA  . VAL A 1 43  ? -10.001 -12.638 -8.395  1.00 40.55 ? 42  VAL A CA  1 
ATOM   292  C  C   . VAL A 1 43  ? -9.145  -11.404 -8.294  1.00 37.69 ? 42  VAL A C   1 
ATOM   293  O  O   . VAL A 1 43  ? -7.954  -11.494 -8.485  1.00 39.93 ? 42  VAL A O   1 
ATOM   294  C  CB  . VAL A 1 43  ? -10.381 -12.819 -9.922  1.00 42.49 ? 42  VAL A CB  1 
ATOM   295  C  CG1 . VAL A 1 43  ? -10.982 -11.550 -10.504 1.00 40.28 ? 42  VAL A CG1 1 
ATOM   296  C  CG2 . VAL A 1 43  ? -9.140  -13.190 -10.732 1.00 40.80 ? 42  VAL A CG2 1 
HETATM 297  N  N   . MSE A 1 44  ? -9.751  -10.267 -7.983  1.00 39.30 ? 43  MSE A N   1 
HETATM 298  C  CA  . MSE A 1 44  ? -9.013  -8.996  -7.868  1.00 42.60 ? 43  MSE A CA  1 
HETATM 299  C  C   . MSE A 1 44  ? -8.318  -8.710  -6.550  1.00 37.99 ? 43  MSE A C   1 
HETATM 300  O  O   . MSE A 1 44  ? -7.528  -7.762  -6.478  1.00 34.17 ? 43  MSE A O   1 
HETATM 301  C  CB  . MSE A 1 44  ? -9.949  -7.828  -8.149  1.00 43.25 ? 43  MSE A CB  1 
HETATM 302  C  CG  . MSE A 1 44  ? -10.498 -7.851  -9.554  1.00 48.75 ? 43  MSE A CG  1 
HETATM 303  SE SE  . MSE A 1 44  ? -12.043 -6.721  -9.670  0.75 56.90 ? 43  MSE A SE  1 
HETATM 304  C  CE  . MSE A 1 44  ? -12.665 -7.307  -11.474 1.00 54.90 ? 43  MSE A CE  1 
ATOM   305  N  N   . ILE A 1 45  ? -8.653  -9.455  -5.496  1.00 35.30 ? 44  ILE A N   1 
ATOM   306  C  CA  . ILE A 1 45  ? -8.004  -9.266  -4.194  1.00 31.83 ? 44  ILE A CA  1 
ATOM   307  C  C   . ILE A 1 45  ? -7.079  -10.432 -3.800  1.00 33.63 ? 44  ILE A C   1 
ATOM   308  O  O   . ILE A 1 45  ? -6.351  -10.342 -2.802  1.00 31.85 ? 44  ILE A O   1 
ATOM   309  C  CB  . ILE A 1 45  ? -9.034  -9.047  -3.030  1.00 32.55 ? 44  ILE A CB  1 
ATOM   310  C  CG1 . ILE A 1 45  ? -9.917  -10.272 -2.786  1.00 26.76 ? 44  ILE A CG1 1 
ATOM   311  C  CG2 . ILE A 1 45  ? -9.876  -7.814  -3.260  1.00 25.25 ? 44  ILE A CG2 1 
ATOM   312  C  CD1 . ILE A 1 45  ? -10.738 -10.163 -1.521  1.00 28.25 ? 44  ILE A CD1 1 
ATOM   313  N  N   . ARG A 1 46  ? -7.149  -11.524 -4.555  1.00 33.13 ? 45  ARG A N   1 
ATOM   314  C  CA  . ARG A 1 46  ? -6.443  -12.770 -4.254  1.00 32.84 ? 45  ARG A CA  1 
ATOM   315  C  C   . ARG A 1 46  ? -4.948  -12.529 -4.193  1.00 28.13 ? 45  ARG A C   1 
ATOM   316  O  O   . ARG A 1 46  ? -4.264  -13.035 -3.304  1.00 27.00 ? 45  ARG A O   1 
ATOM   317  C  CB  . ARG A 1 46  ? -6.801  -13.841 -5.320  1.00 32.27 ? 45  ARG A CB  1 
ATOM   318  C  CG  . ARG A 1 46  ? -5.925  -15.127 -5.368  1.00 37.81 ? 45  ARG A CG  1 
ATOM   319  C  CD  . ARG A 1 46  ? -6.469  -16.199 -6.426  1.00 38.74 ? 45  ARG A CD  1 
ATOM   320  N  NE  . ARG A 1 46  ? -5.927  -17.561 -6.247  1.00 40.64 ? 45  ARG A NE  1 
ATOM   321  C  CZ  . ARG A 1 46  ? -6.154  -18.348 -5.175  1.00 48.41 ? 45  ARG A CZ  1 
ATOM   322  N  NH1 . ARG A 1 46  ? -6.896  -17.940 -4.137  1.00 53.53 ? 45  ARG A NH1 1 
ATOM   323  N  NH2 . ARG A 1 46  ? -5.619  -19.562 -5.117  1.00 38.16 ? 45  ARG A NH2 1 
ATOM   324  N  N   . ASN A 1 47  ? -4.446  -11.750 -5.134  1.00 23.54 ? 46  ASN A N   1 
ATOM   325  C  CA  . ASN A 1 47  ? -3.036  -11.457 -5.172  1.00 27.28 ? 46  ASN A CA  1 
ATOM   326  C  C   . ASN A 1 47  ? -2.563  -10.671 -3.962  1.00 24.66 ? 46  ASN A C   1 
ATOM   327  O  O   . ASN A 1 47  ? -1.533  -10.992 -3.389  1.00 24.92 ? 46  ASN A O   1 
ATOM   328  C  CB  . ASN A 1 47  ? -2.632  -10.718 -6.448  1.00 27.95 ? 46  ASN A CB  1 
ATOM   329  C  CG  . ASN A 1 47  ? -1.135  -10.480 -6.518  1.00 31.82 ? 46  ASN A CG  1 
ATOM   330  O  OD1 . ASN A 1 47  ? -0.356  -11.422 -6.648  1.00 39.65 ? 46  ASN A OD1 1 
ATOM   331  N  ND2 . ASN A 1 47  ? -0.722  -9.216  -6.388  1.00 33.77 ? 46  ASN A ND2 1 
ATOM   332  N  N   . ILE A 1 48  ? -3.299  -9.638  -3.583  1.00 25.27 ? 47  ILE A N   1 
ATOM   333  C  CA  . ILE A 1 48  ? -2.897  -8.823  -2.422  1.00 25.74 ? 47  ILE A CA  1 
ATOM   334  C  C   . ILE A 1 48  ? -2.950  -9.628  -1.109  1.00 22.43 ? 47  ILE A C   1 
ATOM   335  O  O   . ILE A 1 48  ? -2.057  -9.513  -0.291  1.00 20.79 ? 47  ILE A O   1 
ATOM   336  C  CB  . ILE A 1 48  ? -3.724  -7.510  -2.340  1.00 26.90 ? 47  ILE A CB  1 
ATOM   337  C  CG1 . ILE A 1 48  ? -3.207  -6.553  -3.403  1.00 27.36 ? 47  ILE A CG1 1 
ATOM   338  C  CG2 . ILE A 1 48  ? -3.564  -6.820  -0.950  1.00 30.14 ? 47  ILE A CG2 1 
ATOM   339  C  CD1 . ILE A 1 48  ? -1.704  -6.167  -3.190  1.00 32.53 ? 47  ILE A CD1 1 
ATOM   340  N  N   . LEU A 1 49  ? -3.984  -10.449 -0.932  1.00 20.55 ? 48  LEU A N   1 
ATOM   341  C  CA  . LEU A 1 49  ? -4.103  -11.266 0.276   1.00 22.21 ? 48  LEU A CA  1 
ATOM   342  C  C   . LEU A 1 49  ? -2.912  -12.242 0.355   1.00 21.65 ? 48  LEU A C   1 
ATOM   343  O  O   . LEU A 1 49  ? -2.377  -12.468 1.426   1.00 20.75 ? 48  LEU A O   1 
ATOM   344  C  CB  . LEU A 1 49  ? -5.428  -12.001 0.323   1.00 22.02 ? 48  LEU A CB  1 
ATOM   345  C  CG  . LEU A 1 49  ? -6.691  -11.157 0.496   1.00 26.34 ? 48  LEU A CG  1 
ATOM   346  C  CD1 . LEU A 1 49  ? -7.933  -12.071 0.418   1.00 29.52 ? 48  LEU A CD1 1 
ATOM   347  C  CD2 . LEU A 1 49  ? -6.682  -10.366 1.783   1.00 30.18 ? 48  LEU A CD2 1 
ATOM   348  N  N   . SER A 1 50  ? -2.508  -12.768 -0.801  1.00 17.74 ? 49  SER A N   1 
ATOM   349  C  CA  . SER A 1 50  ? -1.358  -13.655 -0.918  1.00 20.16 ? 49  SER A CA  1 
ATOM   350  C  C   . SER A 1 50  ? -0.065  -12.935 -0.558  1.00 21.65 ? 49  SER A C   1 
ATOM   351  O  O   . SER A 1 50  ? 0.715   -13.438 0.244   1.00 20.29 ? 49  SER A O   1 
ATOM   352  C  CB  . SER A 1 50  ? -1.290  -14.229 -2.322  1.00 21.14 ? 49  SER A CB  1 
ATOM   353  O  OG  . SER A 1 50  ? -0.011  -14.713 -2.608  1.00 26.56 ? 49  SER A OG  1 
ATOM   354  N  N   . VAL A 1 51  ? 0.121   -11.730 -1.095  1.00 22.09 ? 50  VAL A N   1 
ATOM   355  C  CA  . VAL A 1 51  ? 1.287   -10.879 -0.765  1.00 21.59 ? 50  VAL A CA  1 
ATOM   356  C  C   . VAL A 1 51  ? 1.336   -10.562 0.753   1.00 19.28 ? 50  VAL A C   1 
ATOM   357  O  O   . VAL A 1 51  ? 2.398   -10.601 1.384   1.00 18.14 ? 50  VAL A O   1 
ATOM   358  C  CB  . VAL A 1 51  ? 1.306   -9.581  -1.637  1.00 20.42 ? 50  VAL A CB  1 
ATOM   359  C  CG1 . VAL A 1 51  ? 2.400   -8.619  -1.198  1.00 24.30 ? 50  VAL A CG1 1 
ATOM   360  C  CG2 . VAL A 1 51  ? 1.519   -9.929  -3.095  1.00 24.86 ? 50  VAL A CG2 1 
ATOM   361  N  N   . LEU A 1 52  ? 0.196   -10.258 1.348   1.00 16.31 ? 51  LEU A N   1 
ATOM   362  C  CA  . LEU A 1 52  ? 0.166   -9.946  2.779   1.00 17.45 ? 51  LEU A CA  1 
ATOM   363  C  C   . LEU A 1 52  ? 0.522   -11.189 3.609   1.00 17.29 ? 51  LEU A C   1 
ATOM   364  O  O   . LEU A 1 52  ? 1.292   -11.109 4.556   1.00 16.48 ? 51  LEU A O   1 
ATOM   365  C  CB  . LEU A 1 52  ? -1.209  -9.437  3.167   1.00 15.80 ? 51  LEU A CB  1 
ATOM   366  C  CG  . LEU A 1 52  ? -1.564  -8.026  2.692   1.00 17.01 ? 51  LEU A CG  1 
ATOM   367  C  CD1 . LEU A 1 52  ? -3.035  -7.757  3.102   1.00 14.63 ? 51  LEU A CD1 1 
ATOM   368  C  CD2 . LEU A 1 52  ? -0.579  -6.949  3.273   1.00 19.23 ? 51  LEU A CD2 1 
ATOM   369  N  N   . HIS A 1 53  ? -0.072  -12.326 3.243   1.00 17.74 ? 52  HIS A N   1 
ATOM   370  C  CA  . HIS A 1 53  ? 0.273   -13.612 3.803   1.00 20.03 ? 52  HIS A CA  1 
ATOM   371  C  C   . HIS A 1 53  ? 1.760   -13.950 3.688   1.00 21.07 ? 52  HIS A C   1 
ATOM   372  O  O   . HIS A 1 53  ? 2.366   -14.260 4.685   1.00 19.25 ? 52  HIS A O   1 
ATOM   373  C  CB  . HIS A 1 53  ? -0.524  -14.729 3.172   1.00 19.24 ? 52  HIS A CB  1 
ATOM   374  C  CG  . HIS A 1 53  ? -0.259  -16.063 3.784   1.00 17.56 ? 52  HIS A CG  1 
ATOM   375  N  ND1 . HIS A 1 53  ? -0.186  -16.252 5.151   1.00 23.46 ? 52  HIS A ND1 1 
ATOM   376  C  CD2 . HIS A 1 53  ? -0.051  -17.274 3.227   1.00 23.63 ? 52  HIS A CD2 1 
ATOM   377  C  CE1 . HIS A 1 53  ? 0.085   -17.523 5.397   1.00 19.46 ? 52  HIS A CE1 1 
ATOM   378  N  NE2 . HIS A 1 53  ? 0.136   -18.168 4.251   1.00 20.09 ? 52  HIS A NE2 1 
ATOM   379  N  N   . LYS A 1 54  ? 2.333   -13.880 2.493   1.00 20.78 ? 53  LYS A N   1 
ATOM   380  C  CA  . LYS A 1 54  ? 3.750   -14.196 2.289   1.00 23.95 ? 53  LYS A CA  1 
ATOM   381  C  C   . LYS A 1 54  ? 4.693   -13.339 3.118   1.00 24.38 ? 53  LYS A C   1 
ATOM   382  O  O   . LYS A 1 54  ? 5.784   -13.771 3.458   1.00 22.32 ? 53  LYS A O   1 
ATOM   383  C  CB  . LYS A 1 54  ? 4.144   -14.075 0.800   1.00 24.19 ? 53  LYS A CB  1 
ATOM   384  C  CG  . LYS A 1 54  ? 3.514   -15.155 -0.051  1.00 31.91 ? 53  LYS A CG  1 
ATOM   385  C  CD  . LYS A 1 54  ? 3.793   -14.990 -1.558  1.00 29.51 ? 53  LYS A CD  1 
ATOM   386  C  CE  . LYS A 1 54  ? 3.208   -16.195 -2.310  1.00 30.99 ? 53  LYS A CE  1 
ATOM   387  N  NZ  . LYS A 1 54  ? 3.656   -16.331 -3.736  1.00 31.54 ? 53  LYS A NZ  1 
ATOM   388  N  N   . HIS A 1 55  ? 4.267   -12.122 3.445   1.00 23.01 ? 54  HIS A N   1 
ATOM   389  C  CA  . HIS A 1 55  ? 5.094   -11.186 4.194   1.00 21.44 ? 54  HIS A CA  1 
ATOM   390  C  C   . HIS A 1 55  ? 4.757   -11.075 5.686   1.00 22.23 ? 54  HIS A C   1 
ATOM   391  O  O   . HIS A 1 55  ? 5.247   -10.194 6.354   1.00 21.00 ? 54  HIS A O   1 
ATOM   392  C  CB  . HIS A 1 55  ? 5.056   -9.834  3.509   1.00 21.91 ? 54  HIS A CB  1 
ATOM   393  C  CG  . HIS A 1 55  ? 5.775   -9.826  2.201   1.00 21.70 ? 54  HIS A CG  1 
ATOM   394  N  ND1 . HIS A 1 55  ? 5.139   -10.084 1.006   1.00 25.50 ? 54  HIS A ND1 1 
ATOM   395  C  CD2 . HIS A 1 55  ? 7.082   -9.647  1.903   1.00 26.10 ? 54  HIS A CD2 1 
ATOM   396  C  CE1 . HIS A 1 55  ? 6.026   -10.057 0.025   1.00 30.96 ? 54  HIS A CE1 1 
ATOM   397  N  NE2 . HIS A 1 55  ? 7.210   -9.787  0.542   1.00 29.54 ? 54  HIS A NE2 1 
ATOM   398  N  N   . GLY A 1 56  ? 3.938   -11.984 6.182   1.00 19.23 ? 55  GLY A N   1 
ATOM   399  C  CA  . GLY A 1 56  ? 3.742   -12.155 7.612   1.00 22.03 ? 55  GLY A CA  1 
ATOM   400  C  C   . GLY A 1 56  ? 2.622   -11.353 8.247   1.00 19.85 ? 55  GLY A C   1 
ATOM   401  O  O   . GLY A 1 56  ? 2.504   -11.380 9.452   1.00 20.02 ? 55  GLY A O   1 
ATOM   402  N  N   . TYR A 1 57  ? 1.793   -10.668 7.450   1.00 19.57 ? 56  TYR A N   1 
ATOM   403  C  CA  . TYR A 1 57  ? 0.688   -9.855  7.994   1.00 19.58 ? 56  TYR A CA  1 
ATOM   404  C  C   . TYR A 1 57  ? -0.455  -10.696 8.525   1.00 19.54 ? 56  TYR A C   1 
ATOM   405  O  O   . TYR A 1 57  ? -1.094  -10.318 9.500   1.00 20.19 ? 56  TYR A O   1 
ATOM   406  C  CB  . TYR A 1 57  ? 0.114   -8.851  6.969   1.00 18.63 ? 56  TYR A CB  1 
ATOM   407  C  CG  . TYR A 1 57  ? 1.044   -7.700  6.669   1.00 19.73 ? 56  TYR A CG  1 
ATOM   408  C  CD1 . TYR A 1 57  ? 2.040   -7.806  5.707   1.00 18.01 ? 56  TYR A CD1 1 
ATOM   409  C  CD2 . TYR A 1 57  ? 0.901   -6.491  7.323   1.00 17.34 ? 56  TYR A CD2 1 
ATOM   410  C  CE1 . TYR A 1 57  ? 2.907   -6.714  5.439   1.00 20.31 ? 56  TYR A CE1 1 
ATOM   411  C  CE2 . TYR A 1 57  ? 1.765   -5.417  7.086   1.00 19.31 ? 56  TYR A CE2 1 
ATOM   412  C  CZ  . TYR A 1 57  ? 2.783   -5.545  6.155   1.00 15.66 ? 56  TYR A CZ  1 
ATOM   413  O  OH  . TYR A 1 57  ? 3.579   -4.456  5.897   1.00 17.68 ? 56  TYR A OH  1 
ATOM   414  N  N   . LEU A 1 58  ? -0.691  -11.832 7.867   1.00 19.57 ? 57  LEU A N   1 
ATOM   415  C  CA  . LEU A 1 58  ? -1.890  -12.627 8.009   1.00 19.67 ? 57  LEU A CA  1 
ATOM   416  C  C   . LEU A 1 58  ? -1.463  -14.080 8.008   1.00 20.25 ? 57  LEU A C   1 
ATOM   417  O  O   . LEU A 1 58  ? -0.497  -14.427 7.336   1.00 19.46 ? 57  LEU A O   1 
ATOM   418  C  CB  . LEU A 1 58  ? -2.810  -12.420 6.796   1.00 20.69 ? 57  LEU A CB  1 
ATOM   419  C  CG  . LEU A 1 58  ? -3.289  -11.055 6.414   1.00 25.60 ? 57  LEU A CG  1 
ATOM   420  C  CD1 . LEU A 1 58  ? -4.193  -11.123 5.183   1.00 20.59 ? 57  LEU A CD1 1 
ATOM   421  C  CD2 . LEU A 1 58  ? -3.991  -10.446 7.628   1.00 28.12 ? 57  LEU A CD2 1 
ATOM   422  N  N   . THR A 1 59  ? -2.154  -14.912 8.777   1.00 20.37 ? 58  THR A N   1 
ATOM   423  C  CA  . THR A 1 59  ? -2.087  -16.358 8.581   1.00 21.38 ? 58  THR A CA  1 
ATOM   424  C  C   . THR A 1 59  ? -3.096  -16.783 7.497   1.00 19.85 ? 58  THR A C   1 
ATOM   425  O  O   . THR A 1 59  ? -4.033  -16.066 7.206   1.00 18.47 ? 58  THR A O   1 
ATOM   426  C  CB  . THR A 1 59  ? -2.377  -17.155 9.869   1.00 24.57 ? 58  THR A CB  1 
ATOM   427  O  OG1 . THR A 1 59  ? -3.748  -16.982 10.216  1.00 24.60 ? 58  THR A OG1 1 
ATOM   428  C  CG2 . THR A 1 59  ? -1.450  -16.710 11.010  1.00 21.12 ? 58  THR A CG2 1 
ATOM   429  N  N   . GLY A 1 60  ? -2.882  -17.947 6.890   1.00 18.40 ? 59  GLY A N   1 
ATOM   430  C  CA  . GLY A 1 60  ? -3.707  -18.374 5.766   1.00 21.35 ? 59  GLY A CA  1 
ATOM   431  C  C   . GLY A 1 60  ? -3.865  -19.881 5.564   1.00 22.89 ? 59  GLY A C   1 
ATOM   432  O  O   . GLY A 1 60  ? -3.293  -20.423 4.635   1.00 29.13 ? 59  GLY A O   1 
ATOM   433  N  N   A THR A 1 61  ? -4.682  -20.520 6.403   0.50 22.36 ? 60  THR A N   1 
ATOM   434  N  N   B THR A 1 61  ? -4.670  -20.519 6.413   0.50 21.45 ? 60  THR A N   1 
ATOM   435  C  CA  A THR A 1 61  ? -4.960  -21.943 6.291   0.50 20.53 ? 60  THR A CA  1 
ATOM   436  C  CA  B THR A 1 61  ? -4.982  -21.937 6.325   0.50 18.59 ? 60  THR A CA  1 
ATOM   437  C  C   A THR A 1 61  ? -5.820  -22.224 5.056   0.50 19.49 ? 60  THR A C   1 
ATOM   438  C  C   B THR A 1 61  ? -5.847  -22.245 5.084   0.50 18.60 ? 60  THR A C   1 
ATOM   439  O  O   A THR A 1 61  ? -6.771  -21.499 4.751   0.50 18.77 ? 60  THR A O   1 
ATOM   440  O  O   B THR A 1 61  ? -6.827  -21.553 4.799   0.50 17.99 ? 60  THR A O   1 
ATOM   441  C  CB  A THR A 1 61  ? -5.666  -22.522 7.543   0.50 22.59 ? 60  THR A CB  1 
ATOM   442  C  CB  B THR A 1 61  ? -5.693  -22.402 7.617   0.50 20.47 ? 60  THR A CB  1 
ATOM   443  O  OG1 A THR A 1 61  ? -7.084  -22.324 7.455   0.50 24.99 ? 60  THR A OG1 1 
ATOM   444  O  OG1 B THR A 1 61  ? -4.845  -22.136 8.743   0.50 20.84 ? 60  THR A OG1 1 
ATOM   445  C  CG2 A THR A 1 61  ? -5.130  -21.887 8.819   0.50 22.43 ? 60  THR A CG2 1 
ATOM   446  C  CG2 B THR A 1 61  ? -6.021  -23.897 7.587   0.50 13.56 ? 60  THR A CG2 1 
ATOM   447  N  N   . VAL A 1 62  ? -5.464  -23.278 4.350   1.00 17.09 ? 61  VAL A N   1 
ATOM   448  C  CA  . VAL A 1 62  ? -6.155  -23.692 3.125   1.00 16.10 ? 61  VAL A CA  1 
ATOM   449  C  C   . VAL A 1 62  ? -7.161  -24.812 3.405   1.00 17.95 ? 61  VAL A C   1 
ATOM   450  O  O   . VAL A 1 62  ? -6.902  -25.730 4.199   1.00 18.26 ? 61  VAL A O   1 
ATOM   451  C  CB  . VAL A 1 62  ? -5.130  -24.138 2.064   1.00 17.02 ? 61  VAL A CB  1 
ATOM   452  C  CG1 . VAL A 1 62  ? -5.821  -24.586 0.775   1.00 15.61 ? 61  VAL A CG1 1 
ATOM   453  C  CG2 . VAL A 1 62  ? -4.106  -23.010 1.815   1.00 12.65 ? 61  VAL A CG2 1 
ATOM   454  N  N   . GLY A 1 63  ? -8.319  -24.718 2.744   1.00 14.96 ? 62  GLY A N   1 
ATOM   455  C  CA  . GLY A 1 63  ? -9.230  -25.832 2.582   1.00 17.17 ? 62  GLY A CA  1 
ATOM   456  C  C   . GLY A 1 63  ? -10.605 -25.508 3.124   1.00 18.86 ? 62  GLY A C   1 
ATOM   457  O  O   . GLY A 1 63  ? -10.941 -24.341 3.292   1.00 17.02 ? 62  GLY A O   1 
ATOM   458  N  N   . LYS A 1 64  ? -11.367 -26.548 3.445   1.00 22.76 ? 63  LYS A N   1 
ATOM   459  C  CA  . LYS A 1 64  ? -12.718 -26.393 4.017   1.00 25.44 ? 63  LYS A CA  1 
ATOM   460  C  C   . LYS A 1 64  ? -12.675 -25.632 5.343   1.00 25.21 ? 63  LYS A C   1 
ATOM   461  O  O   . LYS A 1 64  ? -11.902 -25.964 6.251   1.00 24.23 ? 63  LYS A O   1 
ATOM   462  C  CB  . LYS A 1 64  ? -13.370 -27.761 4.222   1.00 24.79 ? 63  LYS A CB  1 
ATOM   463  C  CG  . LYS A 1 64  ? -14.873 -27.679 4.476   1.00 30.25 ? 63  LYS A CG  1 
ATOM   464  C  CD  . LYS A 1 64  ? -15.477 -29.050 4.696   1.00 29.14 ? 63  LYS A CD  1 
ATOM   465  C  CE  . LYS A 1 64  ? -17.000 -28.996 4.903   1.00 37.20 ? 63  LYS A CE  1 
ATOM   466  N  NZ  . LYS A 1 64  ? -17.784 -28.611 3.666   1.00 47.31 ? 63  LYS A NZ  1 
ATOM   467  N  N   . ASN A 1 65  ? -13.485 -24.589 5.446   1.00 26.47 ? 64  ASN A N   1 
ATOM   468  C  CA  . ASN A 1 65  ? -13.437 -23.686 6.602   1.00 30.81 ? 64  ASN A CA  1 
ATOM   469  C  C   . ASN A 1 65  ? -12.075 -23.017 6.848   1.00 30.11 ? 64  ASN A C   1 
ATOM   470  O  O   . ASN A 1 65  ? -11.861 -22.438 7.936   1.00 30.11 ? 64  ASN A O   1 
ATOM   471  C  CB  . ASN A 1 65  ? -13.885 -24.400 7.888   1.00 34.28 ? 64  ASN A CB  1 
ATOM   472  C  CG  . ASN A 1 65  ? -15.234 -25.040 7.747   1.00 37.14 ? 64  ASN A CG  1 
ATOM   473  O  OD1 . ASN A 1 65  ? -16.158 -24.450 7.162   1.00 44.37 ? 64  ASN A OD1 1 
ATOM   474  N  ND2 . ASN A 1 65  ? -15.365 -26.255 8.272   1.00 39.27 ? 64  ASN A ND2 1 
ATOM   475  N  N   . GLY A 1 66  ? -11.175 -23.088 5.858   1.00 25.89 ? 65  GLY A N   1 
ATOM   476  C  CA  . GLY A 1 66  ? -9.898  -22.371 5.909   1.00 26.69 ? 65  GLY A CA  1 
ATOM   477  C  C   . GLY A 1 66  ? -10.106 -20.882 5.655   1.00 25.29 ? 65  GLY A C   1 
ATOM   478  O  O   . GLY A 1 66  ? -11.242 -20.410 5.528   1.00 23.71 ? 65  GLY A O   1 
ATOM   479  N  N   . GLY A 1 67  ? -9.010  -20.145 5.536   1.00 19.74 ? 66  GLY A N   1 
ATOM   480  C  CA  . GLY A 1 67  ? -9.095  -18.732 5.265   1.00 16.92 ? 66  GLY A CA  1 
ATOM   481  C  C   . GLY A 1 67  ? -8.043  -17.966 6.015   1.00 18.71 ? 66  GLY A C   1 
ATOM   482  O  O   . GLY A 1 67  ? -7.265  -18.550 6.768   1.00 17.33 ? 66  GLY A O   1 
ATOM   483  N  N   . TYR A 1 68  ? -8.100  -16.656 5.841   1.00 17.92 ? 67  TYR A N   1 
ATOM   484  C  CA  . TYR A 1 68  ? -7.171  -15.720 6.441   1.00 18.71 ? 67  TYR A CA  1 
ATOM   485  C  C   . TYR A 1 68  ? -7.570  -15.311 7.831   1.00 18.38 ? 67  TYR A C   1 
ATOM   486  O  O   . TYR A 1 68  ? -8.738  -15.201 8.187   1.00 16.14 ? 67  TYR A O   1 
ATOM   487  C  CB  . TYR A 1 68  ? -7.028  -14.490 5.554   1.00 17.86 ? 67  TYR A CB  1 
ATOM   488  C  CG  . TYR A 1 68  ? -6.451  -14.804 4.188   1.00 23.79 ? 67  TYR A CG  1 
ATOM   489  C  CD1 . TYR A 1 68  ? -5.090  -15.040 4.038   1.00 19.37 ? 67  TYR A CD1 1 
ATOM   490  C  CD2 . TYR A 1 68  ? -7.262  -14.882 3.051   1.00 20.96 ? 67  TYR A CD2 1 
ATOM   491  C  CE1 . TYR A 1 68  ? -4.541  -15.334 2.800   1.00 17.60 ? 67  TYR A CE1 1 
ATOM   492  C  CE2 . TYR A 1 68  ? -6.708  -15.192 1.783   1.00 23.44 ? 67  TYR A CE2 1 
ATOM   493  C  CZ  . TYR A 1 68  ? -5.341  -15.421 1.677   1.00 27.27 ? 67  TYR A CZ  1 
ATOM   494  O  OH  . TYR A 1 68  ? -4.763  -15.755 0.458   1.00 21.55 ? 67  TYR A OH  1 
ATOM   495  N  N   . GLN A 1 69  ? -6.556  -15.059 8.631   1.00 18.56 ? 68  GLN A N   1 
ATOM   496  C  CA  . GLN A 1 69  ? -6.776  -14.682 9.997   1.00 20.31 ? 68  GLN A CA  1 
ATOM   497  C  C   . GLN A 1 69  ? -5.650  -13.701 10.414  1.00 20.08 ? 68  GLN A C   1 
ATOM   498  O  O   . GLN A 1 69  ? -4.506  -13.747 9.923   1.00 19.34 ? 68  GLN A O   1 
ATOM   499  C  CB  . GLN A 1 69  ? -6.877  -15.931 10.883  1.00 20.38 ? 68  GLN A CB  1 
ATOM   500  C  CG  . GLN A 1 69  ? -7.305  -15.644 12.324  1.00 23.46 ? 68  GLN A CG  1 
ATOM   501  C  CD  . GLN A 1 69  ? -7.645  -16.927 13.100  1.00 19.46 ? 68  GLN A CD  1 
ATOM   502  O  OE1 . GLN A 1 69  ? -7.011  -17.960 12.913  1.00 31.24 ? 68  GLN A OE1 1 
ATOM   503  N  NE2 . GLN A 1 69  ? -8.665  -16.856 13.943  1.00 22.43 ? 68  GLN A NE2 1 
ATOM   504  N  N   . LEU A 1 70  ? -6.030  -12.735 11.218  1.00 19.98 ? 69  LEU A N   1 
ATOM   505  C  CA  . LEU A 1 70  ? -5.102  -11.764 11.747  1.00 18.45 ? 69  LEU A CA  1 
ATOM   506  C  C   . LEU A 1 70  ? -4.897  -12.107 13.203  1.00 21.06 ? 69  LEU A C   1 
ATOM   507  O  O   . LEU A 1 70  ? -5.858  -12.186 13.955  1.00 21.60 ? 69  LEU A O   1 
ATOM   508  C  CB  . LEU A 1 70  ? -5.686  -10.353 11.629  1.00 19.92 ? 69  LEU A CB  1 
ATOM   509  C  CG  . LEU A 1 70  ? -4.790  -9.216  12.030  1.00 17.81 ? 69  LEU A CG  1 
ATOM   510  C  CD1 . LEU A 1 70  ? -3.569  -9.090  11.110  1.00 23.11 ? 69  LEU A CD1 1 
ATOM   511  C  CD2 . LEU A 1 70  ? -5.574  -7.824  12.154  1.00 17.75 ? 69  LEU A CD2 1 
ATOM   512  N  N   . ASP A 1 71  ? -3.639  -12.252 13.602  1.00 21.42 ? 70  ASP A N   1 
ATOM   513  C  CA  . ASP A 1 71  ? -3.298  -12.441 14.992  1.00 23.22 ? 70  ASP A CA  1 
ATOM   514  C  C   . ASP A 1 71  ? -2.160  -11.534 15.437  1.00 23.96 ? 70  ASP A C   1 
ATOM   515  O  O   . ASP A 1 71  ? -1.580  -11.767 16.486  1.00 26.66 ? 70  ASP A O   1 
ATOM   516  C  CB  . ASP A 1 71  ? -2.995  -13.926 15.324  1.00 25.16 ? 70  ASP A CB  1 
ATOM   517  C  CG  . ASP A 1 71  ? -1.807  -14.503 14.541  1.00 32.54 ? 70  ASP A CG  1 
ATOM   518  O  OD1 . ASP A 1 71  ? -1.000  -13.735 13.979  1.00 29.93 ? 70  ASP A OD1 1 
ATOM   519  O  OD2 . ASP A 1 71  ? -1.669  -15.746 14.476  1.00 38.13 ? 70  ASP A OD2 1 
ATOM   520  N  N   . LEU A 1 72  ? -1.866  -10.491 14.672  1.00 22.35 ? 71  LEU A N   1 
ATOM   521  C  CA  . LEU A 1 72  ? -0.860  -9.502  15.056  1.00 22.88 ? 71  LEU A CA  1 
ATOM   522  C  C   . LEU A 1 72  ? -1.547  -8.142  15.303  1.00 21.71 ? 71  LEU A C   1 
ATOM   523  O  O   . LEU A 1 72  ? -2.741  -7.969  14.992  1.00 20.38 ? 71  LEU A O   1 
ATOM   524  C  CB  . LEU A 1 72  ? 0.246   -9.418  14.000  1.00 21.02 ? 71  LEU A CB  1 
ATOM   525  C  CG  . LEU A 1 72  ? 1.034   -10.728 13.757  1.00 25.10 ? 71  LEU A CG  1 
ATOM   526  C  CD1 . LEU A 1 72  ? 1.802   -10.606 12.446  1.00 23.13 ? 71  LEU A CD1 1 
ATOM   527  C  CD2 . LEU A 1 72  ? 2.006   -11.043 14.902  1.00 20.91 ? 71  LEU A CD2 1 
ATOM   528  N  N   . ALA A 1 73  ? -0.793  -7.205  15.888  1.00 20.02 ? 72  ALA A N   1 
ATOM   529  C  CA  . ALA A 1 73  ? -1.317  -5.906  16.296  1.00 17.24 ? 72  ALA A CA  1 
ATOM   530  C  C   . ALA A 1 73  ? -1.177  -4.906  15.173  1.00 18.06 ? 72  ALA A C   1 
ATOM   531  O  O   . ALA A 1 73  ? -0.091  -4.788  14.581  1.00 13.00 ? 72  ALA A O   1 
ATOM   532  C  CB  . ALA A 1 73  ? -0.544  -5.383  17.520  1.00 14.86 ? 72  ALA A CB  1 
ATOM   533  N  N   . LEU A 1 74  ? -2.234  -4.134  14.925  1.00 18.33 ? 73  LEU A N   1 
ATOM   534  C  CA  . LEU A 1 74  ? -2.203  -2.983  14.009  1.00 18.80 ? 73  LEU A CA  1 
ATOM   535  C  C   . LEU A 1 74  ? -1.113  -1.973  14.382  1.00 21.04 ? 73  LEU A C   1 
ATOM   536  O  O   . LEU A 1 74  ? -0.519  -1.354  13.511  1.00 18.47 ? 73  LEU A O   1 
ATOM   537  C  CB  . LEU A 1 74  ? -3.544  -2.247  14.001  1.00 19.69 ? 73  LEU A CB  1 
ATOM   538  C  CG  . LEU A 1 74  ? -4.852  -2.951  13.584  1.00 30.81 ? 73  LEU A CG  1 
ATOM   539  C  CD1 . LEU A 1 74  ? -5.894  -1.924  13.054  1.00 25.65 ? 73  LEU A CD1 1 
ATOM   540  C  CD2 . LEU A 1 74  ? -4.662  -4.051  12.580  1.00 16.13 ? 73  LEU A CD2 1 
ATOM   541  N  N   . ALA A 1 75  ? -0.832  -1.823  15.679  1.00 18.45 ? 74  ALA A N   1 
ATOM   542  C  CA  . ALA A 1 75  ? 0.205   -0.890  16.126  1.00 18.19 ? 74  ALA A CA  1 
ATOM   543  C  C   . ALA A 1 75  ? 1.588   -1.301  15.607  1.00 17.95 ? 74  ALA A C   1 
ATOM   544  O  O   . ALA A 1 75  ? 2.446   -0.469  15.450  1.00 17.47 ? 74  ALA A O   1 
ATOM   545  C  CB  . ALA A 1 75  ? 0.192   -0.704  17.665  1.00 15.95 ? 74  ALA A CB  1 
ATOM   546  N  N   . ASP A 1 76  ? 1.768   -2.571  15.261  1.00 19.10 ? 75  ASP A N   1 
ATOM   547  C  CA  . ASP A 1 76  ? 3.071   -3.053  14.761  1.00 18.69 ? 75  ASP A CA  1 
ATOM   548  C  C   . ASP A 1 76  ? 3.219   -3.076  13.243  1.00 18.72 ? 75  ASP A C   1 
ATOM   549  O  O   . ASP A 1 76  ? 4.228   -3.551  12.724  1.00 18.70 ? 75  ASP A O   1 
ATOM   550  C  CB  . ASP A 1 76  ? 3.360   -4.444  15.353  1.00 19.08 ? 75  ASP A CB  1 
ATOM   551  C  CG  . ASP A 1 76  ? 3.399   -4.412  16.890  1.00 18.57 ? 75  ASP A CG  1 
ATOM   552  O  OD1 . ASP A 1 76  ? 4.073   -3.521  17.425  1.00 22.31 ? 75  ASP A OD1 1 
ATOM   553  O  OD2 . ASP A 1 76  ? 2.785   -5.263  17.553  1.00 24.11 ? 75  ASP A OD2 1 
HETATM 554  N  N   . MSE A 1 77  ? 2.222   -2.542  12.548  1.00 15.95 ? 76  MSE A N   1 
HETATM 555  C  CA  . MSE A 1 77  ? 2.198   -2.435  11.091  1.00 17.83 ? 76  MSE A CA  1 
HETATM 556  C  C   . MSE A 1 77  ? 2.372   -0.993  10.666  1.00 18.50 ? 76  MSE A C   1 
HETATM 557  O  O   . MSE A 1 77  ? 1.419   -0.210  10.684  1.00 15.95 ? 76  MSE A O   1 
HETATM 558  C  CB  . MSE A 1 77  ? 0.883   -2.934  10.558  1.00 16.68 ? 76  MSE A CB  1 
HETATM 559  C  CG  . MSE A 1 77  ? 0.602   -4.327  11.006  1.00 22.78 ? 76  MSE A CG  1 
HETATM 560  SE SE  . MSE A 1 77  ? -1.155  -4.941  10.409  0.75 25.02 ? 76  MSE A SE  1 
HETATM 561  C  CE  . MSE A 1 77  ? -1.104  -6.686  11.313  1.00 22.37 ? 76  MSE A CE  1 
ATOM   562  N  N   . ASN A 1 78  ? 3.609   -0.645  10.331  1.00 19.18 ? 77  ASN A N   1 
ATOM   563  C  CA  . ASN A 1 78  ? 3.894   0.651   9.759   1.00 18.36 ? 77  ASN A CA  1 
ATOM   564  C  C   . ASN A 1 78  ? 3.159   0.851   8.435   1.00 15.83 ? 77  ASN A C   1 
ATOM   565  O  O   . ASN A 1 78  ? 3.249   0.024   7.508   1.00 15.36 ? 77  ASN A O   1 
ATOM   566  C  CB  . ASN A 1 78  ? 5.405   0.838   9.530   1.00 17.79 ? 77  ASN A CB  1 
ATOM   567  C  CG  . ASN A 1 78  ? 5.748   2.255   9.168   1.00 19.08 ? 77  ASN A CG  1 
ATOM   568  O  OD1 . ASN A 1 78  ? 5.706   2.618   7.989   1.00 17.43 ? 77  ASN A OD1 1 
ATOM   569  N  ND2 . ASN A 1 78  ? 6.014   3.098   10.181  1.00 14.70 ? 77  ASN A ND2 1 
ATOM   570  N  N   . LEU A 1 79  ? 2.451   1.970   8.337   1.00 15.38 ? 78  LEU A N   1 
ATOM   571  C  CA  . LEU A 1 79  ? 1.646   2.286   7.176   1.00 15.23 ? 78  LEU A CA  1 
ATOM   572  C  C   . LEU A 1 79  ? 2.495   2.481   5.920   1.00 13.69 ? 78  LEU A C   1 
ATOM   573  O  O   . LEU A 1 79  ? 2.101   2.134   4.855   1.00 14.87 ? 78  LEU A O   1 
ATOM   574  C  CB  . LEU A 1 79  ? 0.785   3.524   7.469   1.00 19.52 ? 78  LEU A CB  1 
ATOM   575  C  CG  . LEU A 1 79  ? -0.565  3.672   6.767   1.00 25.82 ? 78  LEU A CG  1 
ATOM   576  C  CD1 . LEU A 1 79  ? -1.530  2.518   7.070   1.00 21.29 ? 78  LEU A CD1 1 
ATOM   577  C  CD2 . LEU A 1 79  ? -1.112  5.005   7.247   1.00 16.31 ? 78  LEU A CD2 1 
ATOM   578  N  N   . GLY A 1 80  ? 3.685   3.030   6.077   1.00 15.70 ? 79  GLY A N   1 
ATOM   579  C  CA  . GLY A 1 80  ? 4.612   3.179   5.015   1.00 15.03 ? 79  GLY A CA  1 
ATOM   580  C  C   . GLY A 1 80  ? 5.213   1.909   4.514   1.00 16.68 ? 79  GLY A C   1 
ATOM   581  O  O   . GLY A 1 80  ? 5.373   1.756   3.321   1.00 16.32 ? 79  GLY A O   1 
ATOM   582  N  N   . ASP A 1 81  ? 5.567   1.011   5.423   1.00 16.93 ? 80  ASP A N   1 
ATOM   583  C  CA  . ASP A 1 81  ? 5.915   -0.354  5.062   1.00 17.66 ? 80  ASP A CA  1 
ATOM   584  C  C   . ASP A 1 81  ? 4.791   -0.985  4.242   1.00 14.91 ? 80  ASP A C   1 
ATOM   585  O  O   . ASP A 1 81  ? 5.038   -1.540  3.201   1.00 16.32 ? 80  ASP A O   1 
ATOM   586  C  CB  . ASP A 1 81  ? 6.183   -1.210  6.308   1.00 15.61 ? 80  ASP A CB  1 
ATOM   587  C  CG  . ASP A 1 81  ? 7.480   -0.852  7.003   1.00 19.50 ? 80  ASP A CG  1 
ATOM   588  O  OD1 . ASP A 1 81  ? 8.308   -0.165  6.370   1.00 22.90 ? 80  ASP A OD1 1 
ATOM   589  O  OD2 . ASP A 1 81  ? 7.669   -1.270  8.172   1.00 29.17 ? 80  ASP A OD2 1 
ATOM   590  N  N   . LEU A 1 82  ? 3.561   -0.868  4.691   1.00 18.61 ? 81  LEU A N   1 
ATOM   591  C  CA  . LEU A 1 82  ? 2.428   -1.426  3.934   1.00 18.17 ? 81  LEU A CA  1 
ATOM   592  C  C   . LEU A 1 82  ? 2.276   -0.800  2.536   1.00 17.50 ? 81  LEU A C   1 
ATOM   593  O  O   . LEU A 1 82  ? 2.110   -1.522  1.530   1.00 17.01 ? 81  LEU A O   1 
ATOM   594  C  CB  . LEU A 1 82  ? 1.134   -1.269  4.748   1.00 16.92 ? 81  LEU A CB  1 
ATOM   595  C  CG  . LEU A 1 82  ? -0.101  -1.927  4.130   1.00 22.10 ? 81  LEU A CG  1 
ATOM   596  C  CD1 . LEU A 1 82  ? 0.156   -3.433  3.929   1.00 14.65 ? 81  LEU A CD1 1 
ATOM   597  C  CD2 . LEU A 1 82  ? -1.389  -1.621  5.018   1.00 19.98 ? 81  LEU A CD2 1 
ATOM   598  N  N   . TYR A 1 83  ? 2.364   0.536   2.477   1.00 17.56 ? 82  TYR A N   1 
ATOM   599  C  CA  . TYR A 1 83  ? 2.266   1.297   1.214   1.00 18.67 ? 82  TYR A CA  1 
ATOM   600  C  C   . TYR A 1 83  ? 3.363   0.825   0.233   1.00 19.59 ? 82  TYR A C   1 
ATOM   601  O  O   . TYR A 1 83  ? 3.090   0.570   -0.934  1.00 17.81 ? 82  TYR A O   1 
ATOM   602  C  CB  . TYR A 1 83  ? 2.364   2.837   1.453   1.00 21.64 ? 82  TYR A CB  1 
ATOM   603  C  CG  . TYR A 1 83  ? 2.044   3.626   0.204   1.00 18.12 ? 82  TYR A CG  1 
ATOM   604  C  CD1 . TYR A 1 83  ? 3.025   3.864   -0.772  1.00 18.49 ? 82  TYR A CD1 1 
ATOM   605  C  CD2 . TYR A 1 83  ? 0.747   4.063   -0.044  1.00 18.27 ? 82  TYR A CD2 1 
ATOM   606  C  CE1 . TYR A 1 83  ? 2.714   4.519   -1.953  1.00 27.05 ? 82  TYR A CE1 1 
ATOM   607  C  CE2 . TYR A 1 83  ? 0.417   4.743   -1.249  1.00 26.47 ? 82  TYR A CE2 1 
ATOM   608  C  CZ  . TYR A 1 83  ? 1.408   4.952   -2.199  1.00 27.66 ? 82  TYR A CZ  1 
ATOM   609  O  OH  . TYR A 1 83  ? 1.123   5.618   -3.385  1.00 28.76 ? 82  TYR A OH  1 
ATOM   610  N  N   . ASP A 1 84  ? 4.593   0.724   0.737   1.00 18.64 ? 83  ASP A N   1 
ATOM   611  C  CA  . ASP A 1 84  ? 5.727   0.367   -0.076  1.00 17.90 ? 83  ASP A CA  1 
ATOM   612  C  C   . ASP A 1 84  ? 5.590   -1.058  -0.601  1.00 20.62 ? 83  ASP A C   1 
ATOM   613  O  O   . ASP A 1 84  ? 5.956   -1.337  -1.757  1.00 18.81 ? 83  ASP A O   1 
ATOM   614  C  CB  . ASP A 1 84  ? 7.055   0.561   0.670   1.00 19.79 ? 83  ASP A CB  1 
ATOM   615  C  CG  . ASP A 1 84  ? 7.344   2.022   1.050   1.00 28.84 ? 83  ASP A CG  1 
ATOM   616  O  OD1 . ASP A 1 84  ? 6.731   2.997   0.511   1.00 23.68 ? 83  ASP A OD1 1 
ATOM   617  O  OD2 . ASP A 1 84  ? 8.199   2.183   1.949   1.00 22.84 ? 83  ASP A OD2 1 
ATOM   618  N  N   . LEU A 1 85  ? 5.028   -1.955  0.216   1.00 19.98 ? 84  LEU A N   1 
ATOM   619  C  CA  . LEU A 1 85  ? 4.780   -3.324  -0.228  1.00 19.02 ? 84  LEU A CA  1 
ATOM   620  C  C   . LEU A 1 85  ? 3.702   -3.401  -1.300  1.00 17.89 ? 84  LEU A C   1 
ATOM   621  O  O   . LEU A 1 85  ? 3.880   -4.058  -2.313  1.00 19.52 ? 84  LEU A O   1 
ATOM   622  C  CB  . LEU A 1 85  ? 4.440   -4.237  0.965   1.00 21.64 ? 84  LEU A CB  1 
ATOM   623  C  CG  . LEU A 1 85  ? 4.156   -5.733  0.713   1.00 20.48 ? 84  LEU A CG  1 
ATOM   624  C  CD1 . LEU A 1 85  ? 5.389   -6.471  0.122   1.00 24.20 ? 84  LEU A CD1 1 
ATOM   625  C  CD2 . LEU A 1 85  ? 3.638   -6.359  2.030   1.00 21.08 ? 84  LEU A CD2 1 
ATOM   626  N  N   . THR A 1 86  ? 2.590   -2.733  -1.096  1.00 20.17 ? 85  THR A N   1 
ATOM   627  C  CA  . THR A 1 86  ? 1.461   -2.849  -1.997  1.00 20.41 ? 85  THR A CA  1 
ATOM   628  C  C   . THR A 1 86  ? 1.612   -1.995  -3.251  1.00 22.72 ? 85  THR A C   1 
ATOM   629  O  O   . THR A 1 86  ? 1.022   -2.313  -4.264  1.00 21.61 ? 85  THR A O   1 
ATOM   630  C  CB  . THR A 1 86  ? 0.135   -2.516  -1.269  1.00 20.54 ? 85  THR A CB  1 
ATOM   631  O  OG1 . THR A 1 86  ? 0.155   -1.171  -0.803  1.00 19.51 ? 85  THR A OG1 1 
ATOM   632  C  CG2 . THR A 1 86  ? -0.093  -3.479  -0.081  1.00 22.21 ? 85  THR A CG2 1 
ATOM   633  N  N   . ILE A 1 87  ? 2.375   -0.901  -3.166  1.00 22.90 ? 86  ILE A N   1 
ATOM   634  C  CA  . ILE A 1 87  ? 2.602   -0.006  -4.309  1.00 23.04 ? 86  ILE A CA  1 
ATOM   635  C  C   . ILE A 1 87  ? 4.118   0.184   -4.422  1.00 23.26 ? 86  ILE A C   1 
ATOM   636  O  O   . ILE A 1 87  ? 4.634   1.177   -3.981  1.00 22.54 ? 86  ILE A O   1 
ATOM   637  C  CB  . ILE A 1 87  ? 1.817   1.343   -4.174  1.00 21.63 ? 86  ILE A CB  1 
ATOM   638  C  CG1 . ILE A 1 87  ? 0.317   1.067   -4.039  1.00 25.64 ? 86  ILE A CG1 1 
ATOM   639  C  CG2 . ILE A 1 87  ? 2.031   2.259   -5.417  1.00 21.18 ? 86  ILE A CG2 1 
ATOM   640  C  CD1 . ILE A 1 87  ? -0.499  2.272   -3.872  1.00 20.67 ? 86  ILE A CD1 1 
ATOM   641  N  N   . PRO A 1 88  ? 4.841   -0.800  -4.987  1.00 21.58 ? 87  PRO A N   1 
ATOM   642  C  CA  . PRO A 1 88  ? 6.321   -0.740  -4.891  1.00 23.88 ? 87  PRO A CA  1 
ATOM   643  C  C   . PRO A 1 88  ? 6.943   0.489   -5.598  1.00 25.78 ? 87  PRO A C   1 
ATOM   644  O  O   . PRO A 1 88  ? 6.370   0.994   -6.546  1.00 23.83 ? 87  PRO A O   1 
ATOM   645  C  CB  . PRO A 1 88  ? 6.786   -2.063  -5.541  1.00 25.50 ? 87  PRO A CB  1 
ATOM   646  C  CG  . PRO A 1 88  ? 5.567   -2.915  -5.659  1.00 23.72 ? 87  PRO A CG  1 
ATOM   647  C  CD  . PRO A 1 88  ? 4.373   -2.003  -5.689  1.00 22.98 ? 87  PRO A CD  1 
ATOM   648  N  N   . PRO A 1 89  ? 8.065   1.012   -5.092  1.00 28.46 ? 88  PRO A N   1 
ATOM   649  C  CA  . PRO A 1 89  ? 8.674   2.188   -5.743  1.00 29.94 ? 88  PRO A CA  1 
ATOM   650  C  C   . PRO A 1 89  ? 8.996   1.987   -7.249  1.00 30.49 ? 88  PRO A C   1 
ATOM   651  O  O   . PRO A 1 89  ? 9.503   0.944   -7.631  1.00 29.07 ? 88  PRO A O   1 
ATOM   652  C  CB  . PRO A 1 89  ? 9.969   2.420   -4.934  1.00 31.09 ? 88  PRO A CB  1 
ATOM   653  C  CG  . PRO A 1 89  ? 9.712   1.793   -3.601  1.00 33.13 ? 88  PRO A CG  1 
ATOM   654  C  CD  . PRO A 1 89  ? 8.777   0.622   -3.862  1.00 31.11 ? 88  PRO A CD  1 
ATOM   655  N  N   . THR A 1 90  ? 8.656   2.992   -8.067  1.00 31.59 ? 89  THR A N   1 
ATOM   656  C  CA  . THR A 1 90  ? 9.140   3.128   -9.447  1.00 31.93 ? 89  THR A CA  1 
ATOM   657  C  C   . THR A 1 90  ? 10.661  3.387   -9.461  1.00 32.30 ? 89  THR A C   1 
ATOM   658  O  O   . THR A 1 90  ? 11.193  4.247   -8.720  1.00 33.08 ? 89  THR A O   1 
ATOM   659  C  CB  . THR A 1 90  ? 8.475   4.351   -10.172 1.00 29.99 ? 89  THR A CB  1 
ATOM   660  O  OG1 . THR A 1 90  ? 7.085   4.424   -9.837  1.00 36.23 ? 89  THR A OG1 1 
ATOM   661  C  CG2 . THR A 1 90  ? 8.610   4.233   -11.669 1.00 37.17 ? 89  THR A CG2 1 
ATOM   662  N  N   . ILE A 1 91  ? 11.358  2.653   -10.298 1.00 33.34 ? 90  ILE A N   1 
ATOM   663  C  CA  . ILE A 1 91  ? 12.768  2.974   -10.607 1.00 34.19 ? 90  ILE A CA  1 
ATOM   664  C  C   . ILE A 1 91  ? 12.822  3.775   -11.937 1.00 34.32 ? 90  ILE A C   1 
ATOM   665  O  O   . ILE A 1 91  ? 13.357  4.902   -11.963 1.00 33.89 ? 90  ILE A O   1 
ATOM   666  C  CB  . ILE A 1 91  ? 13.668  1.702   -10.635 1.00 37.00 ? 90  ILE A CB  1 
ATOM   667  C  CG1 . ILE A 1 91  ? 13.699  1.051   -9.238  1.00 41.83 ? 90  ILE A CG1 1 
ATOM   668  C  CG2 . ILE A 1 91  ? 15.125  2.024   -11.115 1.00 35.81 ? 90  ILE A CG2 1 
ATOM   669  C  CD1 . ILE A 1 91  ? 12.692  -0.122  -9.061  1.00 46.36 ? 90  ILE A CD1 1 
ATOM   670  N  N   . SER A 1 92  ? 12.251  3.209   -13.014 1.00 32.15 ? 91  SER A N   1 
ATOM   671  C  CA  . SER A 1 92  ? 12.122  3.942   -14.285 1.00 28.95 ? 91  SER A CA  1 
ATOM   672  C  C   . SER A 1 92  ? 10.899  4.882   -14.397 1.00 25.55 ? 91  SER A C   1 
ATOM   673  O  O   . SER A 1 92  ? 9.730   4.454   -14.328 1.00 23.35 ? 91  SER A O   1 
ATOM   674  C  CB  . SER A 1 92  ? 12.078  2.992   -15.464 1.00 28.71 ? 91  SER A CB  1 
ATOM   675  O  OG  . SER A 1 92  ? 11.921  3.745   -16.654 1.00 26.03 ? 91  SER A OG  1 
ATOM   676  N  N   . TYR A 1 93  ? 11.187  6.153   -14.642 1.00 20.79 ? 92  TYR A N   1 
ATOM   677  C  CA  . TYR A 1 93  ? 10.150  7.166   -14.899 1.00 20.42 ? 92  TYR A CA  1 
ATOM   678  C  C   . TYR A 1 93  ? 10.043  7.490   -16.398 1.00 19.13 ? 92  TYR A C   1 
ATOM   679  O  O   . TYR A 1 93  ? 9.437   8.506   -16.770 1.00 20.15 ? 92  TYR A O   1 
ATOM   680  C  CB  . TYR A 1 93  ? 10.438  8.439   -14.092 1.00 20.39 ? 92  TYR A CB  1 
ATOM   681  C  CG  . TYR A 1 93  ? 10.140  8.319   -12.632 1.00 15.25 ? 92  TYR A CG  1 
ATOM   682  C  CD1 . TYR A 1 93  ? 8.844   8.517   -12.156 1.00 23.35 ? 92  TYR A CD1 1 
ATOM   683  C  CD2 . TYR A 1 93  ? 11.121  7.921   -11.729 1.00 19.42 ? 92  TYR A CD2 1 
ATOM   684  C  CE1 . TYR A 1 93  ? 8.541   8.391   -10.805 1.00 23.76 ? 92  TYR A CE1 1 
ATOM   685  C  CE2 . TYR A 1 93  ? 10.837  7.804   -10.379 1.00 19.34 ? 92  TYR A CE2 1 
ATOM   686  C  CZ  . TYR A 1 93  ? 9.537   8.019   -9.928  1.00 20.83 ? 92  TYR A CZ  1 
ATOM   687  O  OH  . TYR A 1 93  ? 9.220   7.880   -8.602  1.00 22.94 ? 92  TYR A OH  1 
ATOM   688  N  N   . ALA A 1 94  ? 10.605  6.645   -17.263 1.00 18.69 ? 93  ALA A N   1 
ATOM   689  C  CA  . ALA A 1 94  ? 10.616  6.915   -18.705 1.00 18.84 ? 93  ALA A CA  1 
ATOM   690  C  C   . ALA A 1 94  ? 9.243   7.286   -19.316 1.00 19.27 ? 93  ALA A C   1 
ATOM   691  O  O   . ALA A 1 94  ? 9.170   8.141   -20.188 1.00 19.83 ? 93  ALA A O   1 
ATOM   692  C  CB  . ALA A 1 94  ? 11.247  5.730   -19.518 1.00 17.41 ? 93  ALA A CB  1 
ATOM   693  N  N   . ARG A 1 95  ? 8.171   6.644   -18.880 1.00 19.50 ? 94  ARG A N   1 
ATOM   694  C  CA  . ARG A 1 95  ? 6.847   6.940   -19.429 1.00 21.76 ? 94  ARG A CA  1 
ATOM   695  C  C   . ARG A 1 95  ? 6.427   8.394   -19.149 1.00 20.84 ? 94  ARG A C   1 
ATOM   696  O  O   . ARG A 1 95  ? 5.542   8.908   -19.811 1.00 21.45 ? 94  ARG A O   1 
ATOM   697  C  CB  . ARG A 1 95  ? 5.772   6.005   -18.834 1.00 23.23 ? 94  ARG A CB  1 
ATOM   698  C  CG  . ARG A 1 95  ? 5.677   6.035   -17.338 1.00 30.83 ? 94  ARG A CG  1 
ATOM   699  N  N   . PHE A 1 96  ? 7.022   9.022   -18.137 1.00 20.33 ? 95  PHE A N   1 
ATOM   700  C  CA  . PHE A 1 96  ? 6.691   10.400  -17.775 1.00 22.38 ? 95  PHE A CA  1 
ATOM   701  C  C   . PHE A 1 96  ? 7.724   11.445  -18.214 1.00 19.99 ? 95  PHE A C   1 
ATOM   702  O  O   . PHE A 1 96  ? 7.633   12.596  -17.830 1.00 20.87 ? 95  PHE A O   1 
ATOM   703  C  CB  . PHE A 1 96  ? 6.583   10.460  -16.269 1.00 25.05 ? 95  PHE A CB  1 
ATOM   704  C  CG  . PHE A 1 96  ? 5.549   9.546   -15.704 1.00 31.23 ? 95  PHE A CG  1 
ATOM   705  C  CD1 . PHE A 1 96  ? 4.243   9.607   -16.152 1.00 31.95 ? 95  PHE A CD1 1 
ATOM   706  C  CD2 . PHE A 1 96  ? 5.876   8.644   -14.707 1.00 30.16 ? 95  PHE A CD2 1 
ATOM   707  C  CE1 . PHE A 1 96  ? 3.277   8.783   -15.615 1.00 40.06 ? 95  PHE A CE1 1 
ATOM   708  C  CE2 . PHE A 1 96  ? 4.910   7.822   -14.163 1.00 43.99 ? 95  PHE A CE2 1 
ATOM   709  C  CZ  . PHE A 1 96  ? 3.606   7.898   -14.620 1.00 33.92 ? 95  PHE A CZ  1 
ATOM   710  N  N   . ILE A 1 97  ? 8.715   11.017  -18.976 1.00 18.49 ? 96  ILE A N   1 
ATOM   711  C  CA  . ILE A 1 97  ? 9.811   11.862  -19.393 1.00 19.68 ? 96  ILE A CA  1 
ATOM   712  C  C   . ILE A 1 97  ? 9.877   11.962  -20.940 1.00 20.63 ? 96  ILE A C   1 
ATOM   713  O  O   . ILE A 1 97  ? 9.734   10.962  -21.677 1.00 21.45 ? 96  ILE A O   1 
ATOM   714  C  CB  . ILE A 1 97  ? 11.142  11.349  -18.769 1.00 15.54 ? 96  ILE A CB  1 
ATOM   715  C  CG1 . ILE A 1 97  ? 11.063  11.392  -17.229 1.00 16.89 ? 96  ILE A CG1 1 
ATOM   716  C  CG2 . ILE A 1 97  ? 12.371  12.050  -19.404 1.00 11.02 ? 96  ILE A CG2 1 
ATOM   717  C  CD1 . ILE A 1 97  ? 12.217  10.674  -16.550 1.00 18.97 ? 96  ILE A CD1 1 
ATOM   718  N  N   . THR A 1 98  ? 10.103  13.187  -21.404 1.00 23.96 ? 97  THR A N   1 
ATOM   719  C  CA  . THR A 1 98  ? 10.228  13.559  -22.842 1.00 26.64 ? 97  THR A CA  1 
ATOM   720  C  C   . THR A 1 98  ? 11.681  13.459  -23.378 1.00 28.75 ? 97  THR A C   1 
ATOM   721  O  O   . THR A 1 98  ? 12.602  13.097  -22.637 1.00 27.11 ? 97  THR A O   1 
ATOM   722  C  CB  . THR A 1 98  ? 9.738   15.044  -23.054 1.00 29.48 ? 97  THR A CB  1 
ATOM   723  O  OG1 . THR A 1 98  ? 10.517  15.921  -22.218 1.00 25.43 ? 97  THR A OG1 1 
ATOM   724  C  CG2 . THR A 1 98  ? 8.203   15.198  -22.748 1.00 21.62 ? 97  THR A CG2 1 
ATOM   725  N  N   . GLY A 1 99  ? 11.894  13.801  -24.650 1.00 32.11 ? 98  GLY A N   1 
ATOM   726  C  CA  . GLY A 1 99  ? 13.230  13.725  -25.268 1.00 37.02 ? 98  GLY A CA  1 
ATOM   727  C  C   . GLY A 1 99  ? 13.529  12.315  -25.785 1.00 41.42 ? 98  GLY A C   1 
ATOM   728  O  O   . GLY A 1 99  ? 12.586  11.527  -25.985 1.00 41.39 ? 98  GLY A O   1 
ATOM   729  N  N   . PRO A 1 100 ? 14.837  11.982  -26.000 1.00 45.98 ? 99  PRO A N   1 
ATOM   730  C  CA  . PRO A 1 100 ? 15.295  10.634  -26.380 1.00 48.45 ? 99  PRO A CA  1 
ATOM   731  C  C   . PRO A 1 100 ? 15.394  9.593   -25.238 1.00 50.67 ? 99  PRO A C   1 
ATOM   732  O  O   . PRO A 1 100 ? 15.264  9.920   -24.051 1.00 49.86 ? 99  PRO A O   1 
ATOM   733  C  CB  . PRO A 1 100 ? 16.700  10.907  -26.937 1.00 49.00 ? 99  PRO A CB  1 
ATOM   734  C  CG  . PRO A 1 100 ? 17.198  11.973  -26.080 1.00 48.36 ? 99  PRO A CG  1 
ATOM   735  C  CD  . PRO A 1 100 ? 15.990  12.900  -25.912 1.00 47.32 ? 99  PRO A CD  1 
ATOM   736  N  N   . SER A 1 101 ? 15.643  8.348   -25.638 1.00 54.63 ? 100 SER A N   1 
ATOM   737  C  CA  . SER A 1 101 ? 15.829  7.203   -24.731 1.00 56.55 ? 100 SER A CA  1 
ATOM   738  C  C   . SER A 1 101 ? 17.304  6.716   -24.722 1.00 58.27 ? 100 SER A C   1 
ATOM   739  O  O   . SER A 1 101 ? 18.145  7.234   -25.483 1.00 59.06 ? 100 SER A O   1 
ATOM   740  C  CB  . SER A 1 101 ? 14.892  6.070   -25.167 1.00 58.18 ? 100 SER A CB  1 
ATOM   741  O  OG  . SER A 1 101 ? 15.016  5.856   -26.565 1.00 58.88 ? 100 SER A OG  1 
ATOM   742  N  N   . LYS A 1 102 ? 17.610  5.724   -23.875 1.00 58.44 ? 101 LYS A N   1 
ATOM   743  C  CA  . LYS A 1 102 ? 18.993  5.225   -23.702 1.00 58.49 ? 101 LYS A CA  1 
ATOM   744  C  C   . LYS A 1 102 ? 19.461  4.283   -24.826 1.00 58.76 ? 101 LYS A C   1 
ATOM   745  O  O   . LYS A 1 102 ? 19.431  4.621   -26.017 1.00 58.60 ? 101 LYS A O   1 
ATOM   746  C  CB  . LYS A 1 102 ? 19.139  4.526   -22.339 1.00 57.80 ? 101 LYS A CB  1 
ATOM   747  N  N   . ALA A 1 107 ? 25.338  11.867  -28.134 1.00 54.88 ? 106 ALA A N   1 
ATOM   748  C  CA  . ALA A 1 107 ? 26.569  12.394  -28.766 1.00 55.36 ? 106 ALA A CA  1 
ATOM   749  C  C   . ALA A 1 107 ? 26.310  13.677  -29.568 1.00 54.65 ? 106 ALA A C   1 
ATOM   750  O  O   . ALA A 1 107 ? 27.098  14.627  -29.494 1.00 54.88 ? 106 ALA A O   1 
ATOM   751  C  CB  . ALA A 1 107 ? 27.221  11.338  -29.653 1.00 55.04 ? 106 ALA A CB  1 
ATOM   752  N  N   . ASP A 1 108 ? 25.227  13.676  -30.358 1.00 53.46 ? 107 ASP A N   1 
ATOM   753  C  CA  . ASP A 1 108 ? 24.634  14.914  -30.908 1.00 51.63 ? 107 ASP A CA  1 
ATOM   754  C  C   . ASP A 1 108 ? 23.256  15.140  -30.284 1.00 49.58 ? 107 ASP A C   1 
ATOM   755  O  O   . ASP A 1 108 ? 22.401  15.804  -30.874 1.00 50.92 ? 107 ASP A O   1 
ATOM   756  C  CB  . ASP A 1 108 ? 24.508  14.894  -32.440 1.00 49.89 ? 107 ASP A CB  1 
ATOM   757  N  N   . GLN A 1 109 ? 23.037  14.587  -29.094 1.00 45.99 ? 108 GLN A N   1 
ATOM   758  C  CA  . GLN A 1 109 ? 21.945  15.052  -28.273 1.00 43.14 ? 108 GLN A CA  1 
ATOM   759  C  C   . GLN A 1 109 ? 22.213  16.506  -27.915 1.00 41.19 ? 108 GLN A C   1 
ATOM   760  O  O   . GLN A 1 109 ? 23.338  16.877  -27.565 1.00 37.67 ? 108 GLN A O   1 
ATOM   761  C  CB  . GLN A 1 109 ? 21.783  14.207  -27.004 1.00 44.25 ? 108 GLN A CB  1 
ATOM   762  C  CG  . GLN A 1 109 ? 21.041  12.889  -27.218 1.00 48.42 ? 108 GLN A CG  1 
ATOM   763  C  CD  . GLN A 1 109 ? 20.091  12.951  -28.405 1.00 54.87 ? 108 GLN A CD  1 
ATOM   764  O  OE1 . GLN A 1 109 ? 19.008  13.537  -28.324 1.00 56.74 ? 108 GLN A OE1 1 
ATOM   765  N  NE2 . GLN A 1 109 ? 20.514  12.369  -29.530 1.00 54.66 ? 108 GLN A NE2 1 
ATOM   766  N  N   . SER A 1 110 ? 21.177  17.336  -28.040 1.00 40.40 ? 109 SER A N   1 
ATOM   767  C  CA  . SER A 1 110 ? 21.240  18.701  -27.557 1.00 39.22 ? 109 SER A CA  1 
ATOM   768  C  C   . SER A 1 110 ? 21.458  18.632  -26.058 1.00 35.07 ? 109 SER A C   1 
ATOM   769  O  O   . SER A 1 110 ? 21.100  17.640  -25.424 1.00 34.67 ? 109 SER A O   1 
ATOM   770  C  CB  . SER A 1 110 ? 19.939  19.472  -27.849 1.00 41.03 ? 109 SER A CB  1 
ATOM   771  O  OG  . SER A 1 110 ? 18.862  19.076  -26.995 1.00 41.72 ? 109 SER A OG  1 
ATOM   772  N  N   . PRO A 1 111 ? 22.051  19.680  -25.491 1.00 33.78 ? 110 PRO A N   1 
ATOM   773  C  CA  . PRO A 1 111 ? 22.138  19.796  -24.044 1.00 33.51 ? 110 PRO A CA  1 
ATOM   774  C  C   . PRO A 1 111 ? 20.843  19.359  -23.315 1.00 32.13 ? 110 PRO A C   1 
ATOM   775  O  O   . PRO A 1 111 ? 20.921  18.588  -22.367 1.00 34.00 ? 110 PRO A O   1 
ATOM   776  C  CB  . PRO A 1 111 ? 22.429  21.283  -23.835 1.00 34.34 ? 110 PRO A CB  1 
ATOM   777  C  CG  . PRO A 1 111 ? 23.233  21.673  -25.070 1.00 37.68 ? 110 PRO A CG  1 
ATOM   778  C  CD  . PRO A 1 111 ? 22.683  20.821  -26.188 1.00 34.87 ? 110 PRO A CD  1 
ATOM   779  N  N   . ILE A 1 112 ? 19.681  19.795  -23.785 1.00 28.83 ? 111 ILE A N   1 
ATOM   780  C  CA  . ILE A 1 112 ? 18.420  19.525  -23.084 1.00 29.75 ? 111 ILE A CA  1 
ATOM   781  C  C   . ILE A 1 112 ? 18.078  18.069  -23.225 1.00 28.02 ? 111 ILE A C   1 
ATOM   782  O  O   . ILE A 1 112 ? 17.899  17.386  -22.237 1.00 26.99 ? 111 ILE A O   1 
ATOM   783  C  CB  . ILE A 1 112 ? 17.226  20.377  -23.593 1.00 26.76 ? 111 ILE A CB  1 
ATOM   784  C  CG1 . ILE A 1 112 ? 17.504  21.866  -23.401 1.00 29.35 ? 111 ILE A CG1 1 
ATOM   785  C  CG2 . ILE A 1 112 ? 15.956  20.011  -22.873 1.00 27.72 ? 111 ILE A CG2 1 
ATOM   786  C  CD1 . ILE A 1 112 ? 16.843  22.700  -24.417 1.00 31.31 ? 111 ILE A CD1 1 
ATOM   787  N  N   . ALA A 1 113 ? 18.006  17.597  -24.466 1.00 28.72 ? 112 ALA A N   1 
ATOM   788  C  CA  . ALA A 1 113 ? 17.704  16.193  -24.748 1.00 27.18 ? 112 ALA A CA  1 
ATOM   789  C  C   . ALA A 1 113 ? 18.645  15.202  -24.070 1.00 25.09 ? 112 ALA A C   1 
ATOM   790  O  O   . ALA A 1 113 ? 18.217  14.144  -23.678 1.00 27.56 ? 112 ALA A O   1 
ATOM   791  C  CB  . ALA A 1 113 ? 17.717  15.947  -26.248 1.00 29.56 ? 112 ALA A CB  1 
ATOM   792  N  N   . ALA A 1 114 ? 19.927  15.544  -23.952 1.00 24.20 ? 113 ALA A N   1 
ATOM   793  C  CA  . ALA A 1 114 ? 20.926  14.620  -23.392 1.00 22.03 ? 113 ALA A CA  1 
ATOM   794  C  C   . ALA A 1 114 ? 20.791  14.461  -21.879 1.00 19.46 ? 113 ALA A C   1 
ATOM   795  O  O   . ALA A 1 114 ? 21.261  13.495  -21.322 1.00 19.09 ? 113 ALA A O   1 
ATOM   796  C  CB  . ALA A 1 114 ? 22.330  15.122  -23.718 1.00 22.34 ? 113 ALA A CB  1 
ATOM   797  N  N   . ASN A 1 115 ? 20.192  15.453  -21.228 1.00 15.41 ? 114 ASN A N   1 
ATOM   798  C  CA  . ASN A 1 115 ? 20.254  15.611  -19.767 1.00 13.97 ? 114 ASN A CA  1 
ATOM   799  C  C   . ASN A 1 115 ? 18.928  15.546  -19.031 1.00 13.13 ? 114 ASN A C   1 
ATOM   800  O  O   . ASN A 1 115 ? 18.901  15.386  -17.821 1.00 15.27 ? 114 ASN A O   1 
ATOM   801  C  CB  . ASN A 1 115 ? 20.911  16.951  -19.459 1.00 13.24 ? 114 ASN A CB  1 
ATOM   802  C  CG  . ASN A 1 115 ? 22.406  16.940  -19.761 1.00 15.58 ? 114 ASN A CG  1 
ATOM   803  O  OD1 . ASN A 1 115 ? 23.150  16.121  -19.220 1.00 19.49 ? 114 ASN A OD1 1 
ATOM   804  N  ND2 . ASN A 1 115 ? 22.844  17.830  -20.653 1.00 20.41 ? 114 ASN A ND2 1 
ATOM   805  N  N   . ILE A 1 116 ? 17.840  15.725  -19.766 1.00 14.97 ? 115 ILE A N   1 
ATOM   806  C  CA  . ILE A 1 116 ? 16.513  15.829  -19.188 1.00 15.28 ? 115 ILE A CA  1 
ATOM   807  C  C   . ILE A 1 116 ? 16.095  14.563  -18.463 1.00 13.68 ? 115 ILE A C   1 
ATOM   808  O  O   . ILE A 1 116 ? 15.514  14.616  -17.371 1.00 13.84 ? 115 ILE A O   1 
ATOM   809  C  CB  . ILE A 1 116 ? 15.474  16.298  -20.274 1.00 15.31 ? 115 ILE A CB  1 
ATOM   810  C  CG1 . ILE A 1 116 ? 14.114  16.603  -19.660 1.00 22.86 ? 115 ILE A CG1 1 
ATOM   811  C  CG2 . ILE A 1 116 ? 15.267  15.266  -21.356 1.00 16.17 ? 115 ILE A CG2 1 
ATOM   812  C  CD1 . ILE A 1 116 ? 14.063  17.850  -18.886 1.00 22.44 ? 115 ILE A CD1 1 
ATOM   813  N  N   . SER A 1 117 ? 16.390  13.403  -19.035 1.00 16.47 ? 116 SER A N   1 
ATOM   814  C  CA  . SER A 1 117 ? 15.939  12.169  -18.410 1.00 17.70 ? 116 SER A CA  1 
ATOM   815  C  C   . SER A 1 117 ? 16.595  11.999  -17.050 1.00 16.36 ? 116 SER A C   1 
ATOM   816  O  O   . SER A 1 117 ? 15.930  11.667  -16.070 1.00 13.87 ? 116 SER A O   1 
ATOM   817  C  CB  . SER A 1 117 ? 16.178  10.949  -19.299 1.00 18.05 ? 116 SER A CB  1 
ATOM   818  O  OG  . SER A 1 117 ? 15.764  9.801   -18.602 1.00 24.67 ? 116 SER A OG  1 
ATOM   819  N  N   . GLU A 1 118 ? 17.892  12.284  -16.953 1.00 15.17 ? 117 GLU A N   1 
ATOM   820  C  CA  . GLU A 1 118 ? 18.550  12.092  -15.660 1.00 15.27 ? 117 GLU A CA  1 
ATOM   821  C  C   . GLU A 1 118 ? 18.091  13.112  -14.607 1.00 13.58 ? 117 GLU A C   1 
ATOM   822  O  O   . GLU A 1 118 ? 17.919  12.760  -13.463 1.00 14.83 ? 117 GLU A O   1 
ATOM   823  C  CB  . GLU A 1 118 ? 20.070  12.094  -15.777 1.00 15.58 ? 117 GLU A CB  1 
ATOM   824  C  CG  . GLU A 1 118 ? 20.756  11.865  -14.437 1.00 14.24 ? 117 GLU A CG  1 
ATOM   825  C  CD  . GLU A 1 118 ? 22.274  11.976  -14.519 1.00 17.02 ? 117 GLU A CD  1 
ATOM   826  O  OE1 . GLU A 1 118 ? 22.790  12.149  -15.645 1.00 18.95 ? 117 GLU A OE1 1 
ATOM   827  O  OE2 . GLU A 1 118 ? 22.918  11.865  -13.447 1.00 21.39 ? 117 GLU A OE2 1 
ATOM   828  N  N   . THR A 1 119 ? 17.927  14.372  -15.003 1.00 12.79 ? 118 THR A N   1 
ATOM   829  C  CA  . THR A 1 119 ? 17.384  15.424  -14.133 1.00 13.01 ? 118 THR A CA  1 
ATOM   830  C  C   . THR A 1 119 ? 15.965  15.172  -13.608 1.00 12.55 ? 118 THR A C   1 
ATOM   831  O  O   . THR A 1 119 ? 15.690  15.288  -12.402 1.00 13.24 ? 118 THR A O   1 
ATOM   832  C  CB  . THR A 1 119 ? 17.402  16.758  -14.894 1.00 11.96 ? 118 THR A CB  1 
ATOM   833  O  OG1 . THR A 1 119 ? 18.771  17.150  -15.020 1.00 16.15 ? 118 THR A OG1 1 
ATOM   834  C  CG2 . THR A 1 119 ? 16.560  17.898  -14.144 1.00 14.16 ? 118 THR A CG2 1 
ATOM   835  N  N   . LEU A 1 120 ? 15.061  14.793  -14.500 1.00 11.89 ? 119 LEU A N   1 
ATOM   836  C  CA  . LEU A 1 120 ? 13.686  14.482  -14.084 1.00 12.20 ? 119 LEU A CA  1 
ATOM   837  C  C   . LEU A 1 120 ? 13.569  13.232  -13.284 1.00 12.89 ? 119 LEU A C   1 
ATOM   838  O  O   . LEU A 1 120 ? 12.770  13.170  -12.342 1.00 14.08 ? 119 LEU A O   1 
ATOM   839  C  CB  . LEU A 1 120 ? 12.723  14.464  -15.275 1.00 14.43 ? 119 LEU A CB  1 
ATOM   840  C  CG  . LEU A 1 120 ? 12.443  15.837  -15.867 1.00 16.48 ? 119 LEU A CG  1 
ATOM   841  C  CD1 . LEU A 1 120 ? 11.607  15.633  -17.122 1.00 17.74 ? 119 LEU A CD1 1 
ATOM   842  C  CD2 . LEU A 1 120 ? 11.747  16.792  -14.834 1.00 15.98 ? 119 LEU A CD2 1 
ATOM   843  N  N   . THR A 1 121 ? 14.368  12.223  -13.637 1.00 13.73 ? 120 THR A N   1 
ATOM   844  C  CA  . THR A 1 121 ? 14.421  11.007  -12.856 1.00 13.17 ? 120 THR A CA  1 
ATOM   845  C  C   . THR A 1 121 ? 14.841  11.316  -11.414 1.00 15.85 ? 120 THR A C   1 
ATOM   846  O  O   . THR A 1 121 ? 14.216  10.838  -10.475 1.00 14.72 ? 120 THR A O   1 
ATOM   847  C  CB  . THR A 1 121 ? 15.342  9.917   -13.477 1.00 15.83 ? 120 THR A CB  1 
ATOM   848  O  OG1 . THR A 1 121 ? 14.851  9.575   -14.767 1.00 15.79 ? 120 THR A OG1 1 
ATOM   849  C  CG2 . THR A 1 121 ? 15.394  8.631   -12.586 1.00 16.79 ? 120 THR A CG2 1 
ATOM   850  N  N   . ASP A 1 122 ? 15.883  12.121  -11.234 1.00 15.07 ? 121 ASP A N   1 
ATOM   851  C  CA  . ASP A 1 122 ? 16.290  12.461  -9.880  1.00 16.00 ? 121 ASP A CA  1 
ATOM   852  C  C   . ASP A 1 122 ? 15.191  13.268  -9.144  1.00 15.05 ? 121 ASP A C   1 
ATOM   853  O  O   . ASP A 1 122 ? 14.853  12.959  -7.997  1.00 17.99 ? 121 ASP A O   1 
ATOM   854  C  CB  . ASP A 1 122 ? 17.582  13.239  -9.880  1.00 17.65 ? 121 ASP A CB  1 
ATOM   855  C  CG  . ASP A 1 122 ? 18.800  12.406  -10.280 1.00 21.82 ? 121 ASP A CG  1 
ATOM   856  O  OD1 . ASP A 1 122 ? 18.706  11.153  -10.426 1.00 20.43 ? 121 ASP A OD1 1 
ATOM   857  O  OD2 . ASP A 1 122 ? 19.886  13.031  -10.441 1.00 20.60 ? 121 ASP A OD2 1 
ATOM   858  N  N   . LEU A 1 123 ? 14.663  14.282  -9.819  1.00 13.30 ? 122 LEU A N   1 
ATOM   859  C  CA  . LEU A 1 123 ? 13.565  15.081  -9.319  1.00 14.08 ? 122 LEU A CA  1 
ATOM   860  C  C   . LEU A 1 123 ? 12.360  14.217  -8.810  1.00 16.60 ? 122 LEU A C   1 
ATOM   861  O  O   . LEU A 1 123 ? 11.940  14.337  -7.652  1.00 11.70 ? 122 LEU A O   1 
ATOM   862  C  CB  . LEU A 1 123 ? 13.119  16.080  -10.375 1.00 12.92 ? 122 LEU A CB  1 
ATOM   863  C  CG  . LEU A 1 123 ? 12.059  17.109  -9.929  1.00 16.96 ? 122 LEU A CG  1 
ATOM   864  C  CD1 . LEU A 1 123 ? 12.581  18.101  -8.892  1.00 12.26 ? 122 LEU A CD1 1 
ATOM   865  C  CD2 . LEU A 1 123 ? 11.382  17.823  -11.118 1.00 14.17 ? 122 LEU A CD2 1 
ATOM   866  N  N   . PHE A 1 124 ? 11.831  13.376  -9.693  1.00 15.86 ? 123 PHE A N   1 
ATOM   867  C  CA  . PHE A 1 124 ? 10.684  12.493  -9.411  1.00 15.82 ? 123 PHE A CA  1 
ATOM   868  C  C   . PHE A 1 124 ? 11.007  11.479  -8.312  1.00 15.28 ? 123 PHE A C   1 
ATOM   869  O  O   . PHE A 1 124 ? 10.164  11.182  -7.469  1.00 16.74 ? 123 PHE A O   1 
ATOM   870  C  CB  . PHE A 1 124 ? 10.294  11.714  -10.669 1.00 13.23 ? 123 PHE A CB  1 
ATOM   871  C  CG  . PHE A 1 124 ? 9.742   12.544  -11.789 1.00 13.34 ? 123 PHE A CG  1 
ATOM   872  C  CD1 . PHE A 1 124 ? 9.058   13.731  -11.564 1.00 18.39 ? 123 PHE A CD1 1 
ATOM   873  C  CD2 . PHE A 1 124 ? 9.861   12.115  -13.087 1.00 13.78 ? 123 PHE A CD2 1 
ATOM   874  C  CE1 . PHE A 1 124 ? 8.521   14.475  -12.653 1.00 13.05 ? 123 PHE A CE1 1 
ATOM   875  C  CE2 . PHE A 1 124 ? 9.342   12.851  -14.169 1.00 18.46 ? 123 PHE A CE2 1 
ATOM   876  C  CZ  . PHE A 1 124 ? 8.660   14.027  -13.931 1.00 15.58 ? 123 PHE A CZ  1 
ATOM   877  N  N   . THR A 1 125 ? 12.239  10.958  -8.305  1.00 17.27 ? 124 THR A N   1 
ATOM   878  C  CA  . THR A 1 125 ? 12.655  9.999   -7.271  1.00 18.16 ? 124 THR A CA  1 
ATOM   879  C  C   . THR A 1 125 ? 12.751  10.635  -5.900  1.00 16.58 ? 124 THR A C   1 
ATOM   880  O  O   . THR A 1 125 ? 12.253  10.078  -4.916  1.00 19.65 ? 124 THR A O   1 
ATOM   881  C  CB  . THR A 1 125 ? 13.974  9.285   -7.630  1.00 18.98 ? 124 THR A CB  1 
ATOM   882  O  OG1 . THR A 1 125 ? 13.851  8.720   -8.940  1.00 15.91 ? 124 THR A OG1 1 
ATOM   883  C  CG2 . THR A 1 125 ? 14.295  8.171   -6.622  1.00 19.52 ? 124 THR A CG2 1 
ATOM   884  N  N   . VAL A 1 126 ? 13.387  11.796  -5.803  1.00 17.63 ? 125 VAL A N   1 
ATOM   885  C  CA  . VAL A 1 126 ? 13.427  12.496  -4.528  1.00 14.86 ? 125 VAL A CA  1 
ATOM   886  C  C   . VAL A 1 126 ? 12.005  12.848  -4.031  1.00 18.34 ? 125 VAL A C   1 
ATOM   887  O  O   . VAL A 1 126 ? 11.692  12.693  -2.836  1.00 15.46 ? 125 VAL A O   1 
ATOM   888  C  CB  . VAL A 1 126 ? 14.350  13.766  -4.610  1.00 13.68 ? 125 VAL A CB  1 
ATOM   889  C  CG1 . VAL A 1 126 ? 14.296  14.541  -3.321  1.00 13.49 ? 125 VAL A CG1 1 
ATOM   890  C  CG2 . VAL A 1 126 ? 15.836  13.328  -4.938  1.00 10.16 ? 125 VAL A CG2 1 
ATOM   891  N  N   . ALA A 1 127 ? 11.165  13.356  -4.947  1.00 17.20 ? 126 ALA A N   1 
ATOM   892  C  CA  . ALA A 1 127 ? 9.807   13.751  -4.621  1.00 17.21 ? 126 ALA A CA  1 
ATOM   893  C  C   . ALA A 1 127 ? 9.061   12.529  -4.123  1.00 16.20 ? 126 ALA A C   1 
ATOM   894  O  O   . ALA A 1 127 ? 8.339   12.618  -3.158  1.00 16.79 ? 126 ALA A O   1 
ATOM   895  C  CB  . ALA A 1 127 ? 9.066   14.365  -5.872  1.00 15.96 ? 126 ALA A CB  1 
ATOM   896  N  N   . ASP A 1 128 ? 9.237   11.390  -4.782  1.00 16.25 ? 127 ASP A N   1 
ATOM   897  C  CA  . ASP A 1 128 ? 8.538   10.176  -4.366  1.00 18.34 ? 127 ASP A CA  1 
ATOM   898  C  C   . ASP A 1 128 ? 9.006   9.701   -2.958  1.00 16.54 ? 127 ASP A C   1 
ATOM   899  O  O   . ASP A 1 128 ? 8.184   9.247   -2.157  1.00 13.71 ? 127 ASP A O   1 
ATOM   900  C  CB  . ASP A 1 128 ? 8.676   9.063   -5.405  1.00 20.75 ? 127 ASP A CB  1 
ATOM   901  C  CG  . ASP A 1 128 ? 7.828   7.852   -5.053  1.00 21.93 ? 127 ASP A CG  1 
ATOM   902  O  OD1 . ASP A 1 128 ? 6.589   7.954   -5.159  1.00 35.42 ? 127 ASP A OD1 1 
ATOM   903  O  OD2 . ASP A 1 128 ? 8.433   6.841   -4.655  1.00 32.65 ? 127 ASP A OD2 1 
ATOM   904  N  N   . ARG A 1 129 ? 10.275  9.897   -2.618  1.00 13.30 ? 128 ARG A N   1 
ATOM   905  C  CA  . ARG A 1 129 ? 10.724  9.568   -1.264  1.00 17.25 ? 128 ARG A CA  1 
ATOM   906  C  C   . ARG A 1 129 ? 10.050  10.457  -0.238  1.00 19.02 ? 128 ARG A C   1 
ATOM   907  O  O   . ARG A 1 129 ? 9.686   9.986   0.818   1.00 19.19 ? 128 ARG A O   1 
ATOM   908  C  CB  . ARG A 1 129 ? 12.257  9.621   -1.133  1.00 14.54 ? 128 ARG A CB  1 
ATOM   909  C  CG  . ARG A 1 129 ? 12.874  8.373   -1.705  1.00 17.54 ? 128 ARG A CG  1 
ATOM   910  C  CD  . ARG A 1 129 ? 14.276  8.200   -1.287  1.00 23.49 ? 128 ARG A CD  1 
ATOM   911  N  NE  . ARG A 1 129 ? 15.185  9.097   -1.995  1.00 22.94 ? 128 ARG A NE  1 
ATOM   912  C  CZ  . ARG A 1 129 ? 15.875  8.759   -3.082  1.00 20.73 ? 128 ARG A CZ  1 
ATOM   913  N  NH1 . ARG A 1 129 ? 15.717  7.579   -3.648  1.00 16.46 ? 128 ARG A NH1 1 
ATOM   914  N  NH2 . ARG A 1 129 ? 16.686  9.636   -3.636  1.00 21.00 ? 128 ARG A NH2 1 
ATOM   915  N  N   . GLN A 1 130 ? 9.862   11.738  -0.562  1.00 18.55 ? 129 GLN A N   1 
ATOM   916  C  CA  . GLN A 1 130 ? 9.182   12.670  0.348   1.00 19.57 ? 129 GLN A CA  1 
ATOM   917  C  C   . GLN A 1 130 ? 7.708   12.254  0.528   1.00 19.29 ? 129 GLN A C   1 
ATOM   918  O  O   . GLN A 1 130 ? 7.178   12.260  1.636   1.00 20.53 ? 129 GLN A O   1 
ATOM   919  C  CB  . GLN A 1 130 ? 9.336   14.108  -0.145  1.00 19.03 ? 129 GLN A CB  1 
ATOM   920  C  CG  . GLN A 1 130 ? 8.486   15.126  0.636   1.00 25.24 ? 129 GLN A CG  1 
ATOM   921  C  CD  . GLN A 1 130 ? 9.083   16.530  0.683   1.00 27.76 ? 129 GLN A CD  1 
ATOM   922  O  OE1 . GLN A 1 130 ? 10.311  16.680  0.786   1.00 40.81 ? 129 GLN A OE1 1 
ATOM   923  N  NE2 . GLN A 1 130 ? 8.207   17.576  0.631   1.00 29.68 ? 129 GLN A NE2 1 
ATOM   924  N  N   . TYR A 1 131 ? 7.085   11.800  -0.546  1.00 18.30 ? 130 TYR A N   1 
ATOM   925  C  CA  . TYR A 1 131 ? 5.721   11.266  -0.492  1.00 19.35 ? 130 TYR A CA  1 
ATOM   926  C  C   . TYR A 1 131 ? 5.633   10.060  0.413   1.00 18.99 ? 130 TYR A C   1 
ATOM   927  O  O   . TYR A 1 131 ? 4.757   9.981   1.301   1.00 18.13 ? 130 TYR A O   1 
ATOM   928  C  CB  . TYR A 1 131 ? 5.227   10.923  -1.907  1.00 19.71 ? 130 TYR A CB  1 
ATOM   929  C  CG  . TYR A 1 131 ? 3.841   10.333  -1.989  1.00 18.70 ? 130 TYR A CG  1 
ATOM   930  C  CD1 . TYR A 1 131 ? 2.747   11.099  -1.724  1.00 19.12 ? 130 TYR A CD1 1 
ATOM   931  C  CD2 . TYR A 1 131 ? 3.634   9.007   -2.374  1.00 16.11 ? 130 TYR A CD2 1 
ATOM   932  C  CE1 . TYR A 1 131 ? 1.458   10.576  -1.808  1.00 19.03 ? 130 TYR A CE1 1 
ATOM   933  C  CE2 . TYR A 1 131 ? 2.375   8.475   -2.440  1.00 20.64 ? 130 TYR A CE2 1 
ATOM   934  C  CZ  . TYR A 1 131 ? 1.279   9.263   -2.143  1.00 22.43 ? 130 TYR A CZ  1 
ATOM   935  O  OH  . TYR A 1 131 ? -0.009  8.785   -2.185  1.00 24.22 ? 130 TYR A OH  1 
ATOM   936  N  N   . ARG A 1 132 ? 6.535   9.103   0.193   1.00 20.59 ? 131 ARG A N   1 
ATOM   937  C  CA  . ARG A 1 132 ? 6.496   7.842   0.913   1.00 17.92 ? 131 ARG A CA  1 
ATOM   938  C  C   . ARG A 1 132 ? 6.849   8.029   2.384   1.00 19.83 ? 131 ARG A C   1 
ATOM   939  O  O   . ARG A 1 132 ? 6.244   7.371   3.231   1.00 19.79 ? 131 ARG A O   1 
ATOM   940  C  CB  . ARG A 1 132 ? 7.367   6.800   0.221   1.00 21.26 ? 131 ARG A CB  1 
ATOM   941  C  CG  . ARG A 1 132 ? 6.779   6.300   -1.079  1.00 18.67 ? 131 ARG A CG  1 
ATOM   942  C  CD  . ARG A 1 132 ? 7.733   5.406   -1.867  1.00 19.92 ? 131 ARG A CD  1 
ATOM   943  N  NE  . ARG A 1 132 ? 7.075   5.041   -3.123  1.00 23.81 ? 131 ARG A NE  1 
ATOM   944  C  CZ  . ARG A 1 132 ? 6.336   3.949   -3.306  1.00 25.55 ? 131 ARG A CZ  1 
ATOM   945  N  NH1 . ARG A 1 132 ? 6.173   3.053   -2.335  1.00 23.34 ? 131 ARG A NH1 1 
ATOM   946  N  NH2 . ARG A 1 132 ? 5.770   3.750   -4.487  1.00 24.80 ? 131 ARG A NH2 1 
ATOM   947  N  N   . ALA A 1 133 ? 7.739   8.983   2.682   1.00 16.96 ? 132 ALA A N   1 
ATOM   948  C  CA  . ALA A 1 133 ? 8.076   9.394   4.078   1.00 18.77 ? 132 ALA A CA  1 
ATOM   949  C  C   . ALA A 1 133 ? 6.824   9.752   4.879   1.00 19.23 ? 132 ALA A C   1 
ATOM   950  O  O   . ALA A 1 133 ? 6.756   9.506   6.082   1.00 21.08 ? 132 ALA A O   1 
ATOM   951  C  CB  . ALA A 1 133 ? 9.107   10.610  4.104   1.00 16.05 ? 132 ALA A CB  1 
ATOM   952  N  N   . TYR A 1 134 ? 5.835   10.340  4.220   1.00 18.66 ? 133 TYR A N   1 
ATOM   953  C  CA  . TYR A 1 134 ? 4.596   10.710  4.910   1.00 19.08 ? 133 TYR A CA  1 
ATOM   954  C  C   . TYR A 1 134 ? 3.949   9.489   5.615   1.00 19.07 ? 133 TYR A C   1 
ATOM   955  O  O   . TYR A 1 134 ? 3.637   9.542   6.816   1.00 20.64 ? 133 TYR A O   1 
ATOM   956  C  CB  . TYR A 1 134 ? 3.585   11.386  3.966   1.00 19.53 ? 133 TYR A CB  1 
ATOM   957  C  CG  . TYR A 1 134 ? 2.238   11.560  4.615   1.00 15.39 ? 133 TYR A CG  1 
ATOM   958  C  CD1 . TYR A 1 134 ? 2.038   12.566  5.571   1.00 18.07 ? 133 TYR A CD1 1 
ATOM   959  C  CD2 . TYR A 1 134 ? 1.214   10.665  4.376   1.00 19.54 ? 133 TYR A CD2 1 
ATOM   960  C  CE1 . TYR A 1 134 ? 0.849   12.692  6.212   1.00 18.48 ? 133 TYR A CE1 1 
ATOM   961  C  CE2 . TYR A 1 134 ? 0.002   10.813  4.997   1.00 19.96 ? 133 TYR A CE2 1 
ATOM   962  C  CZ  . TYR A 1 134 ? -0.169  11.830  5.923   1.00 21.07 ? 133 TYR A CZ  1 
ATOM   963  O  OH  . TYR A 1 134 ? -1.364  11.964  6.575   1.00 19.89 ? 133 TYR A OH  1 
ATOM   964  N  N   . TYR A 1 135 ? 3.775   8.399   4.875   1.00 18.59 ? 134 TYR A N   1 
ATOM   965  C  CA  . TYR A 1 135 ? 3.121   7.208   5.410   1.00 18.64 ? 134 TYR A CA  1 
ATOM   966  C  C   . TYR A 1 135 ? 3.946   6.527   6.491   1.00 18.22 ? 134 TYR A C   1 
ATOM   967  O  O   . TYR A 1 135 ? 3.380   6.002   7.438   1.00 19.38 ? 134 TYR A O   1 
ATOM   968  C  CB  . TYR A 1 135 ? 2.798   6.227   4.303   1.00 18.78 ? 134 TYR A CB  1 
ATOM   969  C  CG  . TYR A 1 135 ? 1.854   6.741   3.231   1.00 19.94 ? 134 TYR A CG  1 
ATOM   970  C  CD1 . TYR A 1 135 ? 0.482   6.651   3.401   1.00 18.29 ? 134 TYR A CD1 1 
ATOM   971  C  CD2 . TYR A 1 135 ? 2.327   7.230   2.034   1.00 16.76 ? 134 TYR A CD2 1 
ATOM   972  C  CE1 . TYR A 1 135 ? -0.360  7.051   2.437   1.00 23.21 ? 134 TYR A CE1 1 
ATOM   973  C  CE2 . TYR A 1 135 ? 1.466   7.661   1.057   1.00 22.26 ? 134 TYR A CE2 1 
ATOM   974  C  CZ  . TYR A 1 135 ? 0.121   7.573   1.269   1.00 22.02 ? 134 TYR A CZ  1 
ATOM   975  O  OH  . TYR A 1 135 ? -0.780  7.955   0.324   1.00 18.08 ? 134 TYR A OH  1 
ATOM   976  N  N   . HIS A 1 136 ? 5.279   6.608   6.406   1.00 16.10 ? 135 HIS A N   1 
ATOM   977  C  CA  . HIS A 1 136 ? 6.121   6.014   7.440   1.00 17.29 ? 135 HIS A CA  1 
ATOM   978  C  C   . HIS A 1 136 ? 5.992   6.578   8.853   1.00 17.73 ? 135 HIS A C   1 
ATOM   979  O  O   . HIS A 1 136 ? 6.445   5.926   9.808   1.00 17.11 ? 135 HIS A O   1 
ATOM   980  C  CB  . HIS A 1 136 ? 7.604   5.984   7.006   1.00 19.54 ? 135 HIS A CB  1 
ATOM   981  C  CG  . HIS A 1 136 ? 7.891   4.906   6.022   1.00 15.71 ? 135 HIS A CG  1 
ATOM   982  N  ND1 . HIS A 1 136 ? 8.204   3.621   6.400   1.00 19.53 ? 135 HIS A ND1 1 
ATOM   983  C  CD2 . HIS A 1 136 ? 7.776   4.879   4.675   1.00 16.21 ? 135 HIS A CD2 1 
ATOM   984  C  CE1 . HIS A 1 136 ? 8.367   2.872   5.322   1.00 18.84 ? 135 HIS A CE1 1 
ATOM   985  N  NE2 . HIS A 1 136 ? 8.088   3.608   4.266   1.00 21.01 ? 135 HIS A NE2 1 
ATOM   986  N  N   . GLN A 1 137 ? 5.388   7.758   8.983   1.00 18.22 ? 136 GLN A N   1 
ATOM   987  C  CA  . GLN A 1 137 ? 5.077   8.347   10.273  1.00 19.31 ? 136 GLN A CA  1 
ATOM   988  C  C   . GLN A 1 137 ? 4.016   7.597   11.044  1.00 18.28 ? 136 GLN A C   1 
ATOM   989  O  O   . GLN A 1 137 ? 3.909   7.805   12.236  1.00 17.05 ? 136 GLN A O   1 
ATOM   990  C  CB  . GLN A 1 137 ? 4.534   9.774   10.147  1.00 18.70 ? 136 GLN A CB  1 
ATOM   991  C  CG  . GLN A 1 137 ? 5.389   10.755  9.393   1.00 21.33 ? 136 GLN A CG  1 
ATOM   992  C  CD  . GLN A 1 137 ? 4.649   12.040  9.211   1.00 25.23 ? 136 GLN A CD  1 
ATOM   993  O  OE1 . GLN A 1 137 ? 3.767   12.150  8.357   1.00 24.62 ? 136 GLN A OE1 1 
ATOM   994  N  NE2 . GLN A 1 137 ? 4.971   13.018  10.047  1.00 27.33 ? 136 GLN A NE2 1 
ATOM   995  N  N   . PHE A 1 138 ? 3.201   6.779   10.379  1.00 15.49 ? 137 PHE A N   1 
ATOM   996  C  CA  . PHE A 1 138 ? 1.998   6.216   10.996  1.00 16.35 ? 137 PHE A CA  1 
ATOM   997  C  C   . PHE A 1 138 ? 1.989   4.717   10.977  1.00 14.84 ? 137 PHE A C   1 
ATOM   998  O  O   . PHE A 1 138 ? 2.746   4.080   10.229  1.00 18.00 ? 137 PHE A O   1 
ATOM   999  C  CB  . PHE A 1 138 ? 0.723   6.673   10.270  1.00 15.79 ? 137 PHE A CB  1 
ATOM   1000 C  CG  . PHE A 1 138 ? 0.598   8.162   10.174  1.00 18.50 ? 137 PHE A CG  1 
ATOM   1001 C  CD1 . PHE A 1 138 ? 0.385   8.921   11.308  1.00 17.49 ? 137 PHE A CD1 1 
ATOM   1002 C  CD2 . PHE A 1 138 ? 0.757   8.800   8.971   1.00 15.69 ? 137 PHE A CD2 1 
ATOM   1003 C  CE1 . PHE A 1 138 ? 0.308   10.319  11.226  1.00 23.23 ? 137 PHE A CE1 1 
ATOM   1004 C  CE2 . PHE A 1 138 ? 0.705   10.176  8.895   1.00 19.78 ? 137 PHE A CE2 1 
ATOM   1005 C  CZ  . PHE A 1 138 ? 0.457   10.926  10.024  1.00 19.95 ? 137 PHE A CZ  1 
ATOM   1006 N  N   . THR A 1 139 ? 1.052   4.170   11.752  1.00 15.25 ? 138 THR A N   1 
ATOM   1007 C  CA  . THR A 1 139 ? 0.764   2.745   11.761  1.00 17.63 ? 138 THR A CA  1 
ATOM   1008 C  C   . THR A 1 139 ? -0.682  2.527   11.406  1.00 17.90 ? 138 THR A C   1 
ATOM   1009 O  O   . THR A 1 139 ? -1.461  3.457   11.322  1.00 18.88 ? 138 THR A O   1 
ATOM   1010 C  CB  . THR A 1 139 ? 1.013   2.058   13.133  1.00 15.54 ? 138 THR A CB  1 
ATOM   1011 O  OG1 . THR A 1 139 ? 0.004   2.456   14.062  1.00 19.01 ? 138 THR A OG1 1 
ATOM   1012 C  CG2 . THR A 1 139 ? 2.409   2.351   13.688  1.00 16.57 ? 138 THR A CG2 1 
HETATM 1013 N  N   . MSE A 1 140 ? -1.025  1.255   11.235  1.00 21.07 ? 139 MSE A N   1 
HETATM 1014 C  CA  . MSE A 1 140 ? -2.407  0.856   11.052  1.00 20.71 ? 139 MSE A CA  1 
HETATM 1015 C  C   . MSE A 1 140 ? -3.281  1.222   12.252  1.00 17.89 ? 139 MSE A C   1 
HETATM 1016 O  O   . MSE A 1 140 ? -4.483  1.386   12.067  1.00 15.81 ? 139 MSE A O   1 
HETATM 1017 C  CB  . MSE A 1 140 ? -2.508  -0.666  10.781  1.00 19.55 ? 139 MSE A CB  1 
HETATM 1018 C  CG  . MSE A 1 140 ? -2.204  -1.090  9.342   1.00 24.98 ? 139 MSE A CG  1 
HETATM 1019 SE SE  . MSE A 1 140 ? -3.463  -0.359  8.010   0.75 22.89 ? 139 MSE A SE  1 
HETATM 1020 C  CE  . MSE A 1 140 ? -5.154  -1.242  8.674   1.00 19.19 ? 139 MSE A CE  1 
ATOM   1021 N  N   . ALA A 1 141 ? -2.701  1.332   13.466  1.00 16.31 ? 140 ALA A N   1 
ATOM   1022 C  CA  . ALA A 1 141 ? -3.454  1.774   14.629  1.00 17.36 ? 140 ALA A CA  1 
ATOM   1023 C  C   . ALA A 1 141 ? -3.847  3.249   14.476  1.00 16.84 ? 140 ALA A C   1 
ATOM   1024 O  O   . ALA A 1 141 ? -4.910  3.637   14.877  1.00 18.80 ? 140 ALA A O   1 
ATOM   1025 C  CB  . ALA A 1 141 ? -2.632  1.555   15.949  1.00 17.06 ? 140 ALA A CB  1 
ATOM   1026 N  N   . ASP A 1 142 ? -2.960  4.073   13.917  1.00 19.36 ? 141 ASP A N   1 
ATOM   1027 C  CA  . ASP A 1 142 ? -3.303  5.471   13.574  1.00 18.75 ? 141 ASP A CA  1 
ATOM   1028 C  C   . ASP A 1 142 ? -4.430  5.491   12.550  1.00 18.88 ? 141 ASP A C   1 
ATOM   1029 O  O   . ASP A 1 142 ? -5.317  6.323   12.619  1.00 16.13 ? 141 ASP A O   1 
ATOM   1030 C  CB  . ASP A 1 142 ? -2.090  6.208   13.005  1.00 20.10 ? 141 ASP A CB  1 
ATOM   1031 C  CG  . ASP A 1 142 ? -0.940  6.311   14.004  1.00 20.93 ? 141 ASP A CG  1 
ATOM   1032 O  OD1 . ASP A 1 142 ? -1.178  6.819   15.101  1.00 23.34 ? 141 ASP A OD1 1 
ATOM   1033 O  OD2 . ASP A 1 142 ? 0.198   5.885   13.702  1.00 20.45 ? 141 ASP A OD2 1 
ATOM   1034 N  N   . LEU A 1 143 ? -4.396  4.575   11.578  1.00 20.74 ? 142 LEU A N   1 
ATOM   1035 C  CA  . LEU A 1 143 ? -5.409  4.583   10.537  1.00 18.76 ? 142 LEU A CA  1 
ATOM   1036 C  C   . LEU A 1 143 ? -6.748  4.181   11.122  1.00 17.84 ? 142 LEU A C   1 
ATOM   1037 O  O   . LEU A 1 143 ? -7.756  4.799   10.842  1.00 17.76 ? 142 LEU A O   1 
ATOM   1038 C  CB  . LEU A 1 143 ? -5.026  3.716   9.330   1.00 16.20 ? 142 LEU A CB  1 
ATOM   1039 C  CG  . LEU A 1 143 ? -5.898  3.842   8.055   1.00 21.99 ? 142 LEU A CG  1 
ATOM   1040 C  CD1 . LEU A 1 143 ? -5.064  3.567   6.807   1.00 19.37 ? 142 LEU A CD1 1 
ATOM   1041 C  CD2 . LEU A 1 143 ? -7.134  2.935   8.096   1.00 16.76 ? 142 LEU A CD2 1 
ATOM   1042 N  N   . GLN A 1 144 ? -6.749  3.164   11.950  1.00 19.90 ? 143 GLN A N   1 
ATOM   1043 C  CA  . GLN A 1 144 ? -7.953  2.781   12.680  1.00 19.49 ? 143 GLN A CA  1 
ATOM   1044 C  C   . GLN A 1 144 ? -8.491  3.872   13.591  1.00 18.88 ? 143 GLN A C   1 
ATOM   1045 O  O   . GLN A 1 144 ? -9.719  4.059   13.677  1.00 19.06 ? 143 GLN A O   1 
ATOM   1046 C  CB  . GLN A 1 144 ? -7.704  1.525   13.476  1.00 19.76 ? 143 GLN A CB  1 
ATOM   1047 C  CG  . GLN A 1 144 ? -8.963  1.042   14.192  1.00 28.27 ? 143 GLN A CG  1 
ATOM   1048 C  CD  . GLN A 1 144 ? -8.771  -0.355  14.698  1.00 28.61 ? 143 GLN A CD  1 
ATOM   1049 O  OE1 . GLN A 1 144 ? -7.984  -0.555  15.596  1.00 30.90 ? 143 GLN A OE1 1 
ATOM   1050 N  NE2 . GLN A 1 144 ? -9.451  -1.323  14.103  1.00 28.68 ? 143 GLN A NE2 1 
ATOM   1051 N  N   . ALA A 1 145 ? -7.592  4.596   14.268  1.00 16.81 ? 144 ALA A N   1 
ATOM   1052 C  CA  . ALA A 1 145 ? -7.965  5.818   15.014  1.00 17.15 ? 144 ALA A CA  1 
ATOM   1053 C  C   . ALA A 1 145 ? -8.740  6.860   14.191  1.00 17.69 ? 144 ALA A C   1 
ATOM   1054 O  O   . ALA A 1 145 ? -9.736  7.405   14.659  1.00 18.30 ? 144 ALA A O   1 
ATOM   1055 C  CB  . ALA A 1 145 ? -6.719  6.462   15.674  1.00 17.36 ? 144 ALA A CB  1 
ATOM   1056 N  N   . ASP A 1 146 ? -8.262  7.149   12.983  1.00 18.09 ? 145 ASP A N   1 
ATOM   1057 C  CA  . ASP A 1 146 ? -8.915  8.074   12.064  1.00 17.63 ? 145 ASP A CA  1 
ATOM   1058 C  C   . ASP A 1 146 ? -10.299 7.577   11.561  1.00 18.86 ? 145 ASP A C   1 
ATOM   1059 O  O   . ASP A 1 146 ? -11.244 8.342   11.437  1.00 18.25 ? 145 ASP A O   1 
ATOM   1060 C  CB  . ASP A 1 146 ? -8.040  8.350   10.829  1.00 18.69 ? 145 ASP A CB  1 
ATOM   1061 C  CG  . ASP A 1 146 ? -8.572  9.514   10.024  1.00 20.96 ? 145 ASP A CG  1 
ATOM   1062 O  OD1 . ASP A 1 146 ? -8.294  10.680  10.405  1.00 21.61 ? 145 ASP A OD1 1 
ATOM   1063 O  OD2 . ASP A 1 146 ? -9.327  9.265   9.070   1.00 20.95 ? 145 ASP A OD2 1 
ATOM   1064 N  N   . LEU A 1 147 ? -10.371 6.295   11.243  1.00 17.88 ? 146 LEU A N   1 
ATOM   1065 C  CA  . LEU A 1 147 ? -11.617 5.627   10.853  1.00 19.18 ? 146 LEU A CA  1 
ATOM   1066 C  C   . LEU A 1 147 ? -12.681 5.777   11.923  1.00 19.30 ? 146 LEU A C   1 
ATOM   1067 O  O   . LEU A 1 147 ? -13.856 5.904   11.596  1.00 18.64 ? 146 LEU A O   1 
ATOM   1068 C  CB  . LEU A 1 147 ? -11.336 4.151   10.692  1.00 19.47 ? 146 LEU A CB  1 
ATOM   1069 C  CG  . LEU A 1 147 ? -12.193 3.289   9.793   1.00 34.45 ? 146 LEU A CG  1 
ATOM   1070 C  CD1 . LEU A 1 147 ? -11.829 3.481   8.298   1.00 27.28 ? 146 LEU A CD1 1 
ATOM   1071 C  CD2 . LEU A 1 147 ? -11.981 1.841   10.270  1.00 26.21 ? 146 LEU A CD2 1 
ATOM   1072 N  N   . ASN A 1 148 ? -12.275 5.715   13.189  1.00 18.13 ? 147 ASN A N   1 
ATOM   1073 C  CA  . ASN A 1 148 ? -13.209 5.867   14.327  1.00 20.19 ? 147 ASN A CA  1 
ATOM   1074 C  C   . ASN A 1 148 ? -13.446 7.330   14.740  1.00 22.26 ? 147 ASN A C   1 
ATOM   1075 O  O   . ASN A 1 148 ? -14.545 7.678   15.154  1.00 28.00 ? 147 ASN A O   1 
ATOM   1076 C  CB  . ASN A 1 148 ? -12.703 5.095   15.559  1.00 18.72 ? 147 ASN A CB  1 
ATOM   1077 C  CG  . ASN A 1 148 ? -12.711 3.591   15.368  1.00 28.87 ? 147 ASN A CG  1 
ATOM   1078 O  OD1 . ASN A 1 148 ? -13.558 3.030   14.665  1.00 30.33 ? 147 ASN A OD1 1 
ATOM   1079 N  ND2 . ASN A 1 148 ? -11.757 2.920   16.018  1.00 31.24 ? 147 ASN A ND2 1 
ATOM   1080 N  N   . HIS A 1 149 ? -12.411 8.169   14.675  1.00 18.37 ? 148 HIS A N   1 
ATOM   1081 C  CA  . HIS A 1 149 ? -12.548 9.594   14.909  1.00 15.56 ? 148 HIS A CA  1 
ATOM   1082 C  C   . HIS A 1 149 ? -12.014 10.364  13.705  1.00 16.28 ? 148 HIS A C   1 
ATOM   1083 O  O   . HIS A 1 149 ? -10.802 10.580  13.562  1.00 17.33 ? 148 HIS A O   1 
ATOM   1084 C  CB  . HIS A 1 149 ? -11.854 10.050  16.196  1.00 11.89 ? 148 HIS A CB  1 
ATOM   1085 C  CG  . HIS A 1 149 ? -12.052 11.498  16.485  1.00 15.61 ? 148 HIS A CG  1 
ATOM   1086 N  ND1 . HIS A 1 149 ? -13.264 11.999  16.882  1.00 11.90 ? 148 HIS A ND1 1 
ATOM   1087 C  CD2 . HIS A 1 149 ? -11.220 12.564  16.379  1.00 13.69 ? 148 HIS A CD2 1 
ATOM   1088 C  CE1 . HIS A 1 149 ? -13.171 13.312  17.025  1.00 18.06 ? 148 HIS A CE1 1 
ATOM   1089 N  NE2 . HIS A 1 149 ? -11.937 13.677  16.719  1.00 16.92 ? 148 HIS A NE2 1 
ATOM   1090 N  N   . HIS A 1 150 ? -12.927 10.743  12.812  1.00 15.91 ? 149 HIS A N   1 
ATOM   1091 C  CA  . HIS A 1 150 ? -12.544 11.387  11.567  1.00 16.49 ? 149 HIS A CA  1 
ATOM   1092 C  C   . HIS A 1 150 ? -11.860 12.723  11.822  1.00 16.62 ? 149 HIS A C   1 
ATOM   1093 O  O   . HIS A 1 150 ? -12.139 13.381  12.796  1.00 17.98 ? 149 HIS A O   1 
ATOM   1094 C  CB  . HIS A 1 150 ? -13.761 11.556  10.632  1.00 14.10 ? 149 HIS A CB  1 
ATOM   1095 C  CG  . HIS A 1 150 ? -14.206 10.268  10.022  1.00 18.14 ? 149 HIS A CG  1 
ATOM   1096 N  ND1 . HIS A 1 150 ? -13.418 9.564   9.147   1.00 15.32 ? 149 HIS A ND1 1 
ATOM   1097 C  CD2 . HIS A 1 150 ? -15.313 9.516   10.219  1.00 17.73 ? 149 HIS A CD2 1 
ATOM   1098 C  CE1 . HIS A 1 150 ? -14.039 8.456   8.793   1.00 17.58 ? 149 HIS A CE1 1 
ATOM   1099 N  NE2 . HIS A 1 150 ? -15.187 8.397   9.436   1.00 16.77 ? 149 HIS A NE2 1 
ATOM   1100 N  N   . GLY A 1 151 ? -10.937 13.074  10.935  1.00 17.02 ? 150 GLY A N   1 
ATOM   1101 C  CA  . GLY A 1 151 ? -10.198 14.319  11.007  1.00 18.21 ? 150 GLY A CA  1 
ATOM   1102 C  C   . GLY A 1 151 ? -8.886  14.191  11.739  1.00 18.18 ? 150 GLY A C   1 
ATOM   1103 O  O   . GLY A 1 151 ? -8.194  15.183  11.938  1.00 17.36 ? 150 GLY A O   1 
ATOM   1104 N  N   . THR A 1 152 ? -8.538  12.978  12.161  1.00 19.64 ? 151 THR A N   1 
ATOM   1105 C  CA  . THR A 1 152 ? -7.286  12.754  12.916  1.00 21.04 ? 151 THR A CA  1 
ATOM   1106 C  C   . THR A 1 152 ? -6.037  13.010  12.044  1.00 20.32 ? 151 THR A C   1 
ATOM   1107 O  O   . THR A 1 152 ? -5.097  13.640  12.474  1.00 18.11 ? 151 THR A O   1 
ATOM   1108 C  CB  . THR A 1 152 ? -7.283  11.313  13.532  1.00 22.93 ? 151 THR A CB  1 
ATOM   1109 O  OG1 . THR A 1 152 ? -8.239  11.250  14.604  1.00 21.73 ? 151 THR A OG1 1 
ATOM   1110 C  CG2 . THR A 1 152 ? -5.920  10.917  14.056  1.00 25.42 ? 151 THR A CG2 1 
ATOM   1111 N  N   . PHE A 1 153 ? -6.035  12.538  10.805  1.00 17.58 ? 152 PHE A N   1 
ATOM   1112 C  CA  . PHE A 1 153 ? -4.934  12.849  9.887   1.00 17.91 ? 152 PHE A CA  1 
ATOM   1113 C  C   . PHE A 1 153 ? -4.874  14.317  9.548   1.00 18.20 ? 152 PHE A C   1 
ATOM   1114 O  O   . PHE A 1 153 ? -3.775  14.863  9.418   1.00 16.34 ? 152 PHE A O   1 
ATOM   1115 C  CB  . PHE A 1 153 ? -4.986  12.000  8.598   1.00 18.40 ? 152 PHE A CB  1 
ATOM   1116 C  CG  . PHE A 1 153 ? -4.658  10.574  8.827   1.00 15.84 ? 152 PHE A CG  1 
ATOM   1117 C  CD1 . PHE A 1 153 ? -3.395  10.201  9.281   1.00 13.86 ? 152 PHE A CD1 1 
ATOM   1118 C  CD2 . PHE A 1 153 ? -5.579  9.573   8.529   1.00 23.49 ? 152 PHE A CD2 1 
ATOM   1119 C  CE1 . PHE A 1 153 ? -3.093  8.862   9.517   1.00 20.34 ? 152 PHE A CE1 1 
ATOM   1120 C  CE2 . PHE A 1 153 ? -5.267  8.237   8.744   1.00 17.16 ? 152 PHE A CE2 1 
ATOM   1121 C  CZ  . PHE A 1 153 ? -4.028  7.883   9.231   1.00 23.11 ? 152 PHE A CZ  1 
ATOM   1122 N  N   . LEU A 1 154 ? -6.036  14.951  9.416   1.00 18.60 ? 153 LEU A N   1 
ATOM   1123 C  CA  . LEU A 1 154 ? -6.090  16.373  9.083   1.00 18.08 ? 153 LEU A CA  1 
ATOM   1124 C  C   . LEU A 1 154 ? -5.523  17.217  10.222  1.00 17.46 ? 153 LEU A C   1 
ATOM   1125 O  O   . LEU A 1 154 ? -4.801  18.167  9.978   1.00 19.54 ? 153 LEU A O   1 
ATOM   1126 C  CB  . LEU A 1 154 ? -7.506  16.832  8.715   1.00 18.59 ? 153 LEU A CB  1 
ATOM   1127 C  CG  . LEU A 1 154 ? -8.107  16.254  7.423   1.00 17.84 ? 153 LEU A CG  1 
ATOM   1128 C  CD1 . LEU A 1 154 ? -9.594  16.638  7.259   1.00 16.52 ? 153 LEU A CD1 1 
ATOM   1129 C  CD2 . LEU A 1 154 ? -7.250  16.653  6.174   1.00 15.91 ? 153 LEU A CD2 1 
ATOM   1130 N  N   . GLN A 1 155 ? -5.849  16.837  11.458  1.00 17.42 ? 154 GLN A N   1 
ATOM   1131 C  CA  . GLN A 1 155 ? -5.313  17.484  12.656  1.00 20.22 ? 154 GLN A CA  1 
ATOM   1132 C  C   . GLN A 1 155 ? -3.801  17.298  12.790  1.00 20.13 ? 154 GLN A C   1 
ATOM   1133 O  O   . GLN A 1 155 ? -3.092  18.254  13.068  1.00 23.21 ? 154 GLN A O   1 
ATOM   1134 C  CB  . GLN A 1 155 ? -6.047  16.996  13.900  1.00 18.36 ? 154 GLN A CB  1 
ATOM   1135 C  CG  . GLN A 1 155 ? -5.717  17.772  15.169  1.00 28.50 ? 154 GLN A CG  1 
ATOM   1136 C  CD  . GLN A 1 155 ? -5.989  19.267  15.042  1.00 32.26 ? 154 GLN A CD  1 
ATOM   1137 O  OE1 . GLN A 1 155 ? -7.142  19.693  14.893  1.00 39.97 ? 154 GLN A OE1 1 
ATOM   1138 N  NE2 . GLN A 1 155 ? -4.925  20.072  15.093  1.00 31.29 ? 154 GLN A NE2 1 
ATOM   1139 N  N   . HIS A 1 156 ? -3.301  16.097  12.546  1.00 17.80 ? 155 HIS A N   1 
ATOM   1140 C  CA  . HIS A 1 156 ? -1.840  15.849  12.509  1.00 19.86 ? 155 HIS A CA  1 
ATOM   1141 C  C   . HIS A 1 156 ? -1.129  16.797  11.504  1.00 20.31 ? 155 HIS A C   1 
ATOM   1142 O  O   . HIS A 1 156 ? -0.058  17.316  11.779  1.00 19.49 ? 155 HIS A O   1 
ATOM   1143 C  CB  . HIS A 1 156 ? -1.527  14.391  12.107  1.00 20.78 ? 155 HIS A CB  1 
ATOM   1144 C  CG  . HIS A 1 156 ? -1.808  13.346  13.160  1.00 30.64 ? 155 HIS A CG  1 
ATOM   1145 N  ND1 . HIS A 1 156 ? -1.445  13.483  14.486  1.00 26.75 ? 155 HIS A ND1 1 
ATOM   1146 C  CD2 . HIS A 1 156 ? -2.330  12.093  13.047  1.00 33.48 ? 155 HIS A CD2 1 
ATOM   1147 C  CE1 . HIS A 1 156 ? -1.767  12.382  15.146  1.00 35.52 ? 155 HIS A CE1 1 
ATOM   1148 N  NE2 . HIS A 1 156 ? -2.304  11.521  14.298  1.00 27.68 ? 155 HIS A NE2 1 
ATOM   1149 N  N   . GLU A 1 157 ? -1.717  16.998  10.313  1.00 21.83 ? 156 GLU A N   1 
ATOM   1150 C  CA  . GLU A 1 157 ? -1.173  17.945  9.338   1.00 19.84 ? 156 GLU A CA  1 
ATOM   1151 C  C   . GLU A 1 157 ? -1.145  19.380  9.907   1.00 24.95 ? 156 GLU A C   1 
ATOM   1152 O  O   . GLU A 1 157 ? -0.120  20.079  9.847   1.00 25.48 ? 156 GLU A O   1 
ATOM   1153 C  CB  . GLU A 1 157 ? -1.997  17.937  8.071   1.00 19.23 ? 156 GLU A CB  1 
ATOM   1154 C  CG  . GLU A 1 157 ? -1.396  18.745  6.938   1.00 17.27 ? 156 GLU A CG  1 
ATOM   1155 C  CD  . GLU A 1 157 ? -2.265  18.814  5.702   1.00 18.24 ? 156 GLU A CD  1 
ATOM   1156 O  OE1 . GLU A 1 157 ? -3.505  18.882  5.819   1.00 18.51 ? 156 GLU A OE1 1 
ATOM   1157 O  OE2 . GLU A 1 157 ? -1.700  18.843  4.589   1.00 24.22 ? 156 GLU A OE2 1 
ATOM   1158 N  N   . GLN A 1 158 ? -2.273  19.827  10.438  1.00 25.00 ? 157 GLN A N   1 
ATOM   1159 C  CA  . GLN A 1 158 ? -2.304  21.149  11.097  1.00 27.68 ? 157 GLN A CA  1 
ATOM   1160 C  C   . GLN A 1 158 ? -1.210  21.255  12.154  1.00 28.50 ? 157 GLN A C   1 
ATOM   1161 O  O   . GLN A 1 158 ? -0.485  22.233  12.172  1.00 30.19 ? 157 GLN A O   1 
ATOM   1162 C  CB  . GLN A 1 158 ? -3.660  21.437  11.745  1.00 26.37 ? 157 GLN A CB  1 
ATOM   1163 C  CG  . GLN A 1 158 ? -4.796  21.592  10.767  1.00 32.62 ? 157 GLN A CG  1 
ATOM   1164 C  CD  . GLN A 1 158 ? -4.485  22.607  9.679   1.00 42.36 ? 157 GLN A CD  1 
ATOM   1165 O  OE1 . GLN A 1 158 ? -4.395  23.823  9.946   1.00 35.82 ? 157 GLN A OE1 1 
ATOM   1166 N  NE2 . GLN A 1 158 ? -4.297  22.117  8.447   1.00 31.68 ? 157 GLN A NE2 1 
ATOM   1167 N  N   . ASP A 1 159 ? -1.090  20.247  13.020  1.00 30.08 ? 158 ASP A N   1 
ATOM   1168 C  CA  . ASP A 1 159 ? -0.102  20.277  14.121  1.00 33.22 ? 158 ASP A CA  1 
ATOM   1169 C  C   . ASP A 1 159 ? 1.342   20.353  13.607  1.00 36.49 ? 158 ASP A C   1 
ATOM   1170 O  O   . ASP A 1 159 ? 2.200   20.974  14.234  1.00 38.29 ? 158 ASP A O   1 
ATOM   1171 C  CB  . ASP A 1 159 ? -0.241  19.061  15.046  1.00 31.92 ? 158 ASP A CB  1 
ATOM   1172 C  CG  . ASP A 1 159 ? -1.576  19.011  15.783  1.00 33.54 ? 158 ASP A CG  1 
ATOM   1173 O  OD1 . ASP A 1 159 ? -2.306  20.026  15.853  1.00 41.63 ? 158 ASP A OD1 1 
ATOM   1174 O  OD2 . ASP A 1 159 ? -1.896  17.930  16.309  1.00 43.58 ? 158 ASP A OD2 1 
ATOM   1175 N  N   . SER A 1 160 ? 1.597   19.729  12.465  1.00 40.39 ? 159 SER A N   1 
ATOM   1176 C  CA  . SER A 1 160 ? 2.923   19.725  11.867  1.00 46.21 ? 159 SER A CA  1 
ATOM   1177 C  C   . SER A 1 160 ? 3.272   21.072  11.250  1.00 48.89 ? 159 SER A C   1 
ATOM   1178 O  O   . SER A 1 160 ? 4.398   21.533  11.400  1.00 51.04 ? 159 SER A O   1 
ATOM   1179 C  CB  . SER A 1 160 ? 3.022   18.621  10.807  1.00 47.53 ? 159 SER A CB  1 
ATOM   1180 O  OG  . SER A 1 160 ? 3.031   17.351  11.441  1.00 53.72 ? 159 SER A OG  1 
ATOM   1181 N  N   . GLU A 1 161 ? 2.295   21.684  10.572  1.00 51.79 ? 160 GLU A N   1 
ATOM   1182 C  CA  . GLU A 1 161 ? 2.478   22.925  9.800   1.00 53.49 ? 160 GLU A CA  1 
ATOM   1183 C  C   . GLU A 1 161 ? 3.224   24.037  10.577  1.00 56.60 ? 160 GLU A C   1 
ATOM   1184 O  O   . GLU A 1 161 ? 2.624   24.862  11.286  1.00 57.97 ? 160 GLU A O   1 
ATOM   1185 C  CB  . GLU A 1 161 ? 1.118   23.428  9.293   1.00 52.42 ? 160 GLU A CB  1 
HETATM 1186 S  S   . DMS B 2 .   ? -6.729  -19.554 1.834   1.00 35.50 ? 162 DMS A S   1 
HETATM 1187 O  O   . DMS B 2 .   ? -8.506  -19.335 2.037   1.00 39.85 ? 162 DMS A O   1 
HETATM 1188 C  C1  . DMS B 2 .   ? -6.198  -18.674 0.347   1.00 27.86 ? 162 DMS A C1  1 
HETATM 1189 C  C2  . DMS B 2 .   ? -6.002  -18.642 3.239   1.00 27.31 ? 162 DMS A C2  1 
HETATM 1190 S  S   . DMS C 2 .   ? -2.445  6.345   -3.449  1.00 34.77 ? 163 DMS A S   1 
HETATM 1191 O  O   . DMS C 2 .   ? -0.922  6.351   -4.388  1.00 38.93 ? 163 DMS A O   1 
HETATM 1192 C  C1  . DMS C 2 .   ? -3.522  7.734   -3.843  1.00 27.93 ? 163 DMS A C1  1 
HETATM 1193 C  C2  . DMS C 2 .   ? -3.496  4.992   -4.077  1.00 32.54 ? 163 DMS A C2  1 
HETATM 1194 O  O   . HOH D 3 .   ? 5.675   -2.510  9.696   1.00 19.11 ? 164 HOH A O   1 
HETATM 1195 O  O   . HOH D 3 .   ? 13.088  13.077  -0.532  1.00 17.46 ? 165 HOH A O   1 
HETATM 1196 O  O   . HOH D 3 .   ? -16.265 7.228   12.895  1.00 30.96 ? 166 HOH A O   1 
HETATM 1197 O  O   . HOH D 3 .   ? -9.123  -12.547 11.583  1.00 19.36 ? 167 HOH A O   1 
HETATM 1198 O  O   . HOH D 3 .   ? 19.584  12.094  -19.243 1.00 25.35 ? 168 HOH A O   1 
HETATM 1199 O  O   . HOH D 3 .   ? -9.784  17.896  15.015  1.00 53.56 ? 169 HOH A O   1 
HETATM 1200 O  O   . HOH D 3 .   ? -9.199  -24.551 8.306   1.00 40.85 ? 170 HOH A O   1 
HETATM 1201 O  O   . HOH D 3 .   ? 5.877   14.440  -16.645 1.00 16.48 ? 171 HOH A O   1 
HETATM 1202 O  O   . HOH D 3 .   ? -11.291 -20.906 2.044   1.00 45.06 ? 172 HOH A O   1 
HETATM 1203 O  O   . HOH D 3 .   ? -5.159  19.670  7.613   1.00 23.91 ? 173 HOH A O   1 
HETATM 1204 O  O   . HOH D 3 .   ? -5.628  -11.886 17.769  1.00 27.50 ? 174 HOH A O   1 
HETATM 1205 O  O   . HOH D 3 .   ? 1.136   -5.401  -5.119  1.00 42.55 ? 175 HOH A O   1 
HETATM 1206 O  O   . HOH D 3 .   ? 8.711   10.025  -24.316 1.00 41.88 ? 176 HOH A O   1 
HETATM 1207 O  O   . HOH D 3 .   ? 20.131  15.354  -8.991  1.00 17.53 ? 177 HOH A O   1 
HETATM 1208 O  O   . HOH D 3 .   ? 7.527   11.270  -8.346  1.00 17.35 ? 178 HOH A O   1 
HETATM 1209 O  O   . HOH D 3 .   ? 10.524  6.576   -7.262  1.00 28.59 ? 179 HOH A O   1 
HETATM 1210 O  O   . HOH D 3 .   ? -9.235  17.737  11.922  1.00 34.30 ? 180 HOH A O   1 
HETATM 1211 O  O   . HOH D 3 .   ? 17.717  8.555   -17.154 1.00 37.10 ? 181 HOH A O   1 
HETATM 1212 O  O   . HOH D 3 .   ? -15.663 -16.029 8.624   1.00 22.17 ? 182 HOH A O   1 
HETATM 1213 O  O   . HOH D 3 .   ? 5.848   -4.874  4.503   1.00 18.82 ? 183 HOH A O   1 
HETATM 1214 O  O   . HOH D 3 .   ? -11.088 11.139  8.472   1.00 20.00 ? 184 HOH A O   1 
HETATM 1215 O  O   A HOH D 3 .   ? -11.177 16.416  16.291  0.50 28.00 ? 185 HOH A O   1 
HETATM 1216 O  O   B HOH D 3 .   ? -11.017 15.677  14.352  0.50 17.37 ? 185 HOH A O   1 
HETATM 1217 O  O   . HOH D 3 .   ? 14.357  6.138   -9.885  1.00 29.57 ? 186 HOH A O   1 
HETATM 1218 O  O   . HOH D 3 .   ? -5.561  -18.836 8.837   1.00 20.48 ? 187 HOH A O   1 
HETATM 1219 O  O   . HOH D 3 .   ? -15.908 -19.374 1.205   1.00 40.85 ? 188 HOH A O   1 
HETATM 1220 O  O   . HOH D 3 .   ? 22.158  11.941  -11.002 1.00 32.35 ? 189 HOH A O   1 
HETATM 1221 O  O   . HOH D 3 .   ? -4.956  -8.296  -5.825  1.00 37.25 ? 190 HOH A O   1 
HETATM 1222 O  O   . HOH D 3 .   ? -15.345 -16.907 5.046   1.00 19.70 ? 191 HOH A O   1 
HETATM 1223 O  O   . HOH D 3 .   ? 0.894   -13.533 10.675  1.00 32.52 ? 192 HOH A O   1 
HETATM 1224 O  O   . HOH D 3 .   ? 9.182   2.925   8.849   1.00 23.97 ? 193 HOH A O   1 
HETATM 1225 O  O   . HOH D 3 .   ? -10.180 -5.373  17.728  1.00 43.36 ? 194 HOH A O   1 
HETATM 1226 O  O   . HOH D 3 .   ? -3.687  2.277   -10.458 1.00 36.32 ? 195 HOH A O   1 
HETATM 1227 O  O   . HOH D 3 .   ? -1.548  -12.130 11.621  1.00 23.41 ? 196 HOH A O   1 
HETATM 1228 O  O   . HOH D 3 .   ? 13.527  5.260   -3.965  1.00 29.48 ? 197 HOH A O   1 
HETATM 1229 O  O   . HOH D 3 .   ? 13.873  7.041   -15.352 1.00 28.03 ? 198 HOH A O   1 
HETATM 1230 O  O   . HOH D 3 .   ? -2.840  -7.088  -7.194  1.00 34.23 ? 199 HOH A O   1 
HETATM 1231 O  O   . HOH D 3 .   ? 22.256  12.543  -18.400 1.00 34.93 ? 200 HOH A O   1 
HETATM 1232 O  O   . HOH D 3 .   ? 15.450  4.688   -7.598  1.00 32.79 ? 201 HOH A O   1 
HETATM 1233 O  O   . HOH D 3 .   ? 18.756  9.528   -12.403 1.00 25.69 ? 202 HOH A O   1 
HETATM 1234 O  O   . HOH D 3 .   ? 7.643   5.205   -6.940  1.00 34.54 ? 203 HOH A O   1 
HETATM 1235 O  O   . HOH D 3 .   ? 8.200   4.492   -16.740 1.00 34.99 ? 204 HOH A O   1 
HETATM 1236 O  O   . HOH D 3 .   ? -8.941  -22.299 1.321   1.00 26.00 ? 205 HOH A O   1 
HETATM 1237 O  O   . HOH D 3 .   ? -0.620  -19.449 7.699   1.00 26.91 ? 206 HOH A O   1 
HETATM 1238 O  O   . HOH D 3 .   ? 8.755   9.389   7.850   1.00 19.04 ? 207 HOH A O   1 
HETATM 1239 O  O   . HOH D 3 .   ? -11.898 -9.132  16.395  1.00 21.16 ? 208 HOH A O   1 
HETATM 1240 O  O   . HOH D 3 .   ? 13.672  8.471   -29.734 1.00 58.12 ? 209 HOH A O   1 
HETATM 1241 O  O   . HOH D 3 .   ? 17.708  9.177   -8.705  1.00 28.48 ? 210 HOH A O   1 
HETATM 1242 O  O   . HOH D 3 .   ? -3.420  9.151   15.017  1.00 34.50 ? 211 HOH A O   1 
HETATM 1243 O  O   . HOH D 3 .   ? -11.433 -3.587  12.515  1.00 34.76 ? 212 HOH A O   1 
HETATM 1244 O  O   . HOH D 3 .   ? -2.417  -16.883 0.842   1.00 22.12 ? 213 HOH A O   1 
HETATM 1245 O  O   . HOH D 3 .   ? -6.819  -13.926 15.767  1.00 22.75 ? 214 HOH A O   1 
HETATM 1246 O  O   . HOH D 3 .   ? 6.087   8.874   -8.060  1.00 35.73 ? 215 HOH A O   1 
HETATM 1247 O  O   . HOH D 3 .   ? -5.389  -22.841 11.848  1.00 45.22 ? 216 HOH A O   1 
HETATM 1248 O  O   . HOH D 3 .   ? -17.598 -12.568 -2.793  1.00 33.28 ? 217 HOH A O   1 
HETATM 1249 O  O   . HOH D 3 .   ? -13.677 -19.477 11.172  1.00 33.61 ? 218 HOH A O   1 
HETATM 1250 O  O   . HOH D 3 .   ? -13.300 -18.015 -1.055  1.00 35.62 ? 219 HOH A O   1 
HETATM 1251 O  O   . HOH D 3 .   ? -0.632  15.745  15.957  1.00 49.19 ? 220 HOH A O   1 
HETATM 1252 O  O   . HOH D 3 .   ? 18.123  8.487   -6.195  1.00 25.47 ? 221 HOH A O   1 
HETATM 1253 O  O   . HOH D 3 .   ? 5.352   4.657   2.090   1.00 25.13 ? 222 HOH A O   1 
HETATM 1254 O  O   . HOH D 3 .   ? 4.906   -0.172  13.706  1.00 37.42 ? 223 HOH A O   1 
HETATM 1255 O  O   . HOH D 3 .   ? -18.393 -9.704  3.998   1.00 28.01 ? 224 HOH A O   1 
HETATM 1256 O  O   . HOH D 3 .   ? -14.480 -20.015 6.654   1.00 56.64 ? 225 HOH A O   1 
HETATM 1257 O  O   . HOH D 3 .   ? 19.912  9.394   -18.603 1.00 37.77 ? 226 HOH A O   1 
HETATM 1258 O  O   . HOH D 3 .   ? 17.827  6.961   -10.249 1.00 41.46 ? 227 HOH A O   1 
HETATM 1259 O  O   . HOH D 3 .   ? 3.903   15.082  7.445   1.00 31.91 ? 228 HOH A O   1 
HETATM 1260 O  O   . HOH D 3 .   ? 2.212   -13.416 -4.141  1.00 49.73 ? 229 HOH A O   1 
HETATM 1261 O  O   . HOH D 3 .   ? -5.335  22.756  14.062  1.00 55.05 ? 230 HOH A O   1 
HETATM 1262 O  O   . HOH D 3 .   ? 25.303  11.980  -16.040 1.00 42.87 ? 231 HOH A O   1 
HETATM 1263 O  O   . HOH D 3 .   ? 8.794   1.614   -14.039 1.00 51.26 ? 232 HOH A O   1 
HETATM 1264 O  O   . HOH D 3 .   ? 8.676   8.432   10.431  1.00 32.66 ? 233 HOH A O   1 
HETATM 1265 O  O   . HOH D 3 .   ? 0.890   3.209   16.436  1.00 31.56 ? 234 HOH A O   1 
HETATM 1266 O  O   . HOH D 3 .   ? 1.048   -13.985 16.604  1.00 38.10 ? 235 HOH A O   1 
HETATM 1267 O  O   . HOH D 3 .   ? 15.988  5.077   -13.965 1.00 48.57 ? 236 HOH A O   1 
HETATM 1268 O  O   . HOH D 3 .   ? 2.132   5.996   -5.741  1.00 36.60 ? 237 HOH A O   1 
HETATM 1269 O  O   . HOH D 3 .   ? -7.880  10.291  17.135  1.00 29.42 ? 238 HOH A O   1 
HETATM 1270 O  O   . HOH D 3 .   ? 2.107   19.366  7.835   1.00 48.25 ? 239 HOH A O   1 
HETATM 1271 O  O   . HOH D 3 .   ? -14.444 14.108  13.812  1.00 29.96 ? 240 HOH A O   1 
HETATM 1272 O  O   . HOH D 3 .   ? -7.866  -21.224 -1.233  1.00 37.42 ? 241 HOH A O   1 
HETATM 1273 O  O   . HOH D 3 .   ? -4.736  14.114  15.602  1.00 33.90 ? 242 HOH A O   1 
HETATM 1274 O  O   . HOH D 3 .   ? 17.185  5.982   -5.802  1.00 27.05 ? 243 HOH A O   1 
HETATM 1275 O  O   . HOH D 3 .   ? 9.352   -10.931 4.041   1.00 45.47 ? 244 HOH A O   1 
HETATM 1276 O  O   . HOH D 3 .   ? 3.028   -2.811  19.425  1.00 35.37 ? 245 HOH A O   1 
HETATM 1277 O  O   . HOH D 3 .   ? 9.646   0.407   2.804   1.00 33.23 ? 246 HOH A O   1 
HETATM 1278 O  O   . HOH D 3 .   ? -7.410  14.430  16.441  1.00 41.03 ? 247 HOH A O   1 
HETATM 1279 O  O   . HOH D 3 .   ? 8.075   -10.888 6.271   1.00 50.28 ? 248 HOH A O   1 
HETATM 1280 O  O   . HOH D 3 .   ? -0.782  2.855   18.810  1.00 34.56 ? 249 HOH A O   1 
HETATM 1281 O  O   . HOH D 3 .   ? 10.828  0.395   6.856   1.00 38.76 ? 250 HOH A O   1 
HETATM 1282 O  O   . HOH D 3 .   ? -5.499  -14.994 -1.892  1.00 38.20 ? 251 HOH A O   1 
HETATM 1283 O  O   . HOH D 3 .   ? 24.433  13.766  -19.863 1.00 44.12 ? 252 HOH A O   1 
HETATM 1284 O  O   . HOH D 3 .   ? 15.147  12.223  -22.623 1.00 39.37 ? 253 HOH A O   1 
HETATM 1285 O  O   . HOH D 3 .   ? -7.234  -4.237  -6.866  1.00 44.64 ? 254 HOH A O   1 
HETATM 1286 O  O   . HOH D 3 .   ? -4.108  -17.388 13.093  1.00 48.17 ? 255 HOH A O   1 
HETATM 1287 O  O   . HOH D 3 .   ? 21.544  9.186   -10.115 1.00 49.88 ? 256 HOH A O   1 
HETATM 1288 O  O   . HOH D 3 .   ? 8.056   -2.923  -2.138  1.00 40.80 ? 257 HOH A O   1 
HETATM 1289 O  O   . HOH D 3 .   ? 22.933  11.464  -22.275 1.00 53.80 ? 258 HOH A O   1 
HETATM 1290 O  O   . HOH D 3 .   ? -16.596 -17.590 12.422  1.00 43.22 ? 259 HOH A O   1 
HETATM 1291 O  O   . HOH D 3 .   ? 16.905  2.417   -8.541  1.00 50.33 ? 260 HOH A O   1 
HETATM 1292 O  O   . HOH D 3 .   ? 2.050   -15.868 8.085   1.00 49.53 ? 261 HOH A O   1 
HETATM 1293 O  O   . HOH D 3 .   ? -6.336  1.832   16.981  1.00 46.50 ? 262 HOH A O   1 
HETATM 1294 O  O   . HOH D 3 .   ? -7.426  20.724  7.466   1.00 40.53 ? 263 HOH A O   1 
HETATM 1295 O  O   . HOH D 3 .   ? -2.806  -19.405 2.145   1.00 20.31 ? 264 HOH A O   1 
HETATM 1296 O  O   . HOH D 3 .   ? -0.739  -20.449 1.212   1.00 19.82 ? 265 HOH A O   1 
HETATM 1297 O  O   . HOH D 3 .   ? 1.108   -19.056 -0.239  1.00 31.88 ? 266 HOH A O   1 
HETATM 1298 O  O   . HOH D 3 .   ? 2.604   -20.309 -2.521  1.00 36.50 ? 267 HOH A O   1 
HETATM 1299 O  O   . HOH D 3 .   ? 4.726   -21.686 -1.733  1.00 35.85 ? 268 HOH A O   1 
HETATM 1300 O  O   . HOH D 3 .   ? -1.474  13.637  8.683   1.00 14.72 ? 269 HOH A O   1 
HETATM 1301 O  O   . HOH D 3 .   ? 0.645   14.896  8.874   1.00 29.36 ? 270 HOH A O   1 
HETATM 1302 O  O   . HOH D 3 .   ? 2.422   14.478  10.907  1.00 39.56 ? 271 HOH A O   1 
HETATM 1303 O  O   . HOH D 3 .   ? 1.758   16.551  6.676   1.00 25.03 ? 272 HOH A O   1 
HETATM 1304 O  O   . HOH D 3 .   ? 9.130   20.091  1.055   1.00 21.78 ? 273 HOH A O   1 
HETATM 1305 O  O   . HOH D 3 .   ? -7.746  19.913  11.351  1.00 42.91 ? 274 HOH A O   1 
HETATM 1306 O  O   . HOH D 3 .   ? 18.879  8.447   -14.654 1.00 35.41 ? 275 HOH A O   1 
HETATM 1307 O  O   . HOH D 3 .   ? 17.195  8.939   -22.298 1.00 44.19 ? 276 HOH A O   1 
HETATM 1308 O  O   . HOH D 3 .   ? -2.670  -2.396  17.660  1.00 16.92 ? 277 HOH A O   1 
HETATM 1309 O  O   . HOH D 3 .   ? 9.108   0.406   9.848   1.00 27.50 ? 278 HOH A O   1 
HETATM 1310 O  O   . HOH D 3 .   ? -7.998  12.568  18.253  1.00 42.01 ? 279 HOH A O   1 
HETATM 1311 O  O   . HOH D 3 .   ? 12.300  12.380  1.869   1.00 37.37 ? 280 HOH A O   1 
HETATM 1312 O  O   . HOH D 3 .   ? 8.533   -3.520  0.536   1.00 36.12 ? 281 HOH A O   1 
HETATM 1313 O  O   . HOH D 3 .   ? 12.717  8.716   -26.916 1.00 40.08 ? 282 HOH A O   1 
HETATM 1314 O  O   . HOH D 3 .   ? -4.299  -4.138  17.053  1.00 25.92 ? 283 HOH A O   1 
HETATM 1315 O  O   . HOH D 3 .   ? 9.198   -10.463 -1.620  1.00 51.82 ? 284 HOH A O   1 
HETATM 1316 O  O   . HOH D 3 .   ? 3.370   -2.705  7.836   1.00 17.11 ? 285 HOH A O   1 
HETATM 1317 O  O   . HOH D 3 .   ? 11.969  8.657   -21.814 1.00 34.22 ? 286 HOH A O   1 
HETATM 1318 O  O   . HOH D 3 .   ? -15.765 10.318  13.296  1.00 23.10 ? 287 HOH A O   1 
HETATM 1319 O  O   . HOH D 3 .   ? 10.921  7.913   1.865   1.00 19.31 ? 288 HOH A O   1 
HETATM 1320 O  O   . HOH D 3 .   ? 5.960   1.964   12.977  1.00 21.29 ? 289 HOH A O   1 
HETATM 1321 O  O   . HOH D 3 .   ? -9.635  7.584   17.421  1.00 28.86 ? 290 HOH A O   1 
HETATM 1322 O  O   . HOH D 3 .   ? 7.270   -3.051  2.872   1.00 25.84 ? 291 HOH A O   1 
HETATM 1323 O  O   . HOH D 3 .   ? 13.852  7.999   -18.834 1.00 37.90 ? 292 HOH A O   1 
HETATM 1324 O  O   . HOH D 3 .   ? 10.265  6.580   4.107   1.00 31.23 ? 293 HOH A O   1 
HETATM 1325 O  O   . HOH D 3 .   ? 17.679  12.658  -21.588 1.00 30.76 ? 294 HOH A O   1 
HETATM 1326 O  O   . HOH D 3 .   ? 11.755  7.212   -4.956  1.00 28.07 ? 295 HOH A O   1 
HETATM 1327 O  O   . HOH D 3 .   ? -6.776  -4.197  16.923  1.00 26.44 ? 296 HOH A O   1 
HETATM 1328 O  O   . HOH D 3 .   ? 3.391   1.553   17.267  1.00 32.54 ? 297 HOH A O   1 
HETATM 1329 O  O   . HOH D 3 .   ? -5.770  -10.321 -7.308  1.00 37.15 ? 298 HOH A O   1 
HETATM 1330 O  O   . HOH D 3 .   ? -9.899  -17.761 0.481   1.00 37.00 ? 299 HOH A O   1 
HETATM 1331 O  O   . HOH D 3 .   ? 10.211  0.917   -11.851 1.00 63.93 ? 300 HOH A O   1 
HETATM 1332 O  O   . HOH D 3 .   ? -18.998 -8.719  7.822   1.00 36.10 ? 301 HOH A O   1 
HETATM 1333 O  O   . HOH D 3 .   ? 2.237   -18.434 -4.669  1.00 41.90 ? 302 HOH A O   1 
HETATM 1334 O  O   . HOH D 3 .   ? 7.469   8.636   -22.749 1.00 40.04 ? 303 HOH A O   1 
HETATM 1335 O  O   . HOH D 3 .   ? 11.863  3.969   4.775   1.00 38.48 ? 304 HOH A O   1 
HETATM 1336 O  O   . HOH D 3 .   ? -9.100  -26.182 6.333   1.00 37.82 ? 305 HOH A O   1 
HETATM 1337 O  O   . HOH D 3 .   ? -17.217 12.470  11.642  1.00 40.58 ? 306 HOH A O   1 
HETATM 1338 O  O   . HOH D 3 .   ? 13.242  3.951   -6.290  1.00 41.35 ? 307 HOH A O   1 
HETATM 1339 O  O   . HOH D 3 .   ? -10.182 -19.265 -1.880  1.00 35.67 ? 308 HOH A O   1 
HETATM 1340 O  O   . HOH D 3 .   ? -18.964 -6.859  5.293   1.00 42.09 ? 309 HOH A O   1 
HETATM 1341 O  O   . HOH D 3 .   ? 7.326   -5.196  -3.070  1.00 45.81 ? 310 HOH A O   1 
HETATM 1342 O  O   . HOH D 3 .   ? 6.349   -8.629  -2.772  1.00 34.69 ? 311 HOH A O   1 
HETATM 1343 O  O   . HOH D 3 .   ? 8.839   -8.336  -2.162  1.00 43.00 ? 312 HOH A O   1 
HETATM 1344 O  O   . HOH D 3 .   ? -18.818 7.644   12.408  1.00 37.64 ? 313 HOH A O   1 
HETATM 1345 O  O   . HOH D 3 .   ? -15.885 -20.542 3.558   1.00 40.46 ? 314 HOH A O   1 
HETATM 1346 O  O   . HOH D 3 .   ? -16.235 -12.732 14.607  1.00 33.48 ? 315 HOH A O   1 
HETATM 1347 O  O   A HOH D 3 .   ? 25.649  12.047  -13.432 0.50 25.52 ? 316 HOH A O   1 
HETATM 1348 O  O   B HOH D 3 .   ? 26.434  12.832  -11.739 0.50 26.28 ? 316 HOH A O   1 
HETATM 1349 O  O   . HOH D 3 .   ? 24.595  12.587  -9.974  1.00 39.50 ? 317 HOH A O   1 
HETATM 1350 O  O   . HOH D 3 .   ? -0.387  -17.193 -0.517  1.00 55.06 ? 318 HOH A O   1 
HETATM 1351 O  O   A HOH D 3 .   ? 9.946   4.079   1.047   0.50 16.88 ? 319 HOH A O   1 
HETATM 1352 O  O   B HOH D 3 .   ? 10.981  5.829   0.218   0.50 13.60 ? 319 HOH A O   1 
HETATM 1353 O  O   . HOH D 3 .   ? 3.164   4.113   17.377  1.00 44.66 ? 320 HOH A O   1 
HETATM 1354 O  O   . HOH D 3 .   ? 10.708  8.115   6.456   1.00 34.26 ? 321 HOH A O   1 
# 
